data_5TBJ
#
_entry.id   5TBJ
#
_cell.length_a   74.844
_cell.length_b   99.200
_cell.length_c   207.260
_cell.angle_alpha   90.00
_cell.angle_beta   90.00
_cell.angle_gamma   90.00
#
_symmetry.space_group_name_H-M   'P 21 21 2'
#
loop_
_entity.id
_entity.type
_entity.pdbx_description
1 polymer 'Histone-arginine methyltransferase CARM1'
2 non-polymer 2-[(2~{R},3~{S},4~{R},5~{R})-5-(6-aminopurin-9-yl)-3,4-bis(oxidanyl)oxolan-2-yl]ethyl-[[4-azanyl-1-(methoxymethyl)-2-oxidanylidene-pyrimidin-5-yl]methyl]azanium
3 non-polymer DI(HYDROXYETHYL)ETHER
4 non-polymer 1,2-ETHANEDIOL
5 non-polymer 1,2-DIMETHOXYETHANE
6 non-polymer 1-(2-METHOXY-ETHOXY)-2-{2-[2-(2-METHOXY-ETHOXY]-ETHOXY}-ETHANE
7 water water
#
_entity_poly.entity_id   1
_entity_poly.type   'polypeptide(L)'
_entity_poly.pdbx_seq_one_letter_code
;GHMGHTLERSVFSERTEESSAVQYFQFYGYLSQQQNMMQDYVRTGTYQRAILQNHTDFKDKIVLDVGCGSGILSFFAAQA
GARKIYAVEASTMAQHAEVLVKSNNLTDRIVVIPGKVEEVSLPEQVDIIISEPMGYMLFNERMLESYLHAKKYLKPSGNM
FPTIGDVHLAPFTDEQLYMEQFTKANFWYQPSFHGVDLSALRGAAVDEYFRQPVVDTFDIRILMAKSVKYTVNFLEAKEG
DLHRIEIPFKFHMLHSGLVHGLAFWFDVAFIGSIMTVWLSTAPTEPLTHWYQVRCLFQSPLFAKAGDTLSGTCLLIANKR
QSYDISIVAQVDQTGSKSSNLLDLKNPFFRYTGTTPSPPPG
;
_entity_poly.pdbx_strand_id   A,B,C,D
#
loop_
_chem_comp.id
_chem_comp.type
_chem_comp.name
_chem_comp.formula
DXE non-polymer 1,2-DIMETHOXYETHANE 'C4 H10 O2'
EDO non-polymer 1,2-ETHANEDIOL 'C2 H6 O2'
LHD non-polymer 2-[(2~{R},3~{S},4~{R},5~{R})-5-(6-aminopurin-9-yl)-3,4-bis(oxidanyl)oxolan-2-yl]ethyl-[[4-azanyl-1-(methoxymethyl)-2-oxidanylidene-pyrimidin-5-yl]methyl]azanium 'C18 H26 N9 O5 1'
PEG non-polymer DI(HYDROXYETHYL)ETHER 'C4 H10 O3'
PG6 non-polymer 1-(2-METHOXY-ETHOXY)-2-{2-[2-(2-METHOXY-ETHOXY]-ETHOXY}-ETHANE 'C12 H26 O6'
#
# COMPACT_ATOMS: atom_id res chain seq x y z
N SER A 10 -8.62 -43.41 -15.00
CA SER A 10 -7.23 -42.99 -14.98
C SER A 10 -6.53 -43.48 -13.72
N VAL A 11 -5.21 -43.59 -13.79
CA VAL A 11 -4.41 -44.04 -12.65
C VAL A 11 -4.66 -43.14 -11.46
N PHE A 12 -4.74 -41.83 -11.69
CA PHE A 12 -4.93 -40.88 -10.60
C PHE A 12 -6.26 -41.11 -9.88
N SER A 13 -7.34 -41.16 -10.64
CA SER A 13 -8.68 -41.26 -10.06
C SER A 13 -8.90 -42.55 -9.29
N GLU A 14 -8.30 -43.65 -9.75
CA GLU A 14 -8.49 -44.93 -9.09
C GLU A 14 -7.79 -45.00 -7.74
N ARG A 15 -6.73 -44.21 -7.56
CA ARG A 15 -5.99 -44.24 -6.29
C ARG A 15 -6.36 -43.05 -5.40
N THR A 16 -7.33 -42.26 -5.83
CA THR A 16 -7.69 -41.03 -5.12
C THR A 16 -9.20 -40.89 -4.92
N GLU A 17 -9.61 -40.66 -3.68
CA GLU A 17 -10.99 -40.32 -3.38
C GLU A 17 -11.33 -38.97 -4.02
N GLU A 18 -12.48 -38.88 -4.65
CA GLU A 18 -12.92 -37.66 -5.32
C GLU A 18 -12.83 -36.47 -4.37
N SER A 19 -13.40 -36.65 -3.19
CA SER A 19 -13.48 -35.61 -2.18
C SER A 19 -12.12 -35.03 -1.84
N SER A 20 -11.11 -35.89 -1.79
CA SER A 20 -9.75 -35.47 -1.46
C SER A 20 -9.13 -34.64 -2.58
N ALA A 21 -9.31 -35.11 -3.81
CA ALA A 21 -8.74 -34.44 -4.97
C ALA A 21 -9.35 -33.06 -5.16
N VAL A 22 -10.66 -32.94 -4.98
CA VAL A 22 -11.31 -31.63 -5.10
C VAL A 22 -10.64 -30.62 -4.16
N GLN A 23 -10.60 -30.96 -2.88
CA GLN A 23 -9.98 -30.10 -1.88
C GLN A 23 -8.53 -29.82 -2.26
N TYR A 24 -7.86 -30.87 -2.71
CA TYR A 24 -6.45 -30.79 -3.02
C TYR A 24 -6.18 -29.74 -4.09
N PHE A 25 -6.88 -29.81 -5.21
CA PHE A 25 -6.61 -28.88 -6.30
C PHE A 25 -7.25 -27.52 -6.06
N GLN A 26 -8.29 -27.46 -5.22
CA GLN A 26 -8.79 -26.17 -4.79
C GLN A 26 -7.73 -25.43 -3.97
N PHE A 27 -7.02 -26.16 -3.11
CA PHE A 27 -5.94 -25.57 -2.34
C PHE A 27 -4.90 -24.91 -3.24
N TYR A 28 -4.55 -25.58 -4.34
CA TYR A 28 -3.48 -25.11 -5.22
C TYR A 28 -3.97 -24.12 -6.30
N GLY A 29 -5.24 -23.74 -6.22
CA GLY A 29 -5.80 -22.80 -7.17
C GLY A 29 -5.65 -21.36 -6.75
N TYR A 30 -5.15 -21.14 -5.52
CA TYR A 30 -4.98 -19.79 -4.98
C TYR A 30 -3.61 -19.23 -5.30
N LEU A 31 -3.60 -17.97 -5.76
CA LEU A 31 -2.34 -17.30 -6.05
C LEU A 31 -1.53 -17.07 -4.78
N SER A 32 -2.21 -16.83 -3.67
CA SER A 32 -1.53 -16.64 -2.39
C SER A 32 -0.74 -17.90 -2.04
N GLN A 33 -1.30 -19.05 -2.41
CA GLN A 33 -0.61 -20.33 -2.24
C GLN A 33 0.68 -20.41 -3.08
N GLN A 34 0.58 -20.05 -4.35
CA GLN A 34 1.76 -20.01 -5.21
C GLN A 34 2.78 -19.05 -4.62
N GLN A 35 2.30 -17.86 -4.26
CA GLN A 35 3.11 -16.82 -3.68
C GLN A 35 3.83 -17.35 -2.44
N ASN A 36 3.11 -18.10 -1.61
CA ASN A 36 3.70 -18.63 -0.39
C ASN A 36 4.97 -19.42 -0.64
N MET A 37 4.96 -20.26 -1.66
CA MET A 37 6.14 -21.06 -1.99
C MET A 37 7.16 -20.29 -2.79
N MET A 38 6.69 -19.41 -3.68
CA MET A 38 7.60 -18.61 -4.48
C MET A 38 8.47 -17.74 -3.58
N GLN A 39 7.89 -17.29 -2.47
CA GLN A 39 8.58 -16.41 -1.53
C GLN A 39 9.54 -17.18 -0.61
N ASP A 40 9.47 -18.51 -0.66
CA ASP A 40 10.45 -19.35 0.02
C ASP A 40 11.72 -19.34 -0.84
N TYR A 41 12.65 -18.46 -0.48
CA TYR A 41 13.80 -18.21 -1.35
C TYR A 41 14.74 -19.38 -1.55
N VAL A 42 14.98 -20.18 -0.52
CA VAL A 42 15.90 -21.30 -0.67
C VAL A 42 15.32 -22.26 -1.71
N ARG A 43 14.03 -22.53 -1.59
CA ARG A 43 13.33 -23.42 -2.52
C ARG A 43 13.46 -22.91 -3.96
N THR A 44 12.98 -21.69 -4.18
CA THR A 44 12.91 -21.11 -5.53
C THR A 44 14.30 -20.86 -6.11
N GLY A 45 15.17 -20.30 -5.26
CA GLY A 45 16.53 -19.98 -5.64
C GLY A 45 17.31 -21.23 -5.96
N THR A 46 17.15 -22.26 -5.14
CA THR A 46 17.86 -23.50 -5.39
C THR A 46 17.37 -24.14 -6.67
N TYR A 47 16.06 -24.15 -6.91
CA TYR A 47 15.57 -24.68 -8.18
C TYR A 47 16.16 -23.93 -9.37
N GLN A 48 16.11 -22.60 -9.30
CA GLN A 48 16.64 -21.78 -10.38
C GLN A 48 18.12 -22.06 -10.59
N ARG A 49 18.84 -22.15 -9.49
CA ARG A 49 20.27 -22.43 -9.51
C ARG A 49 20.54 -23.80 -10.13
N ALA A 50 19.76 -24.78 -9.71
CA ALA A 50 19.94 -26.15 -10.18
C ALA A 50 19.72 -26.23 -11.68
N ILE A 51 18.71 -25.51 -12.17
CA ILE A 51 18.42 -25.54 -13.61
C ILE A 51 19.43 -24.73 -14.42
N LEU A 52 19.72 -23.50 -13.99
CA LEU A 52 20.61 -22.63 -14.76
C LEU A 52 22.07 -23.07 -14.77
N GLN A 53 22.55 -23.59 -13.66
CA GLN A 53 23.94 -24.02 -13.56
C GLN A 53 24.15 -25.34 -14.32
N ASN A 54 23.05 -26.00 -14.66
CA ASN A 54 23.09 -27.19 -15.51
C ASN A 54 22.43 -26.92 -16.86
N HIS A 55 22.79 -25.79 -17.46
CA HIS A 55 22.18 -25.32 -18.70
C HIS A 55 22.31 -26.31 -19.87
N THR A 56 23.35 -27.14 -19.86
CA THR A 56 23.55 -28.10 -20.94
C THR A 56 22.48 -29.20 -20.90
N ASP A 57 21.83 -29.35 -19.75
CA ASP A 57 20.76 -30.31 -19.61
C ASP A 57 19.42 -29.76 -20.11
N PHE A 58 19.40 -28.48 -20.46
CA PHE A 58 18.16 -27.83 -20.90
C PHE A 58 18.26 -27.15 -22.26
N LYS A 59 19.47 -26.71 -22.63
CA LYS A 59 19.64 -25.99 -23.89
C LYS A 59 19.15 -26.79 -25.09
N ASP A 60 18.13 -26.26 -25.77
CA ASP A 60 17.58 -26.88 -26.97
C ASP A 60 16.99 -28.26 -26.71
N LYS A 61 16.47 -28.46 -25.50
CA LYS A 61 15.90 -29.74 -25.12
C LYS A 61 14.37 -29.66 -25.00
N ILE A 62 13.71 -30.81 -25.05
CA ILE A 62 12.28 -30.88 -24.78
C ILE A 62 12.08 -31.18 -23.29
N VAL A 63 11.22 -30.41 -22.64
CA VAL A 63 11.05 -30.48 -21.19
C VAL A 63 9.60 -30.76 -20.80
N LEU A 64 9.42 -31.57 -19.75
CA LEU A 64 8.09 -31.69 -19.13
C LEU A 64 8.10 -31.13 -17.71
N ASP A 65 7.21 -30.18 -17.45
CA ASP A 65 7.05 -29.63 -16.11
C ASP A 65 5.81 -30.22 -15.45
N VAL A 66 5.99 -31.09 -14.46
CA VAL A 66 4.85 -31.78 -13.87
C VAL A 66 4.31 -30.99 -12.67
N GLY A 67 3.08 -30.48 -12.82
CA GLY A 67 2.47 -29.66 -11.79
C GLY A 67 3.12 -28.29 -11.75
N CYS A 68 3.08 -27.60 -12.87
CA CYS A 68 3.86 -26.39 -13.08
C CYS A 68 3.38 -25.20 -12.25
N GLY A 69 2.16 -25.29 -11.73
CA GLY A 69 1.57 -24.20 -11.00
C GLY A 69 1.49 -22.95 -11.85
N SER A 70 2.08 -21.86 -11.38
CA SER A 70 2.10 -20.61 -12.13
C SER A 70 3.06 -20.71 -13.32
N GLY A 71 3.90 -21.74 -13.31
CA GLY A 71 4.79 -22.02 -14.44
C GLY A 71 6.21 -21.53 -14.24
N ILE A 72 6.54 -21.18 -13.00
CA ILE A 72 7.83 -20.56 -12.68
C ILE A 72 9.01 -21.45 -13.10
N LEU A 73 8.90 -22.75 -12.83
CA LEU A 73 9.98 -23.69 -13.13
C LEU A 73 10.16 -23.80 -14.65
N SER A 74 9.06 -23.68 -15.39
CA SER A 74 9.13 -23.71 -16.84
C SER A 74 9.86 -22.47 -17.36
N PHE A 75 9.63 -21.34 -16.70
CA PHE A 75 10.33 -20.11 -17.08
C PHE A 75 11.80 -20.27 -16.80
N PHE A 76 12.15 -20.90 -15.69
CA PHE A 76 13.56 -21.21 -15.44
C PHE A 76 14.10 -22.12 -16.53
N ALA A 77 13.33 -23.13 -16.94
CA ALA A 77 13.75 -24.00 -18.03
C ALA A 77 13.96 -23.18 -19.31
N ALA A 78 13.11 -22.19 -19.55
CA ALA A 78 13.26 -21.30 -20.70
C ALA A 78 14.52 -20.46 -20.60
N GLN A 79 14.79 -19.91 -19.42
CA GLN A 79 16.00 -19.13 -19.19
C GLN A 79 17.25 -19.96 -19.48
N ALA A 80 17.15 -21.26 -19.27
CA ALA A 80 18.28 -22.15 -19.48
C ALA A 80 18.45 -22.51 -20.96
N GLY A 81 17.47 -22.14 -21.78
CA GLY A 81 17.57 -22.30 -23.21
C GLY A 81 16.78 -23.45 -23.80
N ALA A 82 15.75 -23.90 -23.09
CA ALA A 82 14.92 -25.01 -23.56
C ALA A 82 14.23 -24.67 -24.88
N ARG A 83 14.06 -25.67 -25.73
CA ARG A 83 13.41 -25.51 -27.02
C ARG A 83 11.90 -25.53 -26.84
N LYS A 84 11.42 -26.49 -26.05
CA LYS A 84 10.00 -26.68 -25.82
C LYS A 84 9.74 -27.22 -24.42
N ILE A 85 8.80 -26.58 -23.73
CA ILE A 85 8.41 -26.99 -22.39
C ILE A 85 6.91 -27.23 -22.35
N TYR A 86 6.53 -28.45 -21.99
CA TYR A 86 5.13 -28.78 -21.78
C TYR A 86 4.81 -28.64 -20.30
N ALA A 87 3.99 -27.64 -19.95
CA ALA A 87 3.73 -27.32 -18.55
C ALA A 87 2.36 -27.84 -18.12
N VAL A 88 2.35 -28.90 -17.30
CA VAL A 88 1.11 -29.56 -16.92
C VAL A 88 0.68 -29.15 -15.51
N GLU A 89 -0.60 -28.77 -15.37
CA GLU A 89 -1.16 -28.38 -14.08
C GLU A 89 -2.66 -28.67 -14.03
N ALA A 90 -3.11 -29.32 -12.96
CA ALA A 90 -4.49 -29.79 -12.87
C ALA A 90 -5.42 -28.77 -12.22
N SER A 91 -4.88 -27.88 -11.40
CA SER A 91 -5.69 -26.87 -10.74
C SER A 91 -6.01 -25.75 -11.72
N THR A 92 -6.81 -24.78 -11.29
CA THR A 92 -7.18 -23.67 -12.16
C THR A 92 -6.00 -22.73 -12.37
N MET A 93 -4.94 -22.94 -11.58
CA MET A 93 -3.76 -22.10 -11.67
C MET A 93 -3.25 -22.14 -13.11
N ALA A 94 -3.59 -23.22 -13.82
CA ALA A 94 -3.18 -23.41 -15.20
C ALA A 94 -3.57 -22.20 -16.04
N GLN A 95 -4.68 -21.54 -15.71
CA GLN A 95 -5.03 -20.36 -16.49
C GLN A 95 -3.96 -19.32 -16.31
N HIS A 96 -3.54 -19.15 -15.06
CA HIS A 96 -2.70 -18.02 -14.70
C HIS A 96 -1.34 -18.25 -15.32
N ALA A 97 -0.98 -19.52 -15.41
CA ALA A 97 0.23 -19.90 -16.12
C ALA A 97 0.08 -19.50 -17.59
N GLU A 98 -1.11 -19.71 -18.17
CA GLU A 98 -1.31 -19.40 -19.58
C GLU A 98 -1.16 -17.91 -19.80
N VAL A 99 -1.68 -17.13 -18.85
CA VAL A 99 -1.55 -15.68 -18.88
C VAL A 99 -0.10 -15.27 -18.84
N LEU A 100 0.68 -15.89 -17.95
CA LEU A 100 2.08 -15.51 -17.77
C LEU A 100 2.94 -15.84 -18.99
N VAL A 101 2.71 -16.99 -19.59
CA VAL A 101 3.47 -17.39 -20.78
C VAL A 101 3.27 -16.37 -21.89
N LYS A 102 2.03 -15.93 -22.07
CA LYS A 102 1.71 -14.96 -23.11
C LYS A 102 2.34 -13.61 -22.81
N SER A 103 2.20 -13.16 -21.56
CA SER A 103 2.68 -11.84 -21.16
C SER A 103 4.21 -11.78 -21.17
N ASN A 104 4.85 -12.95 -21.13
CA ASN A 104 6.30 -13.03 -21.17
C ASN A 104 6.82 -13.39 -22.56
N ASN A 105 5.94 -13.38 -23.55
CA ASN A 105 6.33 -13.65 -24.94
C ASN A 105 7.02 -15.00 -25.12
N LEU A 106 6.47 -16.04 -24.49
CA LEU A 106 7.04 -17.37 -24.59
C LEU A 106 6.03 -18.40 -25.09
N THR A 107 5.02 -17.92 -25.81
CA THR A 107 3.98 -18.80 -26.35
C THR A 107 4.58 -19.80 -27.35
N ASP A 108 5.76 -19.47 -27.88
CA ASP A 108 6.42 -20.32 -28.86
C ASP A 108 7.27 -21.44 -28.24
N ARG A 109 7.53 -21.36 -26.94
CA ARG A 109 8.41 -22.32 -26.28
C ARG A 109 7.74 -23.05 -25.12
N ILE A 110 6.77 -22.40 -24.48
CA ILE A 110 6.03 -23.02 -23.38
C ILE A 110 4.58 -23.29 -23.77
N VAL A 111 4.15 -24.53 -23.60
CA VAL A 111 2.76 -24.91 -23.86
C VAL A 111 2.13 -25.38 -22.56
N VAL A 112 1.18 -24.60 -22.04
CA VAL A 112 0.47 -24.98 -20.83
C VAL A 112 -0.59 -26.00 -21.21
N ILE A 113 -0.60 -27.13 -20.52
CA ILE A 113 -1.58 -28.18 -20.77
C ILE A 113 -2.37 -28.43 -19.49
N PRO A 114 -3.60 -27.87 -19.41
CA PRO A 114 -4.41 -28.05 -18.21
C PRO A 114 -4.87 -29.48 -18.01
N GLY A 115 -4.72 -29.99 -16.79
CA GLY A 115 -5.18 -31.33 -16.48
C GLY A 115 -4.19 -32.11 -15.64
N LYS A 116 -4.60 -33.32 -15.27
CA LYS A 116 -3.76 -34.21 -14.49
C LYS A 116 -2.78 -34.93 -15.42
N VAL A 117 -1.53 -35.05 -14.99
CA VAL A 117 -0.48 -35.61 -15.83
C VAL A 117 -0.80 -37.05 -16.19
N GLU A 118 -1.65 -37.68 -15.39
CA GLU A 118 -2.08 -39.05 -15.65
C GLU A 118 -3.13 -39.14 -16.76
N GLU A 119 -3.70 -38.00 -17.15
CA GLU A 119 -4.86 -38.01 -18.03
C GLU A 119 -4.63 -37.24 -19.33
N VAL A 120 -3.79 -36.21 -19.30
CA VAL A 120 -3.52 -35.40 -20.48
C VAL A 120 -2.69 -36.19 -21.49
N SER A 121 -2.60 -35.67 -22.70
CA SER A 121 -1.76 -36.22 -23.76
C SER A 121 -0.65 -35.26 -24.18
N LEU A 122 0.57 -35.77 -24.31
CA LEU A 122 1.68 -34.98 -24.86
C LEU A 122 1.95 -35.33 -26.32
N PRO A 123 2.31 -34.30 -27.13
CA PRO A 123 2.52 -34.50 -28.57
C PRO A 123 3.81 -35.28 -28.86
N GLU A 124 4.80 -35.21 -27.97
CA GLU A 124 6.09 -35.87 -28.19
C GLU A 124 6.74 -36.28 -26.86
N GLN A 125 7.80 -37.08 -26.96
CA GLN A 125 8.60 -37.45 -25.80
C GLN A 125 9.54 -36.30 -25.41
N VAL A 126 9.93 -36.26 -24.14
CA VAL A 126 10.77 -35.18 -23.63
C VAL A 126 12.16 -35.68 -23.26
N ASP A 127 13.11 -34.77 -23.14
CA ASP A 127 14.47 -35.10 -22.77
C ASP A 127 14.67 -35.08 -21.26
N ILE A 128 13.86 -34.30 -20.55
CA ILE A 128 14.01 -34.16 -19.12
C ILE A 128 12.69 -33.77 -18.45
N ILE A 129 12.48 -34.31 -17.25
CA ILE A 129 11.30 -33.95 -16.47
C ILE A 129 11.69 -33.11 -15.27
N ILE A 130 11.02 -31.96 -15.11
CA ILE A 130 11.20 -31.14 -13.93
C ILE A 130 9.92 -31.12 -13.12
N SER A 131 10.07 -31.09 -11.80
CA SER A 131 8.91 -31.06 -10.92
C SER A 131 9.27 -30.73 -9.48
N GLU A 132 8.24 -30.37 -8.71
CA GLU A 132 8.38 -30.19 -7.26
C GLU A 132 7.30 -30.99 -6.55
N PRO A 133 7.46 -32.32 -6.49
CA PRO A 133 6.42 -33.19 -5.95
C PRO A 133 6.47 -33.39 -4.44
N MET A 134 7.48 -32.83 -3.79
CA MET A 134 7.70 -33.07 -2.37
C MET A 134 6.59 -32.50 -1.50
N GLY A 135 6.13 -33.30 -0.55
CA GLY A 135 5.21 -32.82 0.48
C GLY A 135 5.86 -32.96 1.84
N TYR A 136 5.08 -32.80 2.90
CA TYR A 136 5.58 -33.05 4.24
C TYR A 136 6.14 -34.47 4.33
N MET A 137 7.26 -34.61 5.03
CA MET A 137 7.92 -35.91 5.13
C MET A 137 8.18 -36.52 3.75
N LEU A 138 8.39 -35.64 2.77
CA LEU A 138 8.62 -36.01 1.37
C LEU A 138 7.37 -36.61 0.69
N PHE A 139 6.79 -37.65 1.29
CA PHE A 139 5.81 -38.48 0.60
C PHE A 139 4.38 -37.95 0.65
N ASN A 140 4.09 -37.04 1.56
CA ASN A 140 2.73 -36.54 1.70
C ASN A 140 2.22 -35.94 0.39
N GLU A 141 0.93 -36.12 0.13
CA GLU A 141 0.26 -35.67 -1.09
C GLU A 141 0.36 -36.70 -2.22
N ARG A 142 1.28 -37.64 -2.08
CA ARG A 142 1.39 -38.75 -3.03
C ARG A 142 1.69 -38.26 -4.46
N MET A 143 2.30 -37.10 -4.59
CA MET A 143 2.61 -36.58 -5.92
C MET A 143 3.86 -37.22 -6.50
N LEU A 144 4.66 -37.85 -5.64
CA LEU A 144 5.86 -38.53 -6.08
C LEU A 144 5.46 -39.52 -7.18
N GLU A 145 4.28 -40.11 -7.00
CA GLU A 145 3.73 -41.09 -7.93
C GLU A 145 3.40 -40.49 -9.29
N SER A 146 2.88 -39.25 -9.28
CA SER A 146 2.57 -38.55 -10.53
C SER A 146 3.85 -38.25 -11.29
N TYR A 147 4.86 -37.82 -10.54
CA TYR A 147 6.16 -37.52 -11.07
C TYR A 147 6.75 -38.76 -11.71
N LEU A 148 6.66 -39.89 -11.03
CA LEU A 148 7.15 -41.14 -11.63
C LEU A 148 6.28 -41.60 -12.78
N HIS A 149 4.96 -41.40 -12.66
CA HIS A 149 4.03 -41.74 -13.73
C HIS A 149 4.40 -41.00 -15.00
N ALA A 150 4.81 -39.75 -14.84
CA ALA A 150 5.16 -38.91 -15.99
C ALA A 150 6.33 -39.47 -16.81
N LYS A 151 7.03 -40.48 -16.30
CA LYS A 151 8.17 -41.01 -17.04
C LYS A 151 7.76 -41.76 -18.30
N LYS A 152 6.46 -41.98 -18.49
CA LYS A 152 6.00 -42.60 -19.72
C LYS A 152 6.29 -41.69 -20.91
N TYR A 153 6.50 -40.41 -20.64
CA TYR A 153 6.81 -39.44 -21.67
C TYR A 153 8.31 -39.16 -21.76
N LEU A 154 9.10 -39.85 -20.95
CA LEU A 154 10.54 -39.60 -20.93
C LEU A 154 11.29 -40.53 -21.85
N LYS A 155 12.16 -39.95 -22.66
CA LYS A 155 13.06 -40.69 -23.53
C LYS A 155 13.98 -41.56 -22.70
N PRO A 156 14.46 -42.69 -23.26
CA PRO A 156 15.41 -43.53 -22.52
C PRO A 156 16.65 -42.77 -22.08
N SER A 157 16.88 -41.61 -22.70
CA SER A 157 18.03 -40.79 -22.39
C SER A 157 17.74 -39.77 -21.32
N GLY A 158 16.56 -39.85 -20.74
CA GLY A 158 16.10 -38.77 -19.89
C GLY A 158 16.68 -38.60 -18.51
N ASN A 159 16.37 -37.43 -17.95
CA ASN A 159 16.80 -37.06 -16.63
C ASN A 159 15.59 -36.58 -15.84
N MET A 160 15.74 -36.56 -14.52
CA MET A 160 14.69 -36.12 -13.62
C MET A 160 15.27 -35.05 -12.70
N PHE A 161 14.59 -33.90 -12.63
CA PHE A 161 14.97 -32.84 -11.70
C PHE A 161 13.79 -32.57 -10.75
N PRO A 162 13.90 -33.04 -9.50
CA PRO A 162 15.03 -33.70 -8.83
C PRO A 162 15.30 -35.14 -9.28
N THR A 163 16.50 -35.64 -9.01
CA THR A 163 16.92 -36.97 -9.45
C THR A 163 16.71 -38.00 -8.35
N ILE A 164 17.02 -37.62 -7.11
CA ILE A 164 16.80 -38.49 -5.97
C ILE A 164 16.22 -37.70 -4.81
N GLY A 165 15.58 -38.44 -3.91
CA GLY A 165 15.08 -37.88 -2.67
C GLY A 165 15.50 -38.72 -1.48
N ASP A 166 16.05 -38.06 -0.46
CA ASP A 166 16.48 -38.72 0.76
C ASP A 166 15.58 -38.34 1.93
N VAL A 167 14.98 -39.34 2.56
CA VAL A 167 14.26 -39.12 3.80
C VAL A 167 15.17 -39.51 4.95
N HIS A 168 15.26 -38.64 5.93
CA HIS A 168 16.06 -38.88 7.12
C HIS A 168 15.16 -39.04 8.32
N LEU A 169 15.46 -40.08 9.10
CA LEU A 169 14.78 -40.38 10.35
C LEU A 169 15.78 -40.37 11.48
N ALA A 170 15.40 -39.76 12.61
CA ALA A 170 16.26 -39.79 13.79
C ALA A 170 15.46 -39.75 15.10
N PRO A 171 15.92 -40.47 16.13
CA PRO A 171 15.18 -40.41 17.40
C PRO A 171 15.37 -39.08 18.10
N PHE A 172 14.35 -38.60 18.82
CA PHE A 172 14.51 -37.35 19.56
C PHE A 172 14.01 -37.43 21.00
N THR A 173 14.44 -36.47 21.82
CA THR A 173 13.90 -36.30 23.16
C THR A 173 13.34 -34.89 23.27
N ASP A 174 12.07 -34.82 23.66
CA ASP A 174 11.39 -33.55 23.86
C ASP A 174 10.31 -33.75 24.91
N GLU A 175 10.75 -33.69 26.17
CA GLU A 175 9.88 -33.97 27.31
C GLU A 175 8.62 -33.10 27.28
N GLN A 176 8.80 -31.82 26.96
CA GLN A 176 7.70 -30.87 26.95
C GLN A 176 6.67 -31.20 25.85
N LEU A 177 7.16 -31.49 24.64
CA LEU A 177 6.28 -31.86 23.54
C LEU A 177 5.46 -33.07 23.94
N TYR A 178 6.10 -34.03 24.61
CA TYR A 178 5.43 -35.24 25.02
C TYR A 178 4.33 -34.93 26.05
N MET A 179 4.69 -34.19 27.10
CA MET A 179 3.73 -33.86 28.17
C MET A 179 2.58 -32.95 27.69
N GLU A 180 2.86 -32.19 26.66
CA GLU A 180 1.88 -31.29 26.05
C GLU A 180 0.57 -32.01 25.68
N GLN A 181 0.71 -33.23 25.16
CA GLN A 181 -0.43 -33.98 24.65
C GLN A 181 -1.43 -34.27 25.77
N PHE A 182 -0.90 -34.65 26.93
CA PHE A 182 -1.72 -34.98 28.07
C PHE A 182 -2.26 -33.71 28.70
N THR A 183 -1.46 -32.65 28.65
CA THR A 183 -1.99 -31.37 29.14
C THR A 183 -3.22 -30.98 28.36
N LYS A 184 -3.18 -31.14 27.04
CA LYS A 184 -4.36 -30.81 26.23
C LYS A 184 -5.50 -31.80 26.44
N ALA A 185 -5.18 -33.10 26.48
CA ALA A 185 -6.23 -34.11 26.60
C ALA A 185 -6.90 -34.12 27.98
N ASN A 186 -6.19 -33.71 29.02
CA ASN A 186 -6.76 -33.72 30.36
C ASN A 186 -7.91 -32.72 30.54
N PHE A 187 -8.17 -31.90 29.53
CA PHE A 187 -9.38 -31.10 29.52
C PHE A 187 -10.58 -31.97 29.80
N TRP A 188 -10.56 -33.18 29.23
CA TRP A 188 -11.70 -34.06 29.33
C TRP A 188 -11.69 -34.83 30.65
N TYR A 189 -10.62 -34.71 31.42
CA TYR A 189 -10.54 -35.40 32.69
C TYR A 189 -11.06 -34.54 33.85
N GLN A 190 -12.36 -34.26 33.82
CA GLN A 190 -12.99 -33.49 34.89
C GLN A 190 -14.40 -34.03 35.09
N PRO A 191 -14.82 -34.24 36.35
CA PRO A 191 -16.10 -34.87 36.63
C PRO A 191 -17.33 -33.96 36.52
N SER A 192 -17.14 -32.66 36.31
CA SER A 192 -18.28 -31.76 36.24
C SER A 192 -17.99 -30.51 35.43
N PHE A 193 -17.84 -30.68 34.12
CA PHE A 193 -17.79 -29.54 33.21
C PHE A 193 -19.22 -29.08 32.95
N HIS A 194 -19.61 -28.00 33.62
CA HIS A 194 -20.99 -27.53 33.56
C HIS A 194 -21.95 -28.65 33.94
N GLY A 195 -21.54 -29.48 34.88
CA GLY A 195 -22.37 -30.56 35.38
C GLY A 195 -22.22 -31.86 34.61
N VAL A 196 -21.31 -31.89 33.64
CA VAL A 196 -21.09 -33.08 32.84
C VAL A 196 -19.74 -33.72 33.15
N ASP A 197 -19.75 -35.03 33.36
CA ASP A 197 -18.52 -35.79 33.54
C ASP A 197 -17.95 -36.14 32.17
N LEU A 198 -16.83 -35.51 31.81
CA LEU A 198 -16.24 -35.70 30.49
C LEU A 198 -15.15 -36.78 30.47
N SER A 199 -14.81 -37.32 31.63
CA SER A 199 -13.60 -38.12 31.80
C SER A 199 -13.52 -39.32 30.86
N ALA A 200 -14.67 -39.89 30.51
CA ALA A 200 -14.68 -41.12 29.72
C ALA A 200 -14.07 -40.92 28.33
N LEU A 201 -13.96 -39.68 27.89
CA LEU A 201 -13.40 -39.39 26.56
C LEU A 201 -11.92 -39.03 26.63
N ARG A 202 -11.34 -39.04 27.84
CA ARG A 202 -9.96 -38.63 27.98
C ARG A 202 -9.04 -39.49 27.12
N GLY A 203 -9.22 -40.81 27.20
CA GLY A 203 -8.41 -41.73 26.41
C GLY A 203 -8.49 -41.48 24.92
N ALA A 204 -9.69 -41.25 24.41
CA ALA A 204 -9.90 -41.00 22.99
C ALA A 204 -9.24 -39.69 22.58
N ALA A 205 -9.23 -38.72 23.50
CA ALA A 205 -8.63 -37.43 23.22
C ALA A 205 -7.12 -37.60 23.08
N VAL A 206 -6.53 -38.35 24.00
CA VAL A 206 -5.11 -38.66 23.96
C VAL A 206 -4.77 -39.35 22.63
N ASP A 207 -5.59 -40.32 22.27
CA ASP A 207 -5.40 -41.09 21.05
C ASP A 207 -5.35 -40.17 19.84
N GLU A 208 -6.28 -39.23 19.79
CA GLU A 208 -6.42 -38.31 18.68
C GLU A 208 -5.15 -37.47 18.50
N TYR A 209 -4.60 -37.01 19.62
CA TYR A 209 -3.44 -36.13 19.59
C TYR A 209 -2.20 -36.87 19.09
N PHE A 210 -2.02 -38.11 19.52
CA PHE A 210 -0.82 -38.86 19.14
C PHE A 210 -0.89 -39.38 17.72
N ARG A 211 -2.07 -39.33 17.11
CA ARG A 211 -2.20 -39.78 15.73
C ARG A 211 -1.71 -38.71 14.76
N GLN A 212 -1.57 -37.48 15.25
CA GLN A 212 -1.13 -36.38 14.39
C GLN A 212 0.39 -36.21 14.40
N PRO A 213 1.01 -36.28 13.22
CA PRO A 213 2.43 -35.91 13.18
C PRO A 213 2.61 -34.43 13.46
N VAL A 214 3.70 -34.06 14.13
CA VAL A 214 3.92 -32.69 14.53
C VAL A 214 4.79 -31.98 13.52
N VAL A 215 4.23 -30.93 12.92
CA VAL A 215 4.93 -30.11 11.96
C VAL A 215 5.48 -28.87 12.61
N ASP A 216 6.80 -28.78 12.65
CA ASP A 216 7.46 -27.56 13.13
C ASP A 216 8.96 -27.80 13.07
N THR A 217 9.70 -26.97 13.79
CA THR A 217 11.15 -27.09 13.80
C THR A 217 11.63 -27.26 15.23
N PHE A 218 12.92 -27.52 15.40
CA PHE A 218 13.47 -27.78 16.71
C PHE A 218 14.98 -27.58 16.73
N ASP A 219 15.54 -27.60 17.93
CA ASP A 219 16.97 -27.49 18.13
C ASP A 219 17.59 -28.87 17.85
N ILE A 220 18.70 -28.90 17.11
CA ILE A 220 19.29 -30.18 16.70
C ILE A 220 19.80 -30.96 17.90
N ARG A 221 19.94 -30.31 19.05
CA ARG A 221 20.49 -30.96 20.23
C ARG A 221 19.48 -31.95 20.82
N ILE A 222 18.25 -31.95 20.33
CA ILE A 222 17.24 -32.89 20.84
C ILE A 222 17.41 -34.23 20.16
N LEU A 223 18.19 -34.26 19.08
CA LEU A 223 18.45 -35.50 18.35
C LEU A 223 19.44 -36.36 19.11
N MET A 224 19.10 -37.63 19.29
CA MET A 224 19.88 -38.50 20.16
C MET A 224 20.73 -39.52 19.40
N ALA A 225 20.68 -39.49 18.08
CA ALA A 225 21.49 -40.39 17.27
C ALA A 225 21.61 -39.90 15.83
N LYS A 226 22.65 -40.36 15.15
CA LYS A 226 22.85 -40.05 13.74
C LYS A 226 21.66 -40.58 12.94
N SER A 227 21.23 -39.81 11.94
CA SER A 227 20.02 -40.16 11.20
C SER A 227 20.20 -41.39 10.32
N VAL A 228 19.10 -42.07 10.06
CA VAL A 228 19.06 -43.16 9.10
C VAL A 228 18.37 -42.62 7.84
N LYS A 229 18.91 -43.00 6.69
CA LYS A 229 18.47 -42.45 5.41
C LYS A 229 17.79 -43.48 4.49
N TYR A 230 16.67 -43.07 3.89
CA TYR A 230 15.99 -43.88 2.89
C TYR A 230 15.91 -43.09 1.59
N THR A 231 16.39 -43.70 0.50
CA THR A 231 16.54 -42.99 -0.77
C THR A 231 15.57 -43.48 -1.84
N VAL A 232 14.93 -42.53 -2.50
CA VAL A 232 14.13 -42.80 -3.68
C VAL A 232 14.87 -42.27 -4.89
N ASN A 233 15.25 -43.17 -5.79
CA ASN A 233 15.86 -42.81 -7.06
C ASN A 233 14.78 -42.67 -8.12
N PHE A 234 14.50 -41.42 -8.49
CA PHE A 234 13.38 -41.12 -9.39
C PHE A 234 13.62 -41.64 -10.81
N LEU A 235 14.88 -41.84 -11.18
CA LEU A 235 15.19 -42.41 -12.49
C LEU A 235 14.82 -43.89 -12.54
N GLU A 236 14.87 -44.54 -11.39
CA GLU A 236 14.74 -46.00 -11.34
C GLU A 236 13.41 -46.47 -10.74
N ALA A 237 12.85 -45.68 -9.81
CA ALA A 237 11.67 -46.12 -9.09
C ALA A 237 10.42 -46.14 -9.96
N LYS A 238 9.51 -47.05 -9.64
CA LYS A 238 8.19 -47.09 -10.29
C LYS A 238 7.14 -46.60 -9.30
N GLU A 239 5.97 -46.23 -9.82
CA GLU A 239 4.86 -45.77 -9.00
C GLU A 239 4.56 -46.73 -7.86
N GLY A 240 4.44 -48.01 -8.21
CA GLY A 240 4.05 -49.03 -7.26
C GLY A 240 4.98 -49.13 -6.06
N ASP A 241 6.22 -48.67 -6.25
CA ASP A 241 7.21 -48.75 -5.20
C ASP A 241 6.84 -47.84 -4.03
N LEU A 242 5.91 -46.92 -4.24
CA LEU A 242 5.57 -45.94 -3.19
C LEU A 242 4.23 -46.20 -2.52
N HIS A 243 3.60 -47.33 -2.84
CA HIS A 243 2.34 -47.71 -2.21
C HIS A 243 2.61 -48.29 -0.82
N ARG A 244 3.76 -48.93 -0.69
CA ARG A 244 4.19 -49.52 0.58
C ARG A 244 5.67 -49.21 0.78
N ILE A 245 5.96 -48.32 1.73
CA ILE A 245 7.35 -47.92 1.97
C ILE A 245 7.82 -48.40 3.33
N GLU A 246 8.75 -49.35 3.34
CA GLU A 246 9.27 -49.87 4.60
C GLU A 246 10.67 -49.33 4.88
N ILE A 247 10.80 -48.57 5.96
CA ILE A 247 12.07 -47.99 6.35
C ILE A 247 12.54 -48.66 7.64
N PRO A 248 13.35 -49.72 7.52
CA PRO A 248 13.93 -50.31 8.72
C PRO A 248 15.00 -49.39 9.32
N PHE A 249 15.16 -49.40 10.63
CA PHE A 249 16.20 -48.57 11.24
C PHE A 249 16.84 -49.24 12.45
N LYS A 250 18.10 -48.89 12.66
CA LYS A 250 18.79 -49.31 13.85
C LYS A 250 19.70 -48.16 14.26
N PHE A 251 19.23 -47.38 15.22
CA PHE A 251 19.95 -46.19 15.70
C PHE A 251 20.93 -46.55 16.81
N HIS A 252 22.12 -45.99 16.72
CA HIS A 252 23.14 -46.16 17.75
C HIS A 252 23.16 -44.91 18.62
N MET A 253 22.59 -45.01 19.82
CA MET A 253 22.32 -43.85 20.67
C MET A 253 23.58 -43.11 21.09
N LEU A 254 23.59 -41.80 20.84
CA LEU A 254 24.73 -40.94 21.17
C LEU A 254 24.58 -40.33 22.55
N HIS A 255 23.34 -40.21 23.02
CA HIS A 255 23.07 -39.65 24.33
C HIS A 255 22.17 -40.55 25.14
N SER A 256 22.23 -40.40 26.45
CA SER A 256 21.34 -41.14 27.35
C SER A 256 20.09 -40.31 27.60
N GLY A 257 18.95 -40.97 27.76
CA GLY A 257 17.71 -40.30 28.06
C GLY A 257 16.48 -41.00 27.53
N LEU A 258 15.36 -40.28 27.56
CA LEU A 258 14.08 -40.77 27.06
C LEU A 258 13.88 -40.38 25.61
N VAL A 259 13.65 -41.39 24.77
CA VAL A 259 13.31 -41.19 23.36
C VAL A 259 11.80 -41.08 23.26
N HIS A 260 11.33 -39.93 22.81
CA HIS A 260 9.90 -39.63 22.73
C HIS A 260 9.31 -39.87 21.35
N GLY A 261 10.17 -40.11 20.37
CA GLY A 261 9.70 -40.39 19.02
C GLY A 261 10.76 -40.19 17.94
N LEU A 262 10.29 -40.15 16.69
CA LEU A 262 11.17 -40.02 15.54
C LEU A 262 10.95 -38.70 14.81
N ALA A 263 12.05 -38.08 14.40
CA ALA A 263 12.05 -36.86 13.62
C ALA A 263 12.37 -37.20 12.17
N PHE A 264 11.68 -36.50 11.28
CA PHE A 264 11.77 -36.70 9.84
C PHE A 264 12.10 -35.41 9.13
N TRP A 265 12.97 -35.54 8.13
CA TRP A 265 13.17 -34.45 7.15
C TRP A 265 13.66 -35.04 5.83
N PHE A 266 13.80 -34.21 4.80
CA PHE A 266 14.22 -34.73 3.50
C PHE A 266 15.13 -33.80 2.71
N ASP A 267 15.93 -34.40 1.84
CA ASP A 267 16.75 -33.67 0.86
C ASP A 267 16.41 -34.15 -0.53
N VAL A 268 16.51 -33.29 -1.54
CA VAL A 268 16.45 -33.77 -2.92
C VAL A 268 17.71 -33.32 -3.63
N ALA A 269 18.11 -34.10 -4.63
CA ALA A 269 19.29 -33.74 -5.41
C ALA A 269 18.99 -33.62 -6.90
N PHE A 270 19.46 -32.53 -7.49
CA PHE A 270 19.40 -32.32 -8.92
C PHE A 270 20.77 -32.68 -9.49
N ILE A 271 20.85 -33.91 -10.01
CA ILE A 271 22.09 -34.45 -10.56
C ILE A 271 22.15 -34.11 -12.04
N GLY A 272 22.79 -33.00 -12.37
CA GLY A 272 22.90 -32.57 -13.75
C GLY A 272 24.23 -32.95 -14.36
N SER A 273 24.40 -32.63 -15.63
CA SER A 273 25.61 -32.99 -16.36
C SER A 273 26.80 -32.16 -15.88
N ILE A 274 26.54 -30.93 -15.44
CA ILE A 274 27.61 -30.04 -15.00
C ILE A 274 27.86 -30.18 -13.49
N MET A 275 26.80 -30.28 -12.71
CA MET A 275 26.96 -30.37 -11.25
C MET A 275 25.70 -30.89 -10.56
N THR A 276 25.89 -31.31 -9.30
CA THR A 276 24.80 -31.76 -8.46
C THR A 276 24.40 -30.67 -7.48
N VAL A 277 23.13 -30.30 -7.47
CA VAL A 277 22.66 -29.27 -6.53
C VAL A 277 21.65 -29.88 -5.54
N TRP A 278 21.83 -29.57 -4.25
CA TRP A 278 20.98 -30.13 -3.21
C TRP A 278 19.98 -29.13 -2.64
N LEU A 279 18.75 -29.60 -2.41
CA LEU A 279 17.77 -28.84 -1.65
C LEU A 279 17.46 -29.62 -0.38
N SER A 280 17.78 -29.01 0.76
CA SER A 280 17.69 -29.68 2.06
C SER A 280 16.66 -29.02 2.96
N THR A 281 15.90 -29.84 3.68
CA THR A 281 14.95 -29.34 4.67
C THR A 281 15.35 -29.79 6.07
N ALA A 282 16.63 -30.10 6.25
CA ALA A 282 17.15 -30.55 7.53
C ALA A 282 17.06 -29.46 8.59
N PRO A 283 17.02 -29.86 9.87
CA PRO A 283 16.96 -28.88 10.95
C PRO A 283 18.28 -28.13 11.14
N THR A 284 19.31 -28.56 10.44
CA THR A 284 20.59 -27.86 10.44
C THR A 284 20.63 -26.75 9.38
N GLU A 285 19.61 -26.69 8.55
CA GLU A 285 19.55 -25.73 7.45
C GLU A 285 18.45 -24.68 7.68
N PRO A 286 18.52 -23.56 6.96
CA PRO A 286 17.47 -22.54 7.07
C PRO A 286 16.07 -23.12 6.85
N LEU A 287 15.10 -22.58 7.56
CA LEU A 287 13.75 -23.13 7.58
C LEU A 287 13.03 -22.96 6.24
N THR A 288 12.29 -23.99 5.84
CA THR A 288 11.45 -23.93 4.64
C THR A 288 10.00 -24.16 5.02
N HIS A 289 9.10 -24.11 4.05
CA HIS A 289 7.68 -24.33 4.31
C HIS A 289 7.38 -25.80 4.57
N TRP A 290 8.38 -26.67 4.42
CA TRP A 290 8.21 -28.07 4.78
C TRP A 290 8.53 -28.29 6.27
N TYR A 291 9.31 -27.40 6.86
CA TYR A 291 9.69 -27.53 8.28
C TYR A 291 10.32 -28.90 8.54
N GLN A 292 10.05 -29.46 9.71
CA GLN A 292 10.37 -30.86 9.98
C GLN A 292 9.15 -31.54 10.58
N VAL A 293 9.15 -32.87 10.55
CA VAL A 293 8.01 -33.64 11.02
C VAL A 293 8.43 -34.56 12.15
N ARG A 294 7.69 -34.53 13.26
CA ARG A 294 8.00 -35.45 14.36
C ARG A 294 6.82 -36.35 14.68
N CYS A 295 7.11 -37.65 14.79
CA CYS A 295 6.11 -38.64 15.18
C CYS A 295 6.44 -39.15 16.57
N LEU A 296 5.52 -38.93 17.49
CA LEU A 296 5.70 -39.33 18.89
C LEU A 296 5.48 -40.82 19.08
N PHE A 297 6.23 -41.39 20.02
CA PHE A 297 5.94 -42.71 20.54
C PHE A 297 4.81 -42.58 21.56
N GLN A 298 3.99 -43.62 21.68
CA GLN A 298 2.93 -43.61 22.67
C GLN A 298 3.53 -43.64 24.08
N SER A 299 4.61 -44.38 24.22
CA SER A 299 5.36 -44.44 25.47
C SER A 299 6.84 -44.20 25.18
N PRO A 300 7.49 -43.28 25.92
CA PRO A 300 8.89 -43.03 25.60
C PRO A 300 9.77 -44.23 25.92
N LEU A 301 10.89 -44.35 25.24
CA LEU A 301 11.82 -45.46 25.48
C LEU A 301 13.09 -44.96 26.13
N PHE A 302 13.53 -45.60 27.20
CA PHE A 302 14.76 -45.18 27.85
C PHE A 302 15.97 -45.82 27.18
N ALA A 303 16.97 -45.02 26.87
CA ALA A 303 18.20 -45.54 26.31
C ALA A 303 19.42 -44.80 26.84
N LYS A 304 20.51 -45.54 27.03
CA LYS A 304 21.78 -44.97 27.41
C LYS A 304 22.70 -44.88 26.20
N ALA A 305 23.68 -43.98 26.25
CA ALA A 305 24.62 -43.82 25.16
C ALA A 305 25.27 -45.17 24.88
N GLY A 306 25.30 -45.56 23.61
CA GLY A 306 25.88 -46.83 23.22
C GLY A 306 24.85 -47.93 23.00
N ASP A 307 23.65 -47.74 23.55
CA ASP A 307 22.57 -48.70 23.31
C ASP A 307 22.09 -48.62 21.86
N THR A 308 21.26 -49.58 21.47
CA THR A 308 20.74 -49.65 20.12
C THR A 308 19.21 -49.57 20.09
N LEU A 309 18.70 -48.63 19.29
CA LEU A 309 17.27 -48.49 19.11
C LEU A 309 16.88 -49.02 17.74
N SER A 310 16.15 -50.13 17.70
CA SER A 310 15.90 -50.73 16.40
C SER A 310 14.41 -50.88 16.17
N GLY A 311 14.05 -50.98 14.89
CA GLY A 311 12.65 -51.12 14.52
C GLY A 311 12.32 -50.71 13.11
N THR A 312 11.04 -50.46 12.87
CA THR A 312 10.59 -50.17 11.51
C THR A 312 9.60 -49.01 11.43
N CYS A 313 9.75 -48.22 10.37
CA CYS A 313 8.77 -47.22 9.99
C CYS A 313 8.09 -47.65 8.69
N LEU A 314 6.81 -47.99 8.77
CA LEU A 314 6.07 -48.47 7.61
C LEU A 314 5.05 -47.43 7.17
N LEU A 315 5.15 -47.03 5.90
CA LEU A 315 4.24 -46.05 5.31
C LEU A 315 3.32 -46.74 4.31
N ILE A 316 2.02 -46.74 4.58
CA ILE A 316 1.06 -47.37 3.67
C ILE A 316 0.19 -46.28 3.04
N ALA A 317 0.22 -46.19 1.71
CA ALA A 317 -0.52 -45.14 1.01
C ALA A 317 -2.03 -45.35 1.07
N ASN A 318 -2.77 -44.27 1.22
CA ASN A 318 -4.23 -44.31 1.23
C ASN A 318 -4.82 -43.42 0.14
N LYS A 319 -6.14 -43.52 -0.06
CA LYS A 319 -6.77 -42.80 -1.16
C LYS A 319 -7.08 -41.34 -0.83
N ARG A 320 -6.60 -40.87 0.32
CA ARG A 320 -6.73 -39.46 0.66
C ARG A 320 -5.41 -38.75 0.34
N GLN A 321 -4.71 -39.26 -0.67
CA GLN A 321 -3.48 -38.67 -1.14
C GLN A 321 -2.44 -38.56 -0.03
N SER A 322 -2.36 -39.56 0.83
CA SER A 322 -1.42 -39.55 1.92
C SER A 322 -1.04 -40.96 2.38
N TYR A 323 -0.48 -41.07 3.58
CA TYR A 323 0.01 -42.33 4.11
C TYR A 323 -0.46 -42.55 5.53
N ASP A 324 -0.71 -43.82 5.85
CA ASP A 324 -0.85 -44.26 7.23
C ASP A 324 0.54 -44.62 7.71
N ILE A 325 0.97 -44.00 8.81
CA ILE A 325 2.29 -44.23 9.36
C ILE A 325 2.20 -45.22 10.50
N SER A 326 2.95 -46.31 10.40
CA SER A 326 3.07 -47.27 11.50
C SER A 326 4.51 -47.32 11.95
N ILE A 327 4.77 -46.99 13.21
CA ILE A 327 6.14 -47.03 13.73
C ILE A 327 6.25 -47.96 14.92
N VAL A 328 7.17 -48.92 14.83
CA VAL A 328 7.50 -49.78 15.97
C VAL A 328 8.99 -49.71 16.28
N ALA A 329 9.30 -49.54 17.57
CA ALA A 329 10.69 -49.43 18.01
C ALA A 329 10.94 -50.09 19.37
N GLN A 330 12.12 -50.67 19.52
CA GLN A 330 12.52 -51.24 20.80
C GLN A 330 14.02 -51.06 21.02
N VAL A 331 14.35 -50.85 22.30
CA VAL A 331 15.72 -50.81 22.77
C VAL A 331 16.20 -52.23 22.93
N ASP A 332 17.14 -52.64 22.08
CA ASP A 332 17.57 -54.02 21.99
C ASP A 332 18.10 -54.53 23.33
N GLN A 333 18.84 -53.69 24.04
CA GLN A 333 19.51 -54.12 25.27
C GLN A 333 18.56 -54.38 26.43
N THR A 334 17.37 -53.79 26.39
CA THR A 334 16.46 -53.92 27.51
C THR A 334 15.19 -54.57 27.11
N GLY A 335 14.90 -54.51 25.84
CA GLY A 335 13.68 -55.08 25.39
C GLY A 335 12.51 -54.15 25.62
N SER A 336 12.73 -52.87 25.96
CA SER A 336 11.61 -51.94 26.05
C SER A 336 10.98 -51.53 24.72
N LYS A 337 9.70 -51.83 24.49
CA LYS A 337 9.08 -51.63 23.18
C LYS A 337 8.01 -50.53 23.16
N SER A 338 7.92 -49.83 22.03
CA SER A 338 6.87 -48.83 21.82
C SER A 338 6.39 -48.78 20.36
N SER A 339 5.14 -48.40 20.20
CA SER A 339 4.46 -48.31 18.91
C SER A 339 3.72 -47.00 18.72
N ASN A 340 3.46 -46.63 17.47
CA ASN A 340 2.44 -45.59 17.24
C ASN A 340 1.89 -45.70 15.81
N LEU A 341 0.64 -45.27 15.67
CA LEU A 341 -0.05 -45.20 14.37
C LEU A 341 -0.44 -43.76 14.14
N LEU A 342 -0.05 -43.21 12.98
CA LEU A 342 -0.29 -41.81 12.70
C LEU A 342 -0.95 -41.61 11.34
N ASP A 343 -1.72 -40.52 11.25
CA ASP A 343 -2.40 -40.15 10.02
C ASP A 343 -1.71 -38.91 9.44
N LEU A 344 -0.89 -39.13 8.42
CA LEU A 344 -0.07 -38.07 7.86
C LEU A 344 -0.90 -37.01 7.13
N LYS A 345 -2.13 -37.33 6.78
CA LYS A 345 -2.97 -36.40 6.02
C LYS A 345 -3.39 -35.19 6.85
N ASN A 346 -3.47 -35.37 8.16
CA ASN A 346 -3.95 -34.31 9.03
C ASN A 346 -2.94 -34.06 10.14
N PRO A 347 -1.81 -33.43 9.81
CA PRO A 347 -0.76 -33.16 10.80
C PRO A 347 -1.14 -32.02 11.72
N PHE A 348 -0.37 -31.84 12.79
CA PHE A 348 -0.61 -30.75 13.71
C PHE A 348 0.45 -29.67 13.47
N PHE A 349 0.01 -28.52 12.98
CA PHE A 349 0.92 -27.41 12.72
C PHE A 349 1.15 -26.67 14.05
N ARG A 350 2.32 -26.93 14.63
CA ARG A 350 2.66 -26.44 15.96
C ARG A 350 3.53 -25.20 15.93
N TYR A 351 4.18 -24.98 14.79
CA TYR A 351 5.14 -23.89 14.65
C TYR A 351 4.54 -22.54 15.02
N THR A 352 5.34 -21.74 15.75
CA THR A 352 4.90 -20.42 16.21
C THR A 352 5.85 -19.33 15.75
N ARG B 9 -34.28 -38.69 -2.80
CA ARG B 9 -33.27 -37.62 -2.84
C ARG B 9 -33.29 -36.81 -1.56
N SER B 10 -32.15 -36.73 -0.88
CA SER B 10 -32.09 -35.95 0.35
C SER B 10 -31.94 -34.47 0.07
N VAL B 11 -32.57 -33.66 0.91
CA VAL B 11 -32.50 -32.21 0.78
C VAL B 11 -31.06 -31.75 0.94
N PHE B 12 -30.35 -32.34 1.89
CA PHE B 12 -28.98 -31.94 2.18
C PHE B 12 -28.07 -32.17 0.97
N SER B 13 -28.09 -33.40 0.46
CA SER B 13 -27.21 -33.78 -0.64
C SER B 13 -27.57 -33.01 -1.91
N GLU B 14 -28.85 -32.65 -2.06
CA GLU B 14 -29.30 -31.92 -3.23
C GLU B 14 -28.70 -30.52 -3.26
N ARG B 15 -28.44 -29.95 -2.09
CA ARG B 15 -27.88 -28.60 -2.01
C ARG B 15 -26.40 -28.59 -1.67
N THR B 16 -25.78 -29.77 -1.56
CA THR B 16 -24.41 -29.86 -1.08
C THR B 16 -23.54 -30.74 -1.96
N GLU B 17 -22.42 -30.17 -2.41
CA GLU B 17 -21.40 -30.93 -3.11
C GLU B 17 -20.77 -31.95 -2.17
N GLU B 18 -20.57 -33.16 -2.68
CA GLU B 18 -20.01 -34.28 -1.91
C GLU B 18 -18.71 -33.90 -1.18
N SER B 19 -17.80 -33.35 -1.97
CA SER B 19 -16.47 -32.99 -1.50
C SER B 19 -16.52 -32.05 -0.30
N SER B 20 -17.47 -31.12 -0.32
CA SER B 20 -17.59 -30.17 0.77
C SER B 20 -18.10 -30.84 2.04
N ALA B 21 -19.12 -31.68 1.89
CA ALA B 21 -19.73 -32.35 3.05
C ALA B 21 -18.73 -33.28 3.73
N VAL B 22 -17.96 -34.03 2.93
CA VAL B 22 -16.96 -34.92 3.51
C VAL B 22 -16.03 -34.11 4.43
N GLN B 23 -15.40 -33.08 3.86
CA GLN B 23 -14.49 -32.22 4.59
C GLN B 23 -15.18 -31.62 5.82
N TYR B 24 -16.41 -31.18 5.60
CA TYR B 24 -17.18 -30.49 6.62
C TYR B 24 -17.33 -31.37 7.84
N PHE B 25 -17.80 -32.60 7.63
CA PHE B 25 -18.04 -33.47 8.78
C PHE B 25 -16.75 -34.10 9.31
N GLN B 26 -15.71 -34.20 8.47
CA GLN B 26 -14.41 -34.59 9.00
C GLN B 26 -13.87 -33.55 9.99
N PHE B 27 -14.01 -32.27 9.66
CA PHE B 27 -13.59 -31.20 10.57
C PHE B 27 -14.22 -31.31 11.96
N TYR B 28 -15.51 -31.60 12.01
CA TYR B 28 -16.24 -31.63 13.28
C TYR B 28 -16.17 -32.97 14.01
N GLY B 29 -15.39 -33.89 13.49
CA GLY B 29 -15.22 -35.19 14.11
C GLY B 29 -14.06 -35.23 15.10
N TYR B 30 -13.32 -34.14 15.19
CA TYR B 30 -12.17 -34.08 16.09
C TYR B 30 -12.56 -33.57 17.47
N LEU B 31 -12.07 -34.24 18.50
CA LEU B 31 -12.35 -33.86 19.88
C LEU B 31 -11.74 -32.51 20.24
N SER B 32 -10.59 -32.19 19.64
CA SER B 32 -9.94 -30.90 19.89
C SER B 32 -10.86 -29.75 19.46
N GLN B 33 -11.59 -29.96 18.36
CA GLN B 33 -12.58 -29.02 17.87
C GLN B 33 -13.70 -28.83 18.87
N GLN B 34 -14.21 -29.93 19.40
CA GLN B 34 -15.24 -29.88 20.43
C GLN B 34 -14.73 -29.10 21.64
N GLN B 35 -13.53 -29.47 22.10
CA GLN B 35 -12.92 -28.80 23.23
C GLN B 35 -12.83 -27.31 22.98
N ASN B 36 -12.40 -26.94 21.78
CA ASN B 36 -12.23 -25.53 21.46
C ASN B 36 -13.51 -24.73 21.65
N MET B 37 -14.64 -25.26 21.21
CA MET B 37 -15.90 -24.53 21.32
C MET B 37 -16.44 -24.62 22.75
N MET B 38 -16.25 -25.77 23.38
CA MET B 38 -16.68 -25.94 24.76
C MET B 38 -15.95 -24.99 25.71
N GLN B 39 -14.70 -24.68 25.40
CA GLN B 39 -13.90 -23.82 26.28
C GLN B 39 -14.23 -22.34 26.14
N ASP B 40 -15.11 -22.00 25.21
CA ASP B 40 -15.66 -20.65 25.16
C ASP B 40 -16.69 -20.50 26.27
N TYR B 41 -16.29 -19.95 27.42
CA TYR B 41 -17.18 -19.93 28.57
C TYR B 41 -18.44 -19.10 28.33
N VAL B 42 -18.33 -18.02 27.58
CA VAL B 42 -19.48 -17.16 27.32
C VAL B 42 -20.57 -17.96 26.59
N ARG B 43 -20.17 -18.65 25.53
CA ARG B 43 -21.06 -19.47 24.72
C ARG B 43 -21.74 -20.56 25.57
N THR B 44 -20.92 -21.38 26.20
CA THR B 44 -21.39 -22.55 26.93
C THR B 44 -22.24 -22.12 28.13
N GLY B 45 -21.73 -21.13 28.86
CA GLY B 45 -22.42 -20.63 30.03
C GLY B 45 -23.74 -19.99 29.64
N THR B 46 -23.74 -19.22 28.57
CA THR B 46 -24.98 -18.58 28.13
C THR B 46 -25.99 -19.62 27.69
N TYR B 47 -25.55 -20.63 26.93
CA TYR B 47 -26.46 -21.70 26.56
C TYR B 47 -27.06 -22.39 27.79
N GLN B 48 -26.19 -22.73 28.75
CA GLN B 48 -26.68 -23.37 29.97
C GLN B 48 -27.65 -22.44 30.69
N ARG B 49 -27.35 -21.14 30.73
CA ARG B 49 -28.25 -20.18 31.36
C ARG B 49 -29.60 -20.14 30.65
N ALA B 50 -29.57 -20.10 29.32
CA ALA B 50 -30.79 -20.02 28.53
C ALA B 50 -31.65 -21.25 28.78
N ILE B 51 -31.02 -22.42 28.85
CA ILE B 51 -31.76 -23.65 29.08
C ILE B 51 -32.26 -23.81 30.52
N LEU B 52 -31.37 -23.60 31.48
CA LEU B 52 -31.68 -23.87 32.88
C LEU B 52 -32.65 -22.84 33.47
N GLN B 53 -32.51 -21.59 33.05
CA GLN B 53 -33.39 -20.51 33.53
C GLN B 53 -34.77 -20.58 32.88
N ASN B 54 -34.89 -21.36 31.80
CA ASN B 54 -36.18 -21.63 31.18
C ASN B 54 -36.51 -23.11 31.34
N HIS B 55 -36.26 -23.64 32.53
CA HIS B 55 -36.40 -25.08 32.75
C HIS B 55 -37.81 -25.59 32.47
N THR B 56 -38.81 -24.73 32.65
CA THR B 56 -40.20 -25.13 32.44
C THR B 56 -40.48 -25.40 30.97
N ASP B 57 -39.63 -24.90 30.08
CA ASP B 57 -39.76 -25.16 28.66
C ASP B 57 -39.15 -26.51 28.30
N PHE B 58 -38.55 -27.17 29.29
CA PHE B 58 -37.86 -28.44 29.08
C PHE B 58 -38.42 -29.54 29.98
N LYS B 59 -38.99 -29.17 31.12
CA LYS B 59 -39.54 -30.14 32.06
C LYS B 59 -40.54 -31.10 31.43
N ASP B 60 -40.18 -32.38 31.43
CA ASP B 60 -41.04 -33.45 30.93
C ASP B 60 -41.39 -33.26 29.46
N LYS B 61 -40.46 -32.66 28.73
CA LYS B 61 -40.66 -32.38 27.30
C LYS B 61 -39.83 -33.29 26.40
N ILE B 62 -40.25 -33.37 25.14
CA ILE B 62 -39.49 -34.07 24.11
C ILE B 62 -38.61 -33.03 23.42
N VAL B 63 -37.32 -33.35 23.26
CA VAL B 63 -36.35 -32.39 22.74
C VAL B 63 -35.63 -32.94 21.51
N LEU B 64 -35.37 -32.06 20.56
CA LEU B 64 -34.47 -32.40 19.47
C LEU B 64 -33.21 -31.53 19.53
N ASP B 65 -32.06 -32.17 19.60
CA ASP B 65 -30.77 -31.48 19.56
C ASP B 65 -30.17 -31.64 18.17
N VAL B 66 -30.11 -30.55 17.41
CA VAL B 66 -29.64 -30.64 16.02
C VAL B 66 -28.13 -30.38 15.92
N GLY B 67 -27.39 -31.42 15.55
CA GLY B 67 -25.93 -31.31 15.45
C GLY B 67 -25.31 -31.23 16.83
N CYS B 68 -25.59 -32.26 17.62
CA CYS B 68 -25.30 -32.24 19.06
C CYS B 68 -23.82 -32.31 19.41
N GLY B 69 -22.99 -32.73 18.47
CA GLY B 69 -21.58 -32.91 18.73
C GLY B 69 -21.34 -33.87 19.88
N SER B 70 -20.62 -33.43 20.91
CA SER B 70 -20.37 -34.26 22.07
C SER B 70 -21.62 -34.40 22.94
N GLY B 71 -22.62 -33.58 22.68
CA GLY B 71 -23.91 -33.70 23.35
C GLY B 71 -24.18 -32.79 24.53
N ILE B 72 -23.38 -31.75 24.68
CA ILE B 72 -23.46 -30.88 25.86
C ILE B 72 -24.84 -30.24 26.03
N LEU B 73 -25.40 -29.74 24.93
CA LEU B 73 -26.70 -29.07 25.01
C LEU B 73 -27.79 -30.06 25.41
N SER B 74 -27.63 -31.30 24.98
CA SER B 74 -28.57 -32.35 25.37
C SER B 74 -28.46 -32.58 26.87
N PHE B 75 -27.24 -32.52 27.40
CA PHE B 75 -27.05 -32.66 28.83
C PHE B 75 -27.68 -31.49 29.56
N PHE B 76 -27.56 -30.29 29.01
CA PHE B 76 -28.28 -29.16 29.61
C PHE B 76 -29.79 -29.40 29.59
N ALA B 77 -30.32 -29.88 28.47
CA ALA B 77 -31.74 -30.22 28.42
C ALA B 77 -32.09 -31.29 29.45
N ALA B 78 -31.19 -32.25 29.64
CA ALA B 78 -31.41 -33.29 30.66
C ALA B 78 -31.42 -32.71 32.06
N GLN B 79 -30.47 -31.81 32.33
CA GLN B 79 -30.41 -31.11 33.62
C GLN B 79 -31.69 -30.32 33.86
N ALA B 80 -32.30 -29.86 32.77
CA ALA B 80 -33.50 -29.03 32.85
C ALA B 80 -34.74 -29.87 33.08
N GLY B 81 -34.60 -31.18 32.99
CA GLY B 81 -35.68 -32.10 33.33
C GLY B 81 -36.40 -32.68 32.12
N ALA B 82 -35.74 -32.65 30.97
CA ALA B 82 -36.36 -33.17 29.74
C ALA B 82 -36.71 -34.63 29.90
N ARG B 83 -37.82 -35.04 29.30
CA ARG B 83 -38.26 -36.41 29.39
C ARG B 83 -37.51 -37.27 28.38
N LYS B 84 -37.34 -36.74 27.17
CA LYS B 84 -36.63 -37.51 26.14
C LYS B 84 -35.89 -36.55 25.20
N ILE B 85 -34.62 -36.84 24.94
CA ILE B 85 -33.83 -35.99 24.05
C ILE B 85 -33.26 -36.81 22.91
N TYR B 86 -33.62 -36.43 21.69
CA TYR B 86 -33.04 -37.06 20.50
C TYR B 86 -31.89 -36.20 20.02
N ALA B 87 -30.67 -36.73 20.14
CA ALA B 87 -29.48 -35.98 19.81
C ALA B 87 -28.90 -36.43 18.48
N VAL B 88 -29.03 -35.58 17.47
CA VAL B 88 -28.63 -35.92 16.10
C VAL B 88 -27.29 -35.30 15.74
N GLU B 89 -26.40 -36.12 15.18
CA GLU B 89 -25.09 -35.66 14.74
C GLU B 89 -24.59 -36.52 13.58
N ALA B 90 -24.11 -35.87 12.52
CA ALA B 90 -23.74 -36.57 11.30
C ALA B 90 -22.26 -36.98 11.29
N SER B 91 -21.44 -36.30 12.09
CA SER B 91 -20.01 -36.62 12.15
C SER B 91 -19.78 -37.84 13.04
N THR B 92 -18.53 -38.29 13.12
CA THR B 92 -18.18 -39.46 13.92
C THR B 92 -18.26 -39.13 15.42
N MET B 93 -18.35 -37.84 15.72
CA MET B 93 -18.43 -37.39 17.11
C MET B 93 -19.60 -38.06 17.82
N ALA B 94 -20.60 -38.44 17.05
CA ALA B 94 -21.81 -39.06 17.60
C ALA B 94 -21.46 -40.27 18.46
N GLN B 95 -20.40 -40.99 18.11
N GLN B 95 -20.37 -40.95 18.13
CA GLN B 95 -20.01 -42.14 18.89
CA GLN B 95 -19.98 -42.12 18.89
C GLN B 95 -19.58 -41.64 20.28
C GLN B 95 -19.52 -41.68 20.27
N HIS B 96 -18.88 -40.52 20.32
CA HIS B 96 -18.32 -39.99 21.56
C HIS B 96 -19.44 -39.48 22.47
N ALA B 97 -20.48 -38.94 21.84
CA ALA B 97 -21.66 -38.51 22.57
C ALA B 97 -22.29 -39.71 23.26
N GLU B 98 -22.35 -40.83 22.56
CA GLU B 98 -22.95 -42.05 23.11
C GLU B 98 -22.18 -42.50 24.36
N VAL B 99 -20.86 -42.37 24.32
CA VAL B 99 -20.03 -42.76 25.45
C VAL B 99 -20.40 -41.93 26.67
N LEU B 100 -20.53 -40.62 26.48
CA LEU B 100 -20.79 -39.71 27.60
C LEU B 100 -22.18 -39.96 28.19
N VAL B 101 -23.14 -40.24 27.32
CA VAL B 101 -24.49 -40.55 27.76
C VAL B 101 -24.47 -41.76 28.69
N LYS B 102 -23.71 -42.79 28.32
CA LYS B 102 -23.62 -43.98 29.14
C LYS B 102 -22.88 -43.70 30.46
N SER B 103 -21.74 -43.02 30.36
CA SER B 103 -20.90 -42.76 31.52
C SER B 103 -21.55 -41.76 32.49
N ASN B 104 -22.51 -41.00 32.00
CA ASN B 104 -23.24 -40.05 32.84
C ASN B 104 -24.61 -40.59 33.27
N ASN B 105 -24.84 -41.88 33.00
CA ASN B 105 -26.05 -42.56 33.44
C ASN B 105 -27.33 -41.87 32.96
N LEU B 106 -27.35 -41.49 31.68
CA LEU B 106 -28.50 -40.80 31.11
C LEU B 106 -29.02 -41.55 29.88
N THR B 107 -28.77 -42.87 29.85
CA THR B 107 -29.18 -43.71 28.73
C THR B 107 -30.69 -43.77 28.57
N ASP B 108 -31.43 -43.49 29.64
CA ASP B 108 -32.89 -43.55 29.60
C ASP B 108 -33.50 -42.24 29.08
N ARG B 109 -32.70 -41.19 28.97
CA ARG B 109 -33.21 -39.88 28.57
C ARG B 109 -32.55 -39.29 27.32
N ILE B 110 -31.28 -39.59 27.06
CA ILE B 110 -30.65 -39.07 25.85
C ILE B 110 -30.42 -40.21 24.87
N VAL B 111 -30.98 -40.06 23.68
CA VAL B 111 -30.82 -41.03 22.63
C VAL B 111 -30.10 -40.37 21.46
N VAL B 112 -28.88 -40.81 21.22
CA VAL B 112 -28.10 -40.34 20.08
C VAL B 112 -28.57 -41.01 18.80
N ILE B 113 -28.87 -40.21 17.79
CA ILE B 113 -29.27 -40.73 16.50
C ILE B 113 -28.28 -40.25 15.43
N PRO B 114 -27.35 -41.13 15.02
CA PRO B 114 -26.33 -40.75 14.02
C PRO B 114 -26.90 -40.53 12.63
N GLY B 115 -26.48 -39.45 11.99
CA GLY B 115 -26.89 -39.15 10.63
C GLY B 115 -27.21 -37.69 10.45
N LYS B 116 -27.53 -37.30 9.21
CA LYS B 116 -27.88 -35.91 8.93
C LYS B 116 -29.36 -35.73 9.27
N VAL B 117 -29.72 -34.60 9.87
CA VAL B 117 -31.08 -34.40 10.33
C VAL B 117 -32.08 -34.45 9.18
N GLU B 118 -31.59 -34.19 7.96
CA GLU B 118 -32.45 -34.26 6.78
C GLU B 118 -32.72 -35.70 6.37
N GLU B 119 -31.99 -36.64 6.95
CA GLU B 119 -32.00 -38.02 6.48
C GLU B 119 -32.41 -39.02 7.55
N VAL B 120 -32.16 -38.72 8.82
CA VAL B 120 -32.49 -39.65 9.89
C VAL B 120 -34.00 -39.75 10.02
N SER B 121 -34.45 -40.75 10.76
CA SER B 121 -35.86 -40.88 11.08
C SER B 121 -36.01 -40.69 12.60
N LEU B 122 -36.93 -39.82 12.99
CA LEU B 122 -37.16 -39.60 14.42
C LEU B 122 -38.42 -40.35 14.83
N PRO B 123 -38.43 -40.92 16.05
CA PRO B 123 -39.58 -41.73 16.47
C PRO B 123 -40.85 -40.92 16.75
N GLU B 124 -40.70 -39.67 17.16
CA GLU B 124 -41.85 -38.85 17.52
C GLU B 124 -41.60 -37.36 17.27
N GLN B 125 -42.66 -36.57 17.32
CA GLN B 125 -42.54 -35.12 17.22
C GLN B 125 -42.06 -34.56 18.55
N VAL B 126 -41.37 -33.43 18.51
CA VAL B 126 -40.76 -32.86 19.71
C VAL B 126 -41.43 -31.55 20.13
N ASP B 127 -41.19 -31.15 21.38
CA ASP B 127 -41.75 -29.92 21.92
C ASP B 127 -40.84 -28.73 21.66
N ILE B 128 -39.55 -28.99 21.54
CA ILE B 128 -38.58 -27.92 21.36
C ILE B 128 -37.34 -28.42 20.64
N ILE B 129 -36.80 -27.56 19.77
CA ILE B 129 -35.56 -27.87 19.08
C ILE B 129 -34.45 -26.98 19.62
N ILE B 130 -33.34 -27.59 20.06
CA ILE B 130 -32.18 -26.82 20.47
C ILE B 130 -31.04 -27.08 19.50
N SER B 131 -30.24 -26.04 19.28
CA SER B 131 -29.09 -26.19 18.39
C SER B 131 -28.13 -25.00 18.48
N GLU B 132 -26.94 -25.19 17.92
CA GLU B 132 -25.98 -24.10 17.75
C GLU B 132 -25.55 -24.06 16.28
N PRO B 133 -26.44 -23.58 15.41
CA PRO B 133 -26.19 -23.61 13.97
C PRO B 133 -25.43 -22.42 13.42
N MET B 134 -25.14 -21.44 14.28
CA MET B 134 -24.52 -20.20 13.82
C MET B 134 -23.09 -20.45 13.35
N GLY B 135 -22.76 -19.90 12.18
CA GLY B 135 -21.39 -19.90 11.70
C GLY B 135 -20.90 -18.47 11.58
N TYR B 136 -19.75 -18.28 10.93
CA TYR B 136 -19.26 -16.93 10.69
C TYR B 136 -20.32 -16.12 9.96
N MET B 137 -20.47 -14.86 10.34
CA MET B 137 -21.53 -14.01 9.78
C MET B 137 -22.88 -14.69 9.94
N LEU B 138 -23.03 -15.50 10.98
CA LEU B 138 -24.25 -16.26 11.24
C LEU B 138 -24.52 -17.34 10.18
N PHE B 139 -24.48 -16.98 8.91
CA PHE B 139 -24.99 -17.85 7.84
C PHE B 139 -24.00 -18.88 7.30
N ASN B 140 -22.71 -18.70 7.52
CA ASN B 140 -21.71 -19.63 6.98
C ASN B 140 -21.99 -21.05 7.47
N GLU B 141 -21.70 -22.02 6.61
CA GLU B 141 -21.93 -23.47 6.85
C GLU B 141 -23.35 -23.90 6.47
N ARG B 142 -24.27 -22.95 6.31
CA ARG B 142 -25.63 -23.24 5.88
C ARG B 142 -26.40 -24.17 6.81
N MET B 143 -26.03 -24.21 8.09
CA MET B 143 -26.70 -25.11 9.01
C MET B 143 -28.04 -24.54 9.48
N LEU B 144 -28.21 -23.24 9.35
CA LEU B 144 -29.49 -22.64 9.70
C LEU B 144 -30.61 -23.34 8.94
N GLU B 145 -30.32 -23.74 7.70
CA GLU B 145 -31.29 -24.43 6.87
C GLU B 145 -31.60 -25.83 7.42
N SER B 146 -30.61 -26.49 7.99
CA SER B 146 -30.83 -27.78 8.63
C SER B 146 -31.69 -27.56 9.87
N TYR B 147 -31.35 -26.51 10.60
CA TYR B 147 -32.08 -26.15 11.81
C TYR B 147 -33.55 -25.89 11.47
N LEU B 148 -33.79 -25.15 10.39
CA LEU B 148 -35.15 -24.88 9.95
C LEU B 148 -35.81 -26.13 9.36
N HIS B 149 -35.01 -26.93 8.66
CA HIS B 149 -35.50 -28.17 8.07
C HIS B 149 -36.05 -29.08 9.17
N ALA B 150 -35.36 -29.10 10.30
CA ALA B 150 -35.75 -29.95 11.42
C ALA B 150 -37.14 -29.63 11.99
N LYS B 151 -37.73 -28.52 11.58
CA LYS B 151 -39.04 -28.12 12.09
C LYS B 151 -40.16 -29.07 11.62
N LYS B 152 -39.83 -29.98 10.71
CA LYS B 152 -40.78 -31.01 10.29
C LYS B 152 -41.09 -31.95 11.44
N TYR B 153 -40.22 -31.96 12.46
CA TYR B 153 -40.40 -32.80 13.64
C TYR B 153 -40.99 -32.02 14.82
N LEU B 154 -41.28 -30.75 14.60
CA LEU B 154 -41.76 -29.88 15.69
C LEU B 154 -43.27 -29.82 15.76
N LYS B 155 -43.82 -29.99 16.96
CA LYS B 155 -45.26 -29.83 17.18
C LYS B 155 -45.68 -28.41 16.82
N PRO B 156 -46.97 -28.22 16.49
CA PRO B 156 -47.48 -26.89 16.12
C PRO B 156 -47.18 -25.77 17.13
N SER B 157 -47.14 -26.09 18.42
CA SER B 157 -46.91 -25.08 19.44
C SER B 157 -45.46 -25.05 19.95
N GLY B 158 -44.58 -25.72 19.22
CA GLY B 158 -43.21 -25.89 19.67
C GLY B 158 -42.33 -24.65 19.65
N ASN B 159 -41.13 -24.76 20.23
CA ASN B 159 -40.21 -23.65 20.33
C ASN B 159 -38.81 -23.97 19.75
N MET B 160 -38.05 -22.90 19.50
CA MET B 160 -36.71 -23.00 18.94
C MET B 160 -35.69 -22.29 19.83
N PHE B 161 -34.63 -23.00 20.17
CA PHE B 161 -33.51 -22.42 20.92
C PHE B 161 -32.20 -22.53 20.11
N PRO B 162 -31.73 -21.40 19.56
CA PRO B 162 -32.24 -20.03 19.70
C PRO B 162 -33.53 -19.77 18.91
N THR B 163 -34.25 -18.71 19.29
CA THR B 163 -35.54 -18.39 18.66
C THR B 163 -35.40 -17.42 17.51
N ILE B 164 -34.53 -16.43 17.66
CA ILE B 164 -34.25 -15.48 16.58
C ILE B 164 -32.76 -15.21 16.45
N GLY B 165 -32.38 -14.71 15.28
CA GLY B 165 -31.02 -14.26 15.04
C GLY B 165 -30.98 -12.88 14.40
N ASP B 166 -30.17 -12.00 14.97
CA ASP B 166 -29.98 -10.65 14.46
C ASP B 166 -28.57 -10.52 13.86
N VAL B 167 -28.51 -10.17 12.59
CA VAL B 167 -27.24 -9.83 11.95
C VAL B 167 -27.10 -8.31 11.95
N HIS B 168 -25.93 -7.86 12.38
CA HIS B 168 -25.60 -6.45 12.41
C HIS B 168 -24.50 -6.14 11.42
N LEU B 169 -24.70 -5.11 10.61
CA LEU B 169 -23.63 -4.61 9.75
C LEU B 169 -23.42 -3.09 9.92
N ALA B 170 -22.15 -2.68 9.88
CA ALA B 170 -21.81 -1.25 9.99
C ALA B 170 -20.55 -0.89 9.20
N PRO B 171 -20.51 0.33 8.62
CA PRO B 171 -19.28 0.69 7.90
C PRO B 171 -18.14 0.93 8.86
N PHE B 172 -16.91 0.65 8.45
CA PHE B 172 -15.77 0.91 9.31
C PHE B 172 -14.62 1.59 8.58
N THR B 173 -13.68 2.15 9.34
CA THR B 173 -12.44 2.67 8.78
C THR B 173 -11.26 1.94 9.42
N ASP B 174 -10.41 1.35 8.58
CA ASP B 174 -9.21 0.66 9.05
C ASP B 174 -8.13 0.66 7.96
N GLU B 175 -7.41 1.76 7.87
CA GLU B 175 -6.39 1.94 6.83
C GLU B 175 -5.36 0.80 6.83
N GLN B 176 -4.98 0.38 8.03
CA GLN B 176 -3.94 -0.64 8.20
C GLN B 176 -4.35 -1.98 7.59
N LEU B 177 -5.57 -2.42 7.87
CA LEU B 177 -6.07 -3.69 7.33
C LEU B 177 -6.08 -3.66 5.80
N TYR B 178 -6.53 -2.54 5.25
CA TYR B 178 -6.62 -2.37 3.82
C TYR B 178 -5.23 -2.45 3.20
N MET B 179 -4.30 -1.67 3.76
CA MET B 179 -2.97 -1.68 3.22
C MET B 179 -2.32 -3.04 3.44
N GLU B 180 -2.71 -3.70 4.53
CA GLU B 180 -2.22 -5.04 4.82
C GLU B 180 -2.60 -6.00 3.70
N GLN B 181 -3.86 -5.98 3.30
CA GLN B 181 -4.30 -6.83 2.19
C GLN B 181 -3.73 -6.40 0.84
N PHE B 182 -3.57 -5.11 0.61
CA PHE B 182 -3.07 -4.65 -0.69
C PHE B 182 -1.58 -4.99 -0.84
N THR B 183 -0.85 -4.91 0.27
CA THR B 183 0.57 -5.25 0.29
C THR B 183 0.81 -6.71 -0.15
N LYS B 184 -0.10 -7.60 0.22
CA LYS B 184 0.03 -9.00 -0.18
C LYS B 184 -0.12 -9.13 -1.69
N ALA B 185 -1.09 -8.41 -2.25
CA ALA B 185 -1.35 -8.47 -3.68
C ALA B 185 -0.24 -7.80 -4.45
N ASN B 186 0.47 -6.85 -3.85
CA ASN B 186 1.55 -6.18 -4.57
C ASN B 186 2.72 -7.09 -5.00
N PHE B 187 2.78 -8.31 -4.49
CA PHE B 187 3.76 -9.30 -4.94
C PHE B 187 3.64 -9.54 -6.45
N TRP B 188 2.40 -9.57 -6.92
CA TRP B 188 2.08 -9.90 -8.32
C TRP B 188 2.22 -8.73 -9.30
N TYR B 189 2.70 -7.59 -8.80
CA TYR B 189 2.96 -6.45 -9.67
C TYR B 189 4.37 -6.52 -10.24
N GLN B 190 5.22 -7.32 -9.60
CA GLN B 190 6.62 -7.44 -10.01
C GLN B 190 6.82 -7.73 -11.51
N PRO B 191 7.66 -6.91 -12.18
CA PRO B 191 7.94 -7.17 -13.59
C PRO B 191 9.08 -8.16 -13.80
N SER B 192 9.78 -8.53 -12.72
CA SER B 192 10.94 -9.41 -12.83
C SER B 192 11.22 -10.18 -11.54
N PHE B 193 10.32 -11.09 -11.18
CA PHE B 193 10.55 -12.03 -10.08
C PHE B 193 11.41 -13.20 -10.55
N HIS B 194 12.68 -13.19 -10.16
CA HIS B 194 13.65 -14.16 -10.68
C HIS B 194 13.64 -14.12 -12.19
N GLY B 195 13.43 -12.94 -12.75
CA GLY B 195 13.46 -12.75 -14.19
C GLY B 195 12.12 -12.96 -14.87
N VAL B 196 11.07 -13.18 -14.08
CA VAL B 196 9.75 -13.45 -14.63
C VAL B 196 8.81 -12.27 -14.39
N ASP B 197 8.10 -11.87 -15.44
CA ASP B 197 7.12 -10.79 -15.34
C ASP B 197 5.78 -11.33 -14.84
N LEU B 198 5.43 -10.96 -13.60
CA LEU B 198 4.20 -11.43 -12.97
C LEU B 198 3.05 -10.44 -13.10
N SER B 199 3.33 -9.26 -13.63
CA SER B 199 2.39 -8.13 -13.54
C SER B 199 1.01 -8.43 -14.10
N ALA B 200 0.95 -9.29 -15.12
CA ALA B 200 -0.31 -9.54 -15.81
C ALA B 200 -1.35 -10.17 -14.88
N LEU B 201 -0.89 -10.74 -13.78
CA LEU B 201 -1.75 -11.39 -12.81
C LEU B 201 -2.09 -10.48 -11.62
N ARG B 202 -1.60 -9.24 -11.65
CA ARG B 202 -1.79 -8.35 -10.52
C ARG B 202 -3.29 -8.17 -10.24
N GLY B 203 -4.07 -7.91 -11.28
CA GLY B 203 -5.50 -7.75 -11.14
C GLY B 203 -6.17 -8.96 -10.52
N ALA B 204 -5.80 -10.16 -10.97
CA ALA B 204 -6.37 -11.39 -10.45
C ALA B 204 -6.01 -11.59 -8.99
N ALA B 205 -4.82 -11.13 -8.59
CA ALA B 205 -4.38 -11.32 -7.22
C ALA B 205 -5.20 -10.46 -6.25
N VAL B 206 -5.26 -9.16 -6.53
CA VAL B 206 -5.99 -8.23 -5.67
C VAL B 206 -7.41 -8.74 -5.54
N ASP B 207 -7.98 -9.21 -6.64
CA ASP B 207 -9.30 -9.79 -6.61
C ASP B 207 -9.34 -10.91 -5.57
N GLU B 208 -8.34 -11.77 -5.58
CA GLU B 208 -8.36 -12.96 -4.74
C GLU B 208 -8.30 -12.57 -3.27
N TYR B 209 -7.45 -11.61 -2.94
CA TYR B 209 -7.24 -11.20 -1.55
C TYR B 209 -8.45 -10.47 -0.96
N PHE B 210 -9.05 -9.59 -1.75
CA PHE B 210 -10.19 -8.79 -1.29
C PHE B 210 -11.46 -9.64 -1.34
N ARG B 211 -11.36 -10.83 -1.92
CA ARG B 211 -12.46 -11.78 -1.95
C ARG B 211 -12.64 -12.46 -0.59
N GLN B 212 -11.61 -12.37 0.25
CA GLN B 212 -11.63 -13.03 1.55
C GLN B 212 -12.19 -12.13 2.65
N PRO B 213 -13.25 -12.57 3.33
CA PRO B 213 -13.67 -11.78 4.50
C PRO B 213 -12.66 -11.92 5.62
N VAL B 214 -12.49 -10.87 6.42
CA VAL B 214 -11.52 -10.89 7.49
C VAL B 214 -12.22 -11.24 8.80
N VAL B 215 -11.81 -12.36 9.39
CA VAL B 215 -12.34 -12.80 10.67
C VAL B 215 -11.36 -12.42 11.77
N ASP B 216 -11.80 -11.54 12.66
CA ASP B 216 -11.01 -11.18 13.82
C ASP B 216 -11.83 -10.18 14.61
N THR B 217 -11.18 -9.45 15.51
CA THR B 217 -11.88 -8.47 16.30
C THR B 217 -11.25 -7.10 16.10
N PHE B 218 -11.89 -6.08 16.66
CA PHE B 218 -11.43 -4.71 16.46
C PHE B 218 -11.98 -3.78 17.52
N ASP B 219 -11.45 -2.58 17.55
CA ASP B 219 -11.94 -1.54 18.44
C ASP B 219 -13.20 -0.91 17.84
N ILE B 220 -14.20 -0.70 18.70
CA ILE B 220 -15.50 -0.19 18.27
C ILE B 220 -15.42 1.23 17.70
N ARG B 221 -14.31 1.92 17.94
CA ARG B 221 -14.14 3.30 17.46
C ARG B 221 -13.92 3.38 15.95
N ILE B 222 -13.71 2.23 15.31
CA ILE B 222 -13.53 2.20 13.86
C ILE B 222 -14.89 2.26 13.17
N LEU B 223 -15.96 2.02 13.94
CA LEU B 223 -17.31 2.05 13.37
C LEU B 223 -17.75 3.48 13.14
N MET B 224 -18.25 3.74 11.94
CA MET B 224 -18.52 5.09 11.49
C MET B 224 -20.02 5.42 11.46
N ALA B 225 -20.85 4.47 11.86
CA ALA B 225 -22.30 4.69 11.89
C ALA B 225 -23.02 3.68 12.77
N LYS B 226 -24.24 4.01 13.17
CA LYS B 226 -25.09 3.08 13.90
C LYS B 226 -25.31 1.85 13.02
N SER B 227 -25.30 0.67 13.61
CA SER B 227 -25.40 -0.56 12.83
C SER B 227 -26.80 -0.73 12.27
N VAL B 228 -26.87 -1.47 11.17
CA VAL B 228 -28.14 -1.87 10.59
C VAL B 228 -28.38 -3.34 10.95
N LYS B 229 -29.65 -3.65 11.26
CA LYS B 229 -30.05 -4.96 11.75
C LYS B 229 -30.88 -5.72 10.73
N TYR B 230 -30.54 -6.99 10.52
CA TYR B 230 -31.34 -7.89 9.71
C TYR B 230 -31.71 -9.11 10.57
N THR B 231 -33.00 -9.39 10.72
CA THR B 231 -33.42 -10.41 11.66
C THR B 231 -34.02 -11.64 10.96
N VAL B 232 -33.55 -12.82 11.38
CA VAL B 232 -34.14 -14.08 10.96
C VAL B 232 -34.90 -14.70 12.14
N ASN B 233 -36.21 -14.85 11.98
CA ASN B 233 -37.05 -15.51 12.98
C ASN B 233 -37.17 -17.01 12.67
N PHE B 234 -36.51 -17.82 13.50
CA PHE B 234 -36.39 -19.25 13.24
C PHE B 234 -37.72 -20.01 13.38
N LEU B 235 -38.65 -19.46 14.13
CA LEU B 235 -39.96 -20.08 14.28
C LEU B 235 -40.76 -20.01 12.98
N GLU B 236 -40.51 -18.97 12.19
CA GLU B 236 -41.33 -18.69 11.02
C GLU B 236 -40.66 -18.92 9.67
N ALA B 237 -39.34 -18.79 9.61
CA ALA B 237 -38.62 -18.84 8.34
C ALA B 237 -38.63 -20.25 7.75
N LYS B 238 -38.54 -20.31 6.43
CA LYS B 238 -38.40 -21.55 5.67
C LYS B 238 -36.98 -21.75 5.18
N GLU B 239 -36.63 -22.99 4.85
CA GLU B 239 -35.31 -23.27 4.32
C GLU B 239 -35.03 -22.35 3.14
N GLY B 240 -36.01 -22.29 2.25
CA GLY B 240 -35.89 -21.54 1.01
C GLY B 240 -35.62 -20.08 1.25
N ASP B 241 -35.99 -19.57 2.41
CA ASP B 241 -35.77 -18.16 2.71
C ASP B 241 -34.29 -17.83 2.78
N LEU B 242 -33.44 -18.85 2.92
CA LEU B 242 -32.02 -18.60 3.12
C LEU B 242 -31.18 -18.93 1.89
N HIS B 243 -31.83 -19.19 0.77
CA HIS B 243 -31.11 -19.43 -0.47
C HIS B 243 -30.68 -18.10 -1.09
N ARG B 244 -31.48 -17.06 -0.88
CA ARG B 244 -31.13 -15.72 -1.33
C ARG B 244 -31.53 -14.71 -0.26
N ILE B 245 -30.51 -14.12 0.38
CA ILE B 245 -30.75 -13.18 1.48
C ILE B 245 -30.32 -11.78 1.06
N GLU B 246 -31.29 -10.89 0.92
CA GLU B 246 -31.01 -9.50 0.52
C GLU B 246 -31.12 -8.55 1.70
N ILE B 247 -30.00 -7.92 2.05
CA ILE B 247 -29.95 -7.01 3.20
C ILE B 247 -29.70 -5.57 2.73
N PRO B 248 -30.78 -4.80 2.53
CA PRO B 248 -30.62 -3.38 2.20
C PRO B 248 -30.18 -2.58 3.42
N PHE B 249 -29.42 -1.50 3.21
CA PHE B 249 -28.97 -0.67 4.32
C PHE B 249 -28.90 0.81 3.96
N LYS B 250 -29.09 1.65 4.97
CA LYS B 250 -28.92 3.09 4.81
C LYS B 250 -28.28 3.65 6.08
N PHE B 251 -26.96 3.86 6.01
CA PHE B 251 -26.21 4.37 7.15
C PHE B 251 -26.13 5.89 7.15
N HIS B 252 -26.33 6.48 8.33
CA HIS B 252 -26.12 7.91 8.53
C HIS B 252 -24.75 8.13 9.16
N MET B 253 -23.80 8.59 8.34
CA MET B 253 -22.40 8.66 8.75
C MET B 253 -22.22 9.62 9.92
N LEU B 254 -21.62 9.11 10.99
CA LEU B 254 -21.40 9.89 12.20
C LEU B 254 -20.03 10.56 12.20
N HIS B 255 -19.09 9.99 11.45
CA HIS B 255 -17.75 10.54 11.35
C HIS B 255 -17.33 10.67 9.88
N SER B 256 -16.39 11.56 9.62
CA SER B 256 -15.85 11.74 8.29
C SER B 256 -14.62 10.86 8.08
N GLY B 257 -14.42 10.40 6.85
CA GLY B 257 -13.25 9.61 6.53
C GLY B 257 -13.47 8.60 5.42
N LEU B 258 -12.51 7.69 5.30
CA LEU B 258 -12.59 6.60 4.33
C LEU B 258 -13.27 5.38 4.92
N VAL B 259 -14.32 4.94 4.24
CA VAL B 259 -14.98 3.69 4.55
C VAL B 259 -14.28 2.61 3.74
N HIS B 260 -13.67 1.67 4.46
CA HIS B 260 -12.88 0.62 3.85
C HIS B 260 -13.70 -0.66 3.68
N GLY B 261 -14.89 -0.67 4.28
CA GLY B 261 -15.77 -1.81 4.14
C GLY B 261 -16.83 -1.91 5.22
N LEU B 262 -17.45 -3.08 5.28
CA LEU B 262 -18.54 -3.33 6.22
C LEU B 262 -18.14 -4.39 7.23
N ALA B 263 -18.50 -4.14 8.50
CA ALA B 263 -18.28 -5.07 9.58
C ALA B 263 -19.60 -5.75 9.92
N PHE B 264 -19.50 -7.04 10.22
CA PHE B 264 -20.63 -7.90 10.51
C PHE B 264 -20.45 -8.59 11.85
N TRP B 265 -21.55 -8.69 12.58
CA TRP B 265 -21.61 -9.57 13.76
C TRP B 265 -23.05 -10.00 13.98
N PHE B 266 -23.30 -10.88 14.95
CA PHE B 266 -24.68 -11.34 15.17
C PHE B 266 -25.02 -11.61 16.63
N ASP B 267 -26.31 -11.50 16.93
CA ASP B 267 -26.85 -11.89 18.24
C ASP B 267 -27.90 -12.96 18.02
N VAL B 268 -28.05 -13.88 18.95
CA VAL B 268 -29.19 -14.79 18.92
C VAL B 268 -29.94 -14.65 20.24
N ALA B 269 -31.24 -14.89 20.19
CA ALA B 269 -32.04 -14.82 21.40
C ALA B 269 -32.79 -16.12 21.67
N PHE B 270 -32.70 -16.57 22.92
CA PHE B 270 -33.46 -17.70 23.39
C PHE B 270 -34.67 -17.13 24.12
N ILE B 271 -35.80 -17.07 23.41
CA ILE B 271 -37.03 -16.50 23.94
C ILE B 271 -37.82 -17.60 24.64
N GLY B 272 -37.59 -17.72 25.95
CA GLY B 272 -38.25 -18.75 26.73
C GLY B 272 -39.45 -18.25 27.51
N SER B 273 -40.09 -19.16 28.23
CA SER B 273 -41.29 -18.86 28.97
C SER B 273 -41.03 -17.98 30.19
N ILE B 274 -39.87 -18.16 30.82
CA ILE B 274 -39.52 -17.42 32.01
C ILE B 274 -38.76 -16.15 31.65
N MET B 275 -37.86 -16.24 30.67
CA MET B 275 -37.08 -15.09 30.27
C MET B 275 -36.41 -15.28 28.92
N THR B 276 -35.98 -14.16 28.33
CA THR B 276 -35.24 -14.18 27.09
C THR B 276 -33.76 -14.02 27.40
N VAL B 277 -32.95 -14.95 26.90
CA VAL B 277 -31.51 -14.87 27.12
C VAL B 277 -30.83 -14.60 25.79
N TRP B 278 -29.91 -13.64 25.79
CA TRP B 278 -29.21 -13.27 24.56
C TRP B 278 -27.78 -13.76 24.53
N LEU B 279 -27.37 -14.25 23.37
CA LEU B 279 -25.97 -14.55 23.11
C LEU B 279 -25.49 -13.61 22.01
N SER B 280 -24.51 -12.77 22.33
CA SER B 280 -24.05 -11.73 21.44
C SER B 280 -22.59 -11.93 21.04
N THR B 281 -22.30 -11.68 19.76
CA THR B 281 -20.92 -11.72 19.28
C THR B 281 -20.47 -10.33 18.82
N ALA B 282 -21.11 -9.30 19.35
CA ALA B 282 -20.77 -7.91 19.02
C ALA B 282 -19.39 -7.53 19.55
N PRO B 283 -18.74 -6.54 18.90
CA PRO B 283 -17.42 -6.10 19.36
C PRO B 283 -17.47 -5.31 20.67
N THR B 284 -18.69 -4.97 21.12
CA THR B 284 -18.87 -4.33 22.42
C THR B 284 -18.96 -5.37 23.53
N GLU B 285 -18.98 -6.64 23.15
CA GLU B 285 -19.08 -7.74 24.11
C GLU B 285 -17.78 -8.55 24.14
N PRO B 286 -17.58 -9.33 25.21
CA PRO B 286 -16.38 -10.19 25.26
C PRO B 286 -16.28 -11.11 24.03
N LEU B 287 -15.05 -11.38 23.61
CA LEU B 287 -14.80 -12.10 22.37
C LEU B 287 -15.23 -13.56 22.43
N THR B 288 -15.80 -14.05 21.33
CA THR B 288 -16.14 -15.46 21.19
C THR B 288 -15.37 -16.04 20.01
N HIS B 289 -15.51 -17.33 19.77
CA HIS B 289 -14.82 -17.99 18.67
C HIS B 289 -15.42 -17.62 17.31
N TRP B 290 -16.52 -16.87 17.33
CA TRP B 290 -17.10 -16.34 16.09
C TRP B 290 -16.43 -15.02 15.70
N TYR B 291 -15.84 -14.35 16.68
CA TYR B 291 -15.18 -13.07 16.47
C TYR B 291 -16.12 -12.09 15.75
N GLN B 292 -15.56 -11.27 14.86
CA GLN B 292 -16.38 -10.48 13.96
C GLN B 292 -15.85 -10.63 12.54
N VAL B 293 -16.68 -10.28 11.56
CA VAL B 293 -16.31 -10.44 10.15
C VAL B 293 -16.35 -9.11 9.41
N ARG B 294 -15.28 -8.80 8.67
CA ARG B 294 -15.24 -7.57 7.89
C ARG B 294 -15.04 -7.85 6.40
N CYS B 295 -15.85 -7.21 5.57
CA CYS B 295 -15.70 -7.31 4.13
C CYS B 295 -15.16 -5.99 3.63
N LEU B 296 -13.96 -6.06 3.06
CA LEU B 296 -13.25 -4.91 2.53
C LEU B 296 -13.79 -4.49 1.17
N PHE B 297 -13.82 -3.20 0.92
CA PHE B 297 -14.03 -2.69 -0.42
C PHE B 297 -12.70 -2.72 -1.16
N GLN B 298 -12.73 -2.99 -2.46
CA GLN B 298 -11.51 -2.92 -3.26
C GLN B 298 -11.08 -1.46 -3.36
N SER B 299 -12.07 -0.57 -3.37
CA SER B 299 -11.80 0.85 -3.33
C SER B 299 -12.56 1.47 -2.16
N PRO B 300 -11.84 2.14 -1.27
CA PRO B 300 -12.55 2.76 -0.13
C PRO B 300 -13.38 3.96 -0.58
N LEU B 301 -14.43 4.27 0.16
CA LEU B 301 -15.29 5.41 -0.18
C LEU B 301 -15.11 6.53 0.81
N PHE B 302 -14.91 7.75 0.35
CA PHE B 302 -14.83 8.85 1.28
C PHE B 302 -16.22 9.37 1.59
N ALA B 303 -16.50 9.57 2.87
CA ALA B 303 -17.77 10.18 3.27
C ALA B 303 -17.56 11.12 4.44
N LYS B 304 -18.30 12.22 4.50
CA LYS B 304 -18.27 13.09 5.68
C LYS B 304 -19.46 12.85 6.58
N ALA B 305 -19.29 13.25 7.84
CA ALA B 305 -20.34 13.11 8.83
C ALA B 305 -21.62 13.78 8.35
N GLY B 306 -22.73 13.07 8.47
CA GLY B 306 -24.01 13.58 8.02
C GLY B 306 -24.40 13.05 6.66
N ASP B 307 -23.44 12.51 5.93
CA ASP B 307 -23.71 11.89 4.63
C ASP B 307 -24.49 10.60 4.83
N THR B 308 -24.98 10.04 3.73
CA THR B 308 -25.72 8.80 3.76
C THR B 308 -25.03 7.75 2.91
N LEU B 309 -24.79 6.58 3.50
CA LEU B 309 -24.18 5.46 2.78
C LEU B 309 -25.22 4.37 2.56
N SER B 310 -25.63 4.15 1.31
CA SER B 310 -26.72 3.21 1.04
C SER B 310 -26.33 2.15 0.03
N GLY B 311 -27.06 1.04 0.05
CA GLY B 311 -26.83 -0.06 -0.86
C GLY B 311 -27.37 -1.36 -0.29
N THR B 312 -26.93 -2.47 -0.86
CA THR B 312 -27.40 -3.78 -0.43
C THR B 312 -26.23 -4.76 -0.26
N CYS B 313 -26.41 -5.62 0.73
CA CYS B 313 -25.57 -6.79 0.95
C CYS B 313 -26.37 -8.03 0.58
N LEU B 314 -25.95 -8.68 -0.50
CA LEU B 314 -26.69 -9.83 -1.04
C LEU B 314 -25.93 -11.14 -0.84
N LEU B 315 -26.58 -12.10 -0.19
CA LEU B 315 -26.01 -13.42 0.06
C LEU B 315 -26.69 -14.49 -0.79
N ILE B 316 -25.92 -15.12 -1.68
CA ILE B 316 -26.44 -16.20 -2.51
C ILE B 316 -25.81 -17.53 -2.10
N ALA B 317 -26.64 -18.48 -1.70
CA ALA B 317 -26.13 -19.76 -1.21
C ALA B 317 -25.51 -20.57 -2.35
N ASN B 318 -24.40 -21.25 -2.05
CA ASN B 318 -23.74 -22.11 -3.04
C ASN B 318 -23.66 -23.54 -2.51
N LYS B 319 -23.19 -24.44 -3.36
CA LYS B 319 -23.19 -25.87 -3.06
C LYS B 319 -22.02 -26.28 -2.16
N ARG B 320 -21.22 -25.30 -1.74
CA ARG B 320 -20.11 -25.56 -0.82
C ARG B 320 -20.48 -25.18 0.61
N GLN B 321 -21.76 -25.28 0.94
CA GLN B 321 -22.22 -25.00 2.30
C GLN B 321 -21.86 -23.59 2.74
N SER B 322 -21.93 -22.64 1.82
CA SER B 322 -21.63 -21.25 2.14
C SER B 322 -22.35 -20.30 1.20
N TYR B 323 -21.87 -19.05 1.15
CA TYR B 323 -22.53 -18.02 0.38
C TYR B 323 -21.54 -17.24 -0.48
N ASP B 324 -22.01 -16.85 -1.66
CA ASP B 324 -21.34 -15.84 -2.45
C ASP B 324 -21.92 -14.51 -2.01
N ILE B 325 -21.03 -13.63 -1.55
CA ILE B 325 -21.41 -12.33 -1.02
C ILE B 325 -21.19 -11.24 -2.05
N SER B 326 -22.23 -10.47 -2.35
CA SER B 326 -22.06 -9.29 -3.18
C SER B 326 -22.46 -8.05 -2.38
N ILE B 327 -21.53 -7.11 -2.26
CA ILE B 327 -21.79 -5.88 -1.53
C ILE B 327 -21.70 -4.71 -2.47
N VAL B 328 -22.76 -3.91 -2.51
CA VAL B 328 -22.72 -2.66 -3.24
C VAL B 328 -23.02 -1.53 -2.27
N ALA B 329 -22.22 -0.47 -2.32
CA ALA B 329 -22.39 0.64 -1.41
C ALA B 329 -22.19 1.95 -2.15
N GLN B 330 -22.96 2.96 -1.77
CA GLN B 330 -22.87 4.24 -2.44
C GLN B 330 -22.99 5.40 -1.47
N VAL B 331 -22.18 6.43 -1.67
CA VAL B 331 -22.35 7.69 -0.96
C VAL B 331 -23.38 8.50 -1.75
N ASP B 332 -24.57 8.63 -1.20
CA ASP B 332 -25.69 9.22 -1.92
C ASP B 332 -25.43 10.66 -2.36
N GLN B 333 -24.76 11.43 -1.51
CA GLN B 333 -24.55 12.85 -1.79
C GLN B 333 -23.59 13.10 -2.96
N THR B 334 -22.74 12.12 -3.26
CA THR B 334 -21.73 12.28 -4.31
C THR B 334 -21.85 11.27 -5.44
N GLY B 335 -22.51 10.15 -5.16
CA GLY B 335 -22.65 9.09 -6.15
C GLY B 335 -21.43 8.19 -6.22
N SER B 336 -20.50 8.35 -5.27
CA SER B 336 -19.35 7.47 -5.19
C SER B 336 -19.83 6.08 -4.82
N LYS B 337 -19.63 5.13 -5.73
CA LYS B 337 -20.17 3.79 -5.57
C LYS B 337 -19.02 2.80 -5.54
N SER B 338 -19.20 1.73 -4.78
CA SER B 338 -18.22 0.65 -4.76
C SER B 338 -18.98 -0.67 -4.78
N SER B 339 -18.40 -1.64 -5.46
CA SER B 339 -19.02 -2.95 -5.60
C SER B 339 -17.97 -3.97 -5.21
N ASN B 340 -18.40 -5.07 -4.62
CA ASN B 340 -17.47 -6.11 -4.22
C ASN B 340 -18.09 -7.50 -4.12
N LEU B 341 -17.25 -8.50 -4.37
CA LEU B 341 -17.65 -9.90 -4.28
C LEU B 341 -16.73 -10.67 -3.33
N LEU B 342 -17.32 -11.40 -2.39
CA LEU B 342 -16.55 -12.16 -1.42
C LEU B 342 -17.01 -13.61 -1.36
N ASP B 343 -16.07 -14.49 -1.02
CA ASP B 343 -16.33 -15.91 -0.88
C ASP B 343 -16.27 -16.27 0.60
N LEU B 344 -17.45 -16.39 1.21
CA LEU B 344 -17.54 -16.57 2.66
C LEU B 344 -16.97 -17.89 3.17
N LYS B 345 -16.84 -18.86 2.27
CA LYS B 345 -16.41 -20.20 2.65
C LYS B 345 -14.95 -20.20 3.09
N ASN B 346 -14.18 -19.26 2.54
CA ASN B 346 -12.73 -19.24 2.76
C ASN B 346 -12.22 -17.88 3.24
N PRO B 347 -12.52 -17.54 4.50
CA PRO B 347 -12.12 -16.26 5.09
C PRO B 347 -10.66 -16.21 5.49
N PHE B 348 -10.19 -15.02 5.82
CA PHE B 348 -8.83 -14.83 6.32
C PHE B 348 -8.85 -14.59 7.82
N PHE B 349 -8.34 -15.57 8.55
CA PHE B 349 -8.27 -15.49 10.00
C PHE B 349 -7.02 -14.71 10.37
N ARG B 350 -7.24 -13.48 10.80
CA ARG B 350 -6.17 -12.51 11.00
C ARG B 350 -5.74 -12.44 12.47
N TYR B 351 -6.62 -12.86 13.37
CA TYR B 351 -6.34 -12.80 14.79
C TYR B 351 -5.07 -13.55 15.13
N SER C 10 -2.66 36.29 -30.09
CA SER C 10 -3.81 35.93 -29.27
C SER C 10 -3.88 36.82 -28.04
N VAL C 11 -5.09 36.97 -27.50
CA VAL C 11 -5.30 37.78 -26.29
C VAL C 11 -4.43 37.27 -25.15
N PHE C 12 -4.35 35.96 -24.99
CA PHE C 12 -3.58 35.38 -23.90
C PHE C 12 -2.11 35.75 -24.04
N SER C 13 -1.56 35.56 -25.22
CA SER C 13 -0.14 35.81 -25.45
C SER C 13 0.19 37.28 -25.26
N GLU C 14 -0.76 38.15 -25.61
CA GLU C 14 -0.52 39.58 -25.52
C GLU C 14 -0.44 40.07 -24.08
N ARG C 15 -1.14 39.40 -23.17
CA ARG C 15 -1.16 39.81 -21.77
C ARG C 15 -0.27 38.95 -20.87
N THR C 16 0.47 38.02 -21.45
CA THR C 16 1.26 37.08 -20.66
C THR C 16 2.69 36.92 -21.17
N GLU C 17 3.66 37.10 -20.27
CA GLU C 17 5.06 36.79 -20.58
C GLU C 17 5.16 35.28 -20.75
N GLU C 18 5.86 34.86 -21.80
CA GLU C 18 5.97 33.44 -22.14
C GLU C 18 6.46 32.58 -20.95
N SER C 19 7.54 33.00 -20.31
CA SER C 19 8.16 32.22 -19.23
C SER C 19 7.14 31.90 -18.13
N SER C 20 6.29 32.87 -17.83
CA SER C 20 5.28 32.72 -16.79
C SER C 20 4.27 31.67 -17.24
N ALA C 21 3.88 31.73 -18.51
CA ALA C 21 2.92 30.80 -19.07
C ALA C 21 3.48 29.37 -19.06
N VAL C 22 4.75 29.24 -19.43
CA VAL C 22 5.42 27.95 -19.43
C VAL C 22 5.32 27.36 -18.02
N GLN C 23 5.81 28.11 -17.04
CA GLN C 23 5.76 27.65 -15.66
C GLN C 23 4.33 27.29 -15.26
N TYR C 24 3.41 28.17 -15.64
CA TYR C 24 2.02 28.06 -15.25
C TYR C 24 1.42 26.75 -15.71
N PHE C 25 1.52 26.44 -17.01
CA PHE C 25 0.87 25.24 -17.51
C PHE C 25 1.69 23.99 -17.17
N GLN C 26 2.98 24.14 -16.92
CA GLN C 26 3.74 23.01 -16.41
C GLN C 26 3.21 22.60 -15.04
N PHE C 27 2.90 23.58 -14.19
CA PHE C 27 2.31 23.30 -12.89
C PHE C 27 1.03 22.45 -12.97
N TYR C 28 0.14 22.77 -13.92
CA TYR C 28 -1.16 22.10 -14.01
C TYR C 28 -1.15 20.81 -14.83
N GLY C 29 0.03 20.39 -15.27
CA GLY C 29 0.15 19.16 -16.03
C GLY C 29 0.35 17.92 -15.19
N TYR C 30 0.51 18.12 -13.89
CA TYR C 30 0.73 16.99 -12.97
C TYR C 30 -0.56 16.44 -12.41
N LEU C 31 -0.69 15.12 -12.42
CA LEU C 31 -1.86 14.44 -11.88
C LEU C 31 -1.97 14.64 -10.38
N SER C 32 -0.83 14.73 -9.71
CA SER C 32 -0.81 14.96 -8.28
C SER C 32 -1.48 16.30 -7.95
N GLN C 33 -1.24 17.27 -8.83
CA GLN C 33 -1.84 18.59 -8.70
C GLN C 33 -3.36 18.51 -8.85
N GLN C 34 -3.81 17.78 -9.87
CA GLN C 34 -5.24 17.56 -10.10
C GLN C 34 -5.86 16.89 -8.87
N GLN C 35 -5.19 15.83 -8.43
CA GLN C 35 -5.60 15.04 -7.30
C GLN C 35 -5.80 15.91 -6.06
N ASN C 36 -4.86 16.80 -5.82
CA ASN C 36 -4.93 17.66 -4.65
C ASN C 36 -6.23 18.48 -4.59
N MET C 37 -6.68 19.02 -5.72
CA MET C 37 -7.91 19.80 -5.73
C MET C 37 -9.10 18.87 -5.66
N MET C 38 -8.99 17.72 -6.32
CA MET C 38 -10.07 16.74 -6.27
C MET C 38 -10.30 16.24 -4.83
N GLN C 39 -9.24 16.18 -4.04
CA GLN C 39 -9.32 15.68 -2.67
C GLN C 39 -9.89 16.70 -1.70
N ASP C 40 -10.09 17.93 -2.16
CA ASP C 40 -10.82 18.93 -1.40
C ASP C 40 -12.31 18.66 -1.52
N TYR C 41 -12.87 17.98 -0.52
CA TYR C 41 -14.25 17.49 -0.61
C TYR C 41 -15.24 18.63 -0.76
N VAL C 42 -14.97 19.74 -0.06
CA VAL C 42 -15.85 20.90 -0.10
C VAL C 42 -15.91 21.47 -1.51
N ARG C 43 -14.73 21.67 -2.10
CA ARG C 43 -14.61 22.22 -3.44
C ARG C 43 -15.34 21.35 -4.47
N THR C 44 -14.94 20.09 -4.54
CA THR C 44 -15.43 19.17 -5.56
C THR C 44 -16.92 18.88 -5.34
N GLY C 45 -17.28 18.64 -4.08
CA GLY C 45 -18.64 18.33 -3.73
C GLY C 45 -19.56 19.50 -4.02
N THR C 46 -19.11 20.71 -3.70
CA THR C 46 -19.92 21.89 -3.95
C THR C 46 -20.13 22.09 -5.45
N TYR C 47 -19.07 21.93 -6.24
CA TYR C 47 -19.25 22.02 -7.69
C TYR C 47 -20.27 20.98 -8.18
N GLN C 48 -20.12 19.74 -7.75
CA GLN C 48 -21.04 18.68 -8.14
C GLN C 48 -22.48 19.00 -7.73
N ARG C 49 -22.63 19.52 -6.52
CA ARG C 49 -23.94 19.86 -5.99
C ARG C 49 -24.59 20.97 -6.81
N ALA C 50 -23.80 22.01 -7.11
CA ALA C 50 -24.31 23.15 -7.84
C ALA C 50 -24.78 22.72 -9.22
N ILE C 51 -24.04 21.82 -9.84
CA ILE C 51 -24.43 21.35 -11.17
C ILE C 51 -25.63 20.42 -11.12
N LEU C 52 -25.59 19.43 -10.23
CA LEU C 52 -26.60 18.39 -10.19
C LEU C 52 -27.96 18.87 -9.66
N GLN C 53 -27.96 19.75 -8.66
CA GLN C 53 -29.22 20.27 -8.13
C GLN C 53 -29.85 21.29 -9.08
N ASN C 54 -29.07 21.75 -10.05
CA ASN C 54 -29.59 22.63 -11.10
C ASN C 54 -29.60 21.91 -12.44
N HIS C 55 -30.08 20.66 -12.42
CA HIS C 55 -30.04 19.80 -13.59
C HIS C 55 -30.79 20.39 -14.80
N THR C 56 -31.79 21.21 -14.54
CA THR C 56 -32.56 21.82 -15.63
C THR C 56 -31.71 22.81 -16.41
N ASP C 57 -30.61 23.26 -15.82
CA ASP C 57 -29.68 24.16 -16.49
C ASP C 57 -28.70 23.40 -17.39
N PHE C 58 -28.77 22.07 -17.36
CA PHE C 58 -27.84 21.25 -18.13
C PHE C 58 -28.53 20.25 -19.05
N LYS C 59 -29.76 19.87 -18.72
CA LYS C 59 -30.49 18.87 -19.51
C LYS C 59 -30.56 19.21 -20.99
N ASP C 60 -29.89 18.40 -21.82
CA ASP C 60 -29.90 18.56 -23.27
C ASP C 60 -29.34 19.90 -23.72
N LYS C 61 -28.37 20.43 -22.99
CA LYS C 61 -27.80 21.74 -23.29
C LYS C 61 -26.39 21.60 -23.88
N ILE C 62 -25.93 22.66 -24.54
CA ILE C 62 -24.55 22.72 -24.99
C ILE C 62 -23.73 23.39 -23.90
N VAL C 63 -22.59 22.79 -23.54
CA VAL C 63 -21.80 23.26 -22.41
C VAL C 63 -20.38 23.57 -22.84
N LEU C 64 -19.82 24.65 -22.28
CA LEU C 64 -18.38 24.90 -22.43
C LEU C 64 -17.68 24.79 -21.08
N ASP C 65 -16.69 23.90 -21.00
CA ASP C 65 -15.88 23.75 -19.79
C ASP C 65 -14.52 24.40 -19.99
N VAL C 66 -14.28 25.52 -19.30
CA VAL C 66 -13.04 26.29 -19.51
C VAL C 66 -11.94 25.85 -18.54
N GLY C 67 -10.87 25.27 -19.07
CA GLY C 67 -9.78 24.77 -18.26
C GLY C 67 -10.19 23.52 -17.52
N CYS C 68 -10.60 22.52 -18.28
CA CYS C 68 -11.28 21.35 -17.75
C CYS C 68 -10.36 20.44 -16.94
N GLY C 69 -9.06 20.62 -17.07
CA GLY C 69 -8.10 19.76 -16.41
C GLY C 69 -8.31 18.31 -16.78
N SER C 70 -8.50 17.46 -15.79
CA SER C 70 -8.77 16.04 -16.03
C SER C 70 -10.20 15.84 -16.53
N GLY C 71 -11.02 16.87 -16.43
CA GLY C 71 -12.37 16.83 -16.98
C GLY C 71 -13.51 16.58 -16.01
N ILE C 72 -13.25 16.76 -14.72
CA ILE C 72 -14.21 16.41 -13.68
C ILE C 72 -15.58 17.13 -13.81
N LEU C 73 -15.53 18.43 -14.07
CA LEU C 73 -16.75 19.23 -14.14
C LEU C 73 -17.59 18.85 -15.36
N SER C 74 -16.92 18.45 -16.44
CA SER C 74 -17.61 18.00 -17.63
C SER C 74 -18.36 16.70 -17.34
N PHE C 75 -17.76 15.84 -16.55
CA PHE C 75 -18.41 14.58 -16.17
C PHE C 75 -19.61 14.91 -15.31
N PHE C 76 -19.47 15.88 -14.42
CA PHE C 76 -20.64 16.34 -13.67
C PHE C 76 -21.72 16.91 -14.59
N ALA C 77 -21.32 17.70 -15.58
CA ALA C 77 -22.28 18.22 -16.56
C ALA C 77 -22.97 17.08 -17.30
N ALA C 78 -22.23 16.03 -17.59
CA ALA C 78 -22.79 14.84 -18.23
C ALA C 78 -23.79 14.14 -17.31
N GLN C 79 -23.42 13.98 -16.04
CA GLN C 79 -24.32 13.37 -15.07
C GLN C 79 -25.63 14.16 -14.97
N ALA C 80 -25.56 15.47 -15.21
CA ALA C 80 -26.72 16.33 -15.12
C ALA C 80 -27.57 16.28 -16.40
N GLY C 81 -27.05 15.63 -17.43
CA GLY C 81 -27.81 15.40 -18.65
C GLY C 81 -27.49 16.28 -19.85
N ALA C 82 -26.29 16.86 -19.88
CA ALA C 82 -25.89 17.71 -21.00
C ALA C 82 -25.84 16.91 -22.30
N ARG C 83 -26.20 17.56 -23.41
CA ARG C 83 -26.19 16.91 -24.72
C ARG C 83 -24.78 16.89 -25.30
N LYS C 84 -24.08 18.01 -25.17
CA LYS C 84 -22.72 18.17 -25.68
C LYS C 84 -21.90 19.10 -24.81
N ILE C 85 -20.69 18.64 -24.47
CA ILE C 85 -19.77 19.43 -23.65
C ILE C 85 -18.45 19.59 -24.39
N TYR C 86 -18.07 20.83 -24.64
CA TYR C 86 -16.75 21.15 -25.18
C TYR C 86 -15.80 21.47 -24.04
N ALA C 87 -14.84 20.59 -23.80
CA ALA C 87 -13.94 20.72 -22.67
C ALA C 87 -12.56 21.20 -23.13
N VAL C 88 -12.23 22.45 -22.80
CA VAL C 88 -10.99 23.07 -23.25
C VAL C 88 -9.95 23.09 -22.13
N GLU C 89 -8.72 22.68 -22.45
CA GLU C 89 -7.63 22.67 -21.48
C GLU C 89 -6.30 22.92 -22.20
N ALA C 90 -5.51 23.85 -21.65
CA ALA C 90 -4.30 24.30 -22.32
C ALA C 90 -3.05 23.51 -21.93
N SER C 91 -3.06 22.92 -20.74
CA SER C 91 -1.93 22.10 -20.29
C SER C 91 -2.00 20.70 -20.90
N THR C 92 -0.99 19.88 -20.62
CA THR C 92 -0.94 18.53 -21.18
C THR C 92 -1.98 17.61 -20.54
N MET C 93 -2.58 18.08 -19.45
CA MET C 93 -3.60 17.31 -18.75
C MET C 93 -4.71 16.94 -19.72
N ALA C 94 -4.85 17.74 -20.77
CA ALA C 94 -5.88 17.54 -21.77
C ALA C 94 -5.82 16.12 -22.33
N GLN C 95 -4.63 15.55 -22.45
CA GLN C 95 -4.55 14.19 -22.96
C GLN C 95 -5.21 13.25 -21.95
N HIS C 96 -5.02 13.53 -20.66
CA HIS C 96 -5.52 12.64 -19.62
C HIS C 96 -7.03 12.71 -19.57
N ALA C 97 -7.57 13.91 -19.82
CA ALA C 97 -9.01 14.08 -19.89
C ALA C 97 -9.58 13.25 -21.02
N GLU C 98 -8.88 13.26 -22.15
CA GLU C 98 -9.31 12.50 -23.32
C GLU C 98 -9.38 11.02 -22.98
N VAL C 99 -8.42 10.55 -22.20
CA VAL C 99 -8.37 9.16 -21.76
C VAL C 99 -9.62 8.83 -20.94
N LEU C 100 -9.95 9.70 -19.99
CA LEU C 100 -11.08 9.45 -19.10
C LEU C 100 -12.39 9.50 -19.86
N VAL C 101 -12.50 10.42 -20.81
CA VAL C 101 -13.68 10.54 -21.64
C VAL C 101 -13.90 9.21 -22.37
N LYS C 102 -12.82 8.63 -22.86
CA LYS C 102 -12.89 7.37 -23.58
C LYS C 102 -13.27 6.21 -22.65
N SER C 103 -12.60 6.13 -21.50
CA SER C 103 -12.83 5.04 -20.56
C SER C 103 -14.19 5.14 -19.87
N ASN C 104 -14.78 6.33 -19.88
CA ASN C 104 -16.09 6.52 -19.26
C ASN C 104 -17.19 6.49 -20.33
N ASN C 105 -16.82 6.12 -21.55
CA ASN C 105 -17.77 5.93 -22.64
C ASN C 105 -18.63 7.16 -22.90
N LEU C 106 -18.00 8.33 -22.91
CA LEU C 106 -18.72 9.58 -23.11
C LEU C 106 -18.16 10.37 -24.28
N THR C 107 -17.51 9.66 -25.20
CA THR C 107 -16.91 10.29 -26.38
C THR C 107 -17.97 10.96 -27.25
N ASP C 108 -19.22 10.51 -27.11
CA ASP C 108 -20.32 11.03 -27.90
C ASP C 108 -20.92 12.30 -27.28
N ARG C 109 -20.52 12.61 -26.05
CA ARG C 109 -21.11 13.73 -25.33
C ARG C 109 -20.05 14.75 -24.95
N ILE C 110 -18.82 14.29 -24.73
CA ILE C 110 -17.71 15.16 -24.36
C ILE C 110 -16.62 15.22 -25.43
N VAL C 111 -16.27 16.45 -25.84
CA VAL C 111 -15.17 16.67 -26.76
C VAL C 111 -14.05 17.47 -26.10
N VAL C 112 -12.91 16.83 -25.89
CA VAL C 112 -11.74 17.48 -25.32
C VAL C 112 -11.02 18.25 -26.42
N ILE C 113 -10.76 19.53 -26.17
CA ILE C 113 -10.06 20.39 -27.13
C ILE C 113 -8.78 20.93 -26.50
N PRO C 114 -7.62 20.36 -26.87
CA PRO C 114 -6.37 20.85 -26.28
C PRO C 114 -6.05 22.27 -26.76
N GLY C 115 -5.70 23.16 -25.83
CA GLY C 115 -5.30 24.50 -26.19
C GLY C 115 -5.89 25.57 -25.28
N LYS C 116 -5.49 26.80 -25.52
CA LYS C 116 -5.99 27.93 -24.75
C LYS C 116 -7.34 28.39 -25.29
N VAL C 117 -8.27 28.69 -24.38
CA VAL C 117 -9.63 29.02 -24.75
C VAL C 117 -9.67 30.28 -25.62
N GLU C 118 -8.63 31.10 -25.50
CA GLU C 118 -8.54 32.32 -26.31
C GLU C 118 -8.08 32.04 -27.73
N GLU C 119 -7.60 30.81 -27.99
CA GLU C 119 -6.91 30.52 -29.25
C GLU C 119 -7.57 29.40 -30.06
N VAL C 120 -8.22 28.46 -29.38
CA VAL C 120 -8.84 27.33 -30.05
C VAL C 120 -10.06 27.73 -30.86
N SER C 121 -10.56 26.79 -31.65
CA SER C 121 -11.77 27.01 -32.42
C SER C 121 -12.92 26.19 -31.87
N LEU C 122 -14.04 26.86 -31.57
CA LEU C 122 -15.25 26.17 -31.14
C LEU C 122 -16.28 26.23 -32.28
N PRO C 123 -17.00 25.12 -32.52
CA PRO C 123 -17.94 25.12 -33.65
C PRO C 123 -19.25 25.89 -33.45
N GLU C 124 -19.72 25.98 -32.22
CA GLU C 124 -21.04 26.54 -31.96
C GLU C 124 -21.14 27.30 -30.65
N GLN C 125 -22.22 28.06 -30.49
CA GLN C 125 -22.47 28.77 -29.25
C GLN C 125 -23.02 27.79 -28.23
N VAL C 126 -22.77 28.07 -26.96
CA VAL C 126 -23.17 27.16 -25.88
C VAL C 126 -24.25 27.80 -25.02
N ASP C 127 -24.93 26.97 -24.23
CA ASP C 127 -25.98 27.45 -23.35
C ASP C 127 -25.41 27.86 -22.00
N ILE C 128 -24.29 27.26 -21.60
CA ILE C 128 -23.71 27.56 -20.30
C ILE C 128 -22.20 27.29 -20.27
N ILE C 129 -21.48 28.15 -19.55
CA ILE C 129 -20.04 27.94 -19.36
C ILE C 129 -19.76 27.53 -17.92
N ILE C 130 -19.03 26.44 -17.75
CA ILE C 130 -18.58 26.01 -16.42
C ILE C 130 -17.07 26.14 -16.33
N SER C 131 -16.58 26.49 -15.14
CA SER C 131 -15.15 26.68 -14.93
C SER C 131 -14.78 26.83 -13.46
N GLU C 132 -13.49 26.67 -13.17
CA GLU C 132 -12.93 26.96 -11.84
C GLU C 132 -11.71 27.85 -11.99
N PRO C 133 -11.94 29.14 -12.29
CA PRO C 133 -10.85 30.07 -12.60
C PRO C 133 -10.24 30.77 -11.38
N MET C 134 -10.78 30.53 -10.19
CA MET C 134 -10.36 31.25 -8.99
C MET C 134 -8.94 30.88 -8.55
N GLY C 135 -8.16 31.90 -8.21
CA GLY C 135 -6.86 31.74 -7.61
C GLY C 135 -6.85 32.35 -6.21
N TYR C 136 -5.67 32.54 -5.64
CA TYR C 136 -5.56 33.19 -4.33
C TYR C 136 -6.24 34.56 -4.38
N MET C 137 -6.99 34.87 -3.32
CA MET C 137 -7.81 36.09 -3.24
C MET C 137 -8.61 36.28 -4.53
N LEU C 138 -9.07 35.17 -5.10
CA LEU C 138 -9.86 35.11 -6.33
C LEU C 138 -9.12 35.46 -7.62
N PHE C 139 -8.43 36.60 -7.67
CA PHE C 139 -7.94 37.12 -8.94
C PHE C 139 -6.57 36.56 -9.38
N ASN C 140 -5.81 35.99 -8.47
CA ASN C 140 -4.47 35.51 -8.82
C ASN C 140 -4.57 34.48 -9.96
N GLU C 141 -3.57 34.51 -10.84
CA GLU C 141 -3.50 33.68 -12.05
C GLU C 141 -4.22 34.31 -13.22
N ARG C 142 -5.08 35.30 -12.95
CA ARG C 142 -5.73 36.07 -14.00
C ARG C 142 -6.59 35.21 -14.92
N MET C 143 -7.10 34.08 -14.43
CA MET C 143 -7.90 33.20 -15.29
C MET C 143 -9.35 33.65 -15.42
N LEU C 144 -9.83 34.48 -14.51
CA LEU C 144 -11.17 35.04 -14.65
C LEU C 144 -11.34 35.71 -16.00
N GLU C 145 -10.25 36.29 -16.51
CA GLU C 145 -10.27 36.94 -17.81
C GLU C 145 -10.52 35.94 -18.94
N SER C 146 -9.97 34.74 -18.80
CA SER C 146 -10.21 33.68 -19.78
C SER C 146 -11.68 33.27 -19.73
N TYR C 147 -12.17 33.15 -18.51
CA TYR C 147 -13.54 32.77 -18.23
C TYR C 147 -14.51 33.78 -18.86
N LEU C 148 -14.22 35.06 -18.67
CA LEU C 148 -15.04 36.12 -19.26
C LEU C 148 -14.83 36.19 -20.77
N HIS C 149 -13.60 35.95 -21.20
CA HIS C 149 -13.29 35.91 -22.63
C HIS C 149 -14.14 34.85 -23.32
N ALA C 150 -14.33 33.72 -22.66
CA ALA C 150 -15.10 32.62 -23.24
C ALA C 150 -16.56 32.97 -23.56
N LYS C 151 -17.07 34.09 -23.07
CA LYS C 151 -18.47 34.43 -23.33
C LYS C 151 -18.75 34.78 -24.79
N LYS C 152 -17.70 34.86 -25.60
CA LYS C 152 -17.90 35.06 -27.04
C LYS C 152 -18.58 33.82 -27.63
N TYR C 153 -18.50 32.71 -26.90
CA TYR C 153 -19.13 31.45 -27.33
C TYR C 153 -20.46 31.22 -26.61
N LEU C 154 -20.88 32.16 -25.77
CA LEU C 154 -22.09 32.02 -25.00
C LEU C 154 -23.29 32.68 -25.68
N LYS C 155 -24.39 31.95 -25.80
CA LYS C 155 -25.61 32.54 -26.32
C LYS C 155 -26.10 33.65 -25.40
N PRO C 156 -26.81 34.65 -25.96
CA PRO C 156 -27.47 35.58 -25.06
C PRO C 156 -28.40 34.78 -24.14
N SER C 157 -28.66 35.26 -22.94
CA SER C 157 -29.51 34.53 -21.98
C SER C 157 -28.83 33.25 -21.47
N GLY C 158 -27.56 33.07 -21.82
CA GLY C 158 -26.78 31.92 -21.39
C GLY C 158 -26.36 32.10 -19.94
N ASN C 159 -25.77 31.08 -19.34
CA ASN C 159 -25.38 31.18 -17.93
C ASN C 159 -23.90 30.85 -17.66
N MET C 160 -23.44 31.27 -16.48
CA MET C 160 -22.07 31.06 -16.05
C MET C 160 -22.05 30.36 -14.70
N PHE C 161 -21.31 29.26 -14.61
CA PHE C 161 -21.12 28.56 -13.35
C PHE C 161 -19.61 28.51 -13.03
N PRO C 162 -19.17 29.33 -12.06
CA PRO C 162 -19.93 30.20 -11.16
C PRO C 162 -20.50 31.44 -11.83
N THR C 163 -21.50 32.04 -11.19
CA THR C 163 -22.21 33.18 -11.77
C THR C 163 -21.62 34.49 -11.26
N ILE C 164 -21.27 34.52 -9.99
CA ILE C 164 -20.62 35.68 -9.40
C ILE C 164 -19.48 35.26 -8.49
N GLY C 165 -18.58 36.21 -8.26
CA GLY C 165 -17.49 36.04 -7.31
C GLY C 165 -17.39 37.22 -6.37
N ASP C 166 -17.32 36.94 -5.07
CA ASP C 166 -17.18 37.97 -4.04
C ASP C 166 -15.81 37.90 -3.38
N VAL C 167 -15.05 38.98 -3.45
CA VAL C 167 -13.82 39.06 -2.66
C VAL C 167 -14.12 39.87 -1.40
N HIS C 168 -13.69 39.36 -0.27
CA HIS C 168 -13.88 39.99 1.03
C HIS C 168 -12.57 40.47 1.61
N LEU C 169 -12.61 41.70 2.13
CA LEU C 169 -11.49 42.33 2.82
C LEU C 169 -11.87 42.68 4.24
N ALA C 170 -10.95 42.46 5.18
CA ALA C 170 -11.20 42.86 6.57
C ALA C 170 -9.91 43.25 7.30
N PRO C 171 -9.97 44.27 8.16
CA PRO C 171 -8.74 44.59 8.90
C PRO C 171 -8.42 43.54 9.95
N PHE C 172 -7.15 43.28 10.22
CA PHE C 172 -6.81 42.30 11.25
C PHE C 172 -5.72 42.80 12.19
N THR C 173 -5.62 42.15 13.35
CA THR C 173 -4.53 42.38 14.29
C THR C 173 -3.79 41.06 14.52
N ASP C 174 -2.48 41.10 14.29
CA ASP C 174 -1.64 39.93 14.51
C ASP C 174 -0.24 40.42 14.85
N GLU C 175 -0.06 40.78 16.12
CA GLU C 175 1.19 41.37 16.58
C GLU C 175 2.38 40.47 16.24
N GLN C 176 2.19 39.16 16.44
CA GLN C 176 3.25 38.18 16.22
C GLN C 176 3.68 38.14 14.75
N LEU C 177 2.70 38.09 13.86
CA LEU C 177 2.97 38.07 12.43
C LEU C 177 3.77 39.29 12.02
N TYR C 178 3.39 40.45 12.55
CA TYR C 178 4.07 41.69 12.20
C TYR C 178 5.51 41.69 12.71
N MET C 179 5.70 41.35 13.98
CA MET C 179 7.05 41.34 14.58
C MET C 179 7.95 40.26 13.96
N GLU C 180 7.30 39.21 13.47
CA GLU C 180 7.98 38.11 12.80
C GLU C 180 8.89 38.58 11.65
N GLN C 181 8.39 39.55 10.89
CA GLN C 181 9.09 40.00 9.70
C GLN C 181 10.45 40.58 10.09
N PHE C 182 10.46 41.31 11.20
CA PHE C 182 11.67 41.92 11.71
C PHE C 182 12.55 40.90 12.39
N THR C 183 11.95 39.91 13.06
CA THR C 183 12.77 38.86 13.63
C THR C 183 13.56 38.18 12.53
N LYS C 184 12.92 37.91 11.40
CA LYS C 184 13.65 37.30 10.28
C LYS C 184 14.65 38.26 9.63
N ALA C 185 14.25 39.51 9.41
CA ALA C 185 15.14 40.45 8.73
C ALA C 185 16.35 40.83 9.59
N ASN C 186 16.21 40.77 10.90
CA ASN C 186 17.32 41.10 11.80
C ASN C 186 18.47 40.10 11.72
N PHE C 187 18.30 39.02 10.97
CA PHE C 187 19.42 38.15 10.67
C PHE C 187 20.57 38.98 10.12
N TRP C 188 20.24 39.96 9.31
CA TRP C 188 21.24 40.76 8.63
C TRP C 188 21.78 41.89 9.49
N TYR C 189 21.18 42.11 10.66
CA TYR C 189 21.65 43.17 11.53
C TYR C 189 22.66 42.67 12.56
N GLN C 190 23.83 42.28 12.06
CA GLN C 190 24.91 41.82 12.92
C GLN C 190 26.23 42.24 12.26
N PRO C 191 27.16 42.80 13.05
CA PRO C 191 28.41 43.35 12.51
C PRO C 191 29.49 42.32 12.18
N SER C 192 29.26 41.06 12.50
CA SER C 192 30.26 40.04 12.24
C SER C 192 29.67 38.65 12.06
N PHE C 193 28.96 38.45 10.96
CA PHE C 193 28.53 37.11 10.58
C PHE C 193 29.73 36.44 9.91
N HIS C 194 30.42 35.59 10.66
CA HIS C 194 31.66 34.99 10.19
C HIS C 194 32.64 36.07 9.74
N GLY C 195 32.65 37.19 10.45
CA GLY C 195 33.58 38.27 10.17
C GLY C 195 33.06 39.29 9.18
N VAL C 196 31.81 39.14 8.76
CA VAL C 196 31.19 40.05 7.81
C VAL C 196 30.09 40.89 8.44
N ASP C 197 30.14 42.18 8.17
CA ASP C 197 29.09 43.09 8.60
C ASP C 197 27.96 43.03 7.56
N LEU C 198 26.83 42.45 7.94
CA LEU C 198 25.69 42.27 7.04
C LEU C 198 24.68 43.40 7.15
N SER C 199 24.91 44.34 8.06
CA SER C 199 23.88 45.29 8.49
C SER C 199 23.26 46.10 7.35
N ALA C 200 24.07 46.41 6.34
CA ALA C 200 23.64 47.31 5.28
C ALA C 200 22.47 46.75 4.48
N LEU C 201 22.24 45.45 4.59
CA LEU C 201 21.17 44.80 3.84
C LEU C 201 19.91 44.60 4.69
N ARG C 202 19.91 45.04 5.94
CA ARG C 202 18.75 44.81 6.80
C ARG C 202 17.48 45.43 6.20
N GLY C 203 17.58 46.69 5.79
CA GLY C 203 16.45 47.40 5.21
C GLY C 203 15.85 46.69 3.99
N ALA C 204 16.71 46.22 3.11
CA ALA C 204 16.27 45.52 1.91
C ALA C 204 15.56 44.22 2.26
N ALA C 205 16.01 43.58 3.34
CA ALA C 205 15.42 42.33 3.78
C ALA C 205 14.01 42.60 4.27
N VAL C 206 13.87 43.64 5.09
CA VAL C 206 12.56 44.05 5.58
C VAL C 206 11.62 44.35 4.42
N ASP C 207 12.12 45.10 3.43
CA ASP C 207 11.32 45.45 2.26
C ASP C 207 10.80 44.20 1.57
N GLU C 208 11.70 43.24 1.38
CA GLU C 208 11.40 42.02 0.65
C GLU C 208 10.28 41.23 1.33
N TYR C 209 10.33 41.15 2.65
CA TYR C 209 9.34 40.36 3.38
C TYR C 209 7.96 41.02 3.28
N PHE C 210 7.92 42.34 3.35
CA PHE C 210 6.65 43.07 3.34
C PHE C 210 6.00 43.15 1.97
N ARG C 211 6.75 42.81 0.92
CA ARG C 211 6.20 42.76 -0.42
C ARG C 211 5.42 41.48 -0.68
N GLN C 212 5.63 40.47 0.15
CA GLN C 212 4.97 39.18 -0.06
C GLN C 212 3.65 39.07 0.71
N PRO C 213 2.55 38.82 0.01
CA PRO C 213 1.32 38.53 0.76
C PRO C 213 1.46 37.19 1.47
N VAL C 214 0.85 37.06 2.64
CA VAL C 214 0.98 35.85 3.44
C VAL C 214 -0.20 34.92 3.23
N VAL C 215 0.11 33.72 2.76
CA VAL C 215 -0.89 32.67 2.58
C VAL C 215 -0.87 31.72 3.75
N ASP C 216 -1.98 31.69 4.47
CA ASP C 216 -2.21 30.72 5.52
C ASP C 216 -3.62 30.96 6.03
N THR C 217 -3.90 30.44 7.21
CA THR C 217 -5.20 30.60 7.84
C THR C 217 -5.00 31.19 9.22
N PHE C 218 -6.10 31.52 9.89
CA PHE C 218 -6.00 32.17 11.19
C PHE C 218 -7.31 32.05 11.95
N ASP C 219 -7.26 32.43 13.22
CA ASP C 219 -8.45 32.47 14.05
C ASP C 219 -9.24 33.72 13.68
N ILE C 220 -10.55 33.59 13.55
CA ILE C 220 -11.39 34.69 13.09
C ILE C 220 -11.41 35.83 14.12
N ARG C 221 -10.94 35.55 15.32
CA ARG C 221 -10.98 36.54 16.40
C ARG C 221 -9.97 37.67 16.19
N ILE C 222 -9.10 37.53 15.20
CA ILE C 222 -8.12 38.58 14.89
C ILE C 222 -8.79 39.66 14.04
N LEU C 223 -9.97 39.36 13.49
CA LEU C 223 -10.69 40.31 12.65
C LEU C 223 -11.36 41.37 13.49
N MET C 224 -11.15 42.63 13.13
CA MET C 224 -11.56 43.76 13.94
C MET C 224 -12.77 44.49 13.37
N ALA C 225 -13.29 44.00 12.23
CA ALA C 225 -14.48 44.59 11.64
C ALA C 225 -15.13 43.64 10.63
N LYS C 226 -16.41 43.89 10.35
CA LYS C 226 -17.14 43.15 9.34
C LYS C 226 -16.42 43.41 8.02
N SER C 227 -16.31 42.39 7.17
CA SER C 227 -15.56 42.56 5.92
C SER C 227 -16.30 43.45 4.93
N VAL C 228 -15.54 44.03 4.01
CA VAL C 228 -16.12 44.75 2.89
C VAL C 228 -16.02 43.83 1.70
N LYS C 229 -17.08 43.80 0.91
CA LYS C 229 -17.22 42.85 -0.18
C LYS C 229 -17.19 43.54 -1.54
N TYR C 230 -16.44 42.95 -2.47
CA TYR C 230 -16.39 43.43 -3.84
C TYR C 230 -16.85 42.29 -4.76
N THR C 231 -17.84 42.59 -5.60
CA THR C 231 -18.52 41.58 -6.39
C THR C 231 -18.19 41.69 -7.88
N VAL C 232 -17.85 40.54 -8.47
CA VAL C 232 -17.71 40.41 -9.91
C VAL C 232 -18.87 39.57 -10.40
N ASN C 233 -19.72 40.17 -11.22
CA ASN C 233 -20.80 39.44 -11.87
C ASN C 233 -20.32 38.94 -13.22
N PHE C 234 -20.08 37.64 -13.33
CA PHE C 234 -19.46 37.07 -14.53
C PHE C 234 -20.38 37.16 -15.74
N LEU C 235 -21.69 37.26 -15.50
CA LEU C 235 -22.64 37.43 -16.61
C LEU C 235 -22.53 38.82 -17.24
N GLU C 236 -22.10 39.81 -16.47
CA GLU C 236 -22.13 41.19 -16.91
C GLU C 236 -20.74 41.72 -17.23
N ALA C 237 -19.73 41.19 -16.55
CA ALA C 237 -18.37 41.71 -16.63
C ALA C 237 -17.70 41.46 -17.98
N LYS C 238 -16.79 42.36 -18.33
CA LYS C 238 -15.95 42.15 -19.50
C LYS C 238 -14.58 41.78 -18.92
N GLU C 239 -13.74 41.08 -19.67
CA GLU C 239 -12.41 40.74 -19.15
C GLU C 239 -11.68 42.03 -18.76
N GLY C 240 -11.81 43.06 -19.58
CA GLY C 240 -11.10 44.30 -19.36
C GLY C 240 -11.39 44.91 -18.00
N ASP C 241 -12.52 44.54 -17.40
CA ASP C 241 -12.89 45.04 -16.07
C ASP C 241 -11.94 44.54 -14.99
N LEU C 242 -11.13 43.53 -15.30
CA LEU C 242 -10.25 42.94 -14.30
C LEU C 242 -8.79 43.31 -14.49
N HIS C 243 -8.52 44.24 -15.40
CA HIS C 243 -7.15 44.75 -15.61
C HIS C 243 -6.76 45.73 -14.52
N ARG C 244 -7.76 46.47 -14.04
CA ARG C 244 -7.57 47.43 -12.95
C ARG C 244 -8.74 47.31 -12.00
N ILE C 245 -8.48 46.79 -10.81
CA ILE C 245 -9.57 46.57 -9.85
C ILE C 245 -9.39 47.50 -8.66
N GLU C 246 -10.27 48.48 -8.52
CA GLU C 246 -10.21 49.41 -7.40
C GLU C 246 -11.28 49.02 -6.38
N ILE C 247 -10.82 48.63 -5.20
CA ILE C 247 -11.71 48.20 -4.13
C ILE C 247 -11.61 49.23 -3.01
N PRO C 248 -12.54 50.20 -3.00
CA PRO C 248 -12.55 51.13 -1.87
C PRO C 248 -13.04 50.43 -0.62
N PHE C 249 -12.57 50.85 0.55
CA PHE C 249 -13.07 50.28 1.79
C PHE C 249 -13.19 51.35 2.87
N LYS C 250 -14.19 51.13 3.71
CA LYS C 250 -14.48 51.91 4.90
C LYS C 250 -14.97 50.97 5.98
N PHE C 251 -14.08 50.60 6.89
CA PHE C 251 -14.42 49.67 7.96
C PHE C 251 -14.93 50.38 9.21
N HIS C 252 -15.98 49.82 9.78
CA HIS C 252 -16.52 50.28 11.06
C HIS C 252 -15.96 49.38 12.15
N MET C 253 -14.98 49.90 12.87
CA MET C 253 -14.20 49.08 13.79
C MET C 253 -15.05 48.54 14.92
N LEU C 254 -15.02 47.23 15.09
CA LEU C 254 -15.79 46.54 16.13
C LEU C 254 -14.98 46.38 17.40
N HIS C 255 -13.65 46.36 17.25
CA HIS C 255 -12.76 46.18 18.38
C HIS C 255 -11.68 47.26 18.38
N SER C 256 -11.11 47.52 19.55
CA SER C 256 -10.02 48.47 19.67
C SER C 256 -8.66 47.78 19.58
N GLY C 257 -7.68 48.47 19.01
CA GLY C 257 -6.33 47.94 18.95
C GLY C 257 -5.51 48.38 17.75
N LEU C 258 -4.38 47.70 17.56
CA LEU C 258 -3.49 47.97 16.43
C LEU C 258 -3.87 47.10 15.24
N VAL C 259 -4.17 47.76 14.12
CA VAL C 259 -4.43 47.10 12.85
C VAL C 259 -3.12 46.95 12.08
N HIS C 260 -2.76 45.70 11.82
CA HIS C 260 -1.50 45.36 11.16
C HIS C 260 -1.65 45.14 9.66
N GLY C 261 -2.88 45.07 9.19
CA GLY C 261 -3.12 44.88 7.76
C GLY C 261 -4.50 44.39 7.40
N LEU C 262 -4.63 43.94 6.16
CA LEU C 262 -5.90 43.49 5.62
C LEU C 262 -5.88 42.00 5.28
N ALA C 263 -6.99 41.33 5.62
CA ALA C 263 -7.20 39.93 5.31
C ALA C 263 -8.16 39.81 4.14
N PHE C 264 -7.86 38.83 3.27
CA PHE C 264 -8.61 38.58 2.05
C PHE C 264 -9.12 37.15 1.98
N TRP C 265 -10.34 37.01 1.51
CA TRP C 265 -10.87 35.68 1.11
C TRP C 265 -11.97 35.86 0.05
N PHE C 266 -12.50 34.78 -0.50
CA PHE C 266 -13.54 34.93 -1.53
C PHE C 266 -14.61 33.84 -1.50
N ASP C 267 -15.79 34.21 -2.04
CA ASP C 267 -16.88 33.26 -2.25
C ASP C 267 -17.26 33.27 -3.73
N VAL C 268 -17.75 32.15 -4.26
CA VAL C 268 -18.38 32.18 -5.58
C VAL C 268 -19.78 31.63 -5.44
N ALA C 269 -20.68 32.10 -6.30
CA ALA C 269 -22.05 31.61 -6.27
C ALA C 269 -22.49 31.07 -7.63
N PHE C 270 -23.09 29.88 -7.59
CA PHE C 270 -23.69 29.28 -8.76
C PHE C 270 -25.20 29.52 -8.69
N ILE C 271 -25.64 30.54 -9.42
CA ILE C 271 -27.05 30.94 -9.46
C ILE C 271 -27.77 30.20 -10.58
N GLY C 272 -28.38 29.07 -10.24
CA GLY C 272 -29.09 28.28 -11.22
C GLY C 272 -30.59 28.52 -11.20
N SER C 273 -31.31 27.85 -12.09
CA SER C 273 -32.75 28.02 -12.21
C SER C 273 -33.48 27.44 -11.01
N ILE C 274 -32.91 26.38 -10.43
CA ILE C 274 -33.53 25.72 -9.30
C ILE C 274 -33.05 26.30 -7.97
N MET C 275 -31.76 26.58 -7.85
CA MET C 275 -31.24 27.12 -6.60
C MET C 275 -29.85 27.75 -6.75
N THR C 276 -29.47 28.53 -5.74
CA THR C 276 -28.15 29.15 -5.67
C THR C 276 -27.25 28.38 -4.71
N VAL C 277 -26.08 27.97 -5.19
CA VAL C 277 -25.13 27.25 -4.34
C VAL C 277 -23.85 28.08 -4.16
N TRP C 278 -23.40 28.18 -2.91
CA TRP C 278 -22.21 28.97 -2.60
C TRP C 278 -20.99 28.12 -2.28
N LEU C 279 -19.84 28.56 -2.80
CA LEU C 279 -18.56 27.99 -2.38
C LEU C 279 -17.77 29.10 -1.69
N SER C 280 -17.46 28.88 -0.41
CA SER C 280 -16.81 29.90 0.41
C SER C 280 -15.42 29.45 0.86
N THR C 281 -14.48 30.41 0.84
CA THR C 281 -13.13 30.17 1.36
C THR C 281 -12.91 31.04 2.59
N ALA C 282 -14.01 31.41 3.25
CA ALA C 282 -13.94 32.27 4.42
C ALA C 282 -13.24 31.57 5.58
N PRO C 283 -12.65 32.35 6.49
CA PRO C 283 -11.97 31.75 7.64
C PRO C 283 -12.95 31.14 8.64
N THR C 284 -14.24 31.39 8.45
CA THR C 284 -15.27 30.78 9.29
C THR C 284 -15.70 29.42 8.75
N GLU C 285 -15.20 29.05 7.58
CA GLU C 285 -15.56 27.79 6.94
C GLU C 285 -14.36 26.84 6.93
N PRO C 286 -14.61 25.54 6.71
CA PRO C 286 -13.48 24.61 6.63
C PRO C 286 -12.43 25.06 5.62
N LEU C 287 -11.16 24.80 5.92
CA LEU C 287 -10.05 25.30 5.12
C LEU C 287 -10.00 24.64 3.74
N THR C 288 -9.68 25.45 2.73
CA THR C 288 -9.49 24.95 1.37
C THR C 288 -8.06 25.22 0.92
N HIS C 289 -7.74 24.79 -0.30
CA HIS C 289 -6.39 24.96 -0.83
C HIS C 289 -6.14 26.42 -1.24
N TRP C 290 -7.17 27.26 -1.15
CA TRP C 290 -7.01 28.68 -1.37
C TRP C 290 -6.57 29.39 -0.09
N TYR C 291 -6.85 28.76 1.06
CA TYR C 291 -6.53 29.32 2.37
C TYR C 291 -7.11 30.73 2.50
N GLN C 292 -6.39 31.63 3.18
CA GLN C 292 -6.73 33.05 3.13
C GLN C 292 -5.46 33.85 2.86
N VAL C 293 -5.62 35.11 2.47
CA VAL C 293 -4.45 35.92 2.13
C VAL C 293 -4.39 37.17 3.00
N ARG C 294 -3.22 37.44 3.58
CA ARG C 294 -3.07 38.64 4.38
C ARG C 294 -1.98 39.57 3.86
N CYS C 295 -2.33 40.84 3.74
CA CYS C 295 -1.40 41.89 3.35
C CYS C 295 -1.13 42.83 4.51
N LEU C 296 0.12 42.90 4.91
CA LEU C 296 0.54 43.74 6.03
C LEU C 296 0.65 45.21 5.65
N PHE C 297 0.32 46.08 6.60
CA PHE C 297 0.68 47.49 6.51
C PHE C 297 2.14 47.60 6.92
N GLN C 298 2.84 48.58 6.36
CA GLN C 298 4.23 48.78 6.71
C GLN C 298 4.32 49.26 8.17
N SER C 299 3.33 50.05 8.58
CA SER C 299 3.23 50.51 9.97
C SER C 299 1.82 50.25 10.52
N PRO C 300 1.71 49.67 11.73
CA PRO C 300 0.36 49.41 12.23
C PRO C 300 -0.39 50.68 12.56
N LEU C 301 -1.72 50.63 12.46
CA LEU C 301 -2.55 51.79 12.78
C LEU C 301 -3.39 51.53 14.01
N PHE C 302 -3.42 52.46 14.96
CA PHE C 302 -4.29 52.30 16.11
C PHE C 302 -5.69 52.75 15.77
N ALA C 303 -6.66 51.92 16.14
CA ALA C 303 -8.06 52.27 15.95
C ALA C 303 -8.87 51.86 17.16
N LYS C 304 -9.86 52.69 17.46
CA LYS C 304 -10.77 52.48 18.57
C LYS C 304 -12.06 51.87 18.04
N ALA C 305 -12.78 51.13 18.89
CA ALA C 305 -14.08 50.64 18.47
C ALA C 305 -14.93 51.85 18.11
N GLY C 306 -15.59 51.80 16.95
CA GLY C 306 -16.41 52.92 16.52
C GLY C 306 -15.71 53.84 15.53
N ASP C 307 -14.38 53.75 15.49
CA ASP C 307 -13.62 54.52 14.50
C ASP C 307 -13.88 53.95 13.12
N THR C 308 -13.44 54.67 12.08
CA THR C 308 -13.59 54.20 10.72
C THR C 308 -12.23 54.07 10.06
N LEU C 309 -11.96 52.91 9.47
CA LEU C 309 -10.70 52.71 8.76
C LEU C 309 -10.97 52.70 7.26
N SER C 310 -10.50 53.73 6.58
CA SER C 310 -10.87 53.89 5.18
C SER C 310 -9.67 53.96 4.25
N GLY C 311 -9.92 53.67 2.98
CA GLY C 311 -8.86 53.72 1.99
C GLY C 311 -9.19 52.87 0.79
N THR C 312 -8.18 52.55 -0.01
CA THR C 312 -8.41 51.76 -1.21
C THR C 312 -7.38 50.65 -1.36
N CYS C 313 -7.87 49.54 -1.88
CA CYS C 313 -7.04 48.44 -2.35
C CYS C 313 -7.10 48.43 -3.87
N LEU C 314 -5.99 48.76 -4.51
CA LEU C 314 -5.95 48.85 -5.96
C LEU C 314 -5.12 47.69 -6.50
N LEU C 315 -5.74 46.91 -7.37
CA LEU C 315 -5.09 45.75 -7.96
C LEU C 315 -4.79 46.04 -9.41
N ILE C 316 -3.50 46.05 -9.74
CA ILE C 316 -3.07 46.30 -11.11
C ILE C 316 -2.51 45.01 -11.70
N ALA C 317 -3.15 44.54 -12.76
CA ALA C 317 -2.77 43.29 -13.40
C ALA C 317 -1.44 43.44 -14.12
N ASN C 318 -0.61 42.41 -14.02
CA ASN C 318 0.66 42.39 -14.74
C ASN C 318 0.70 41.16 -15.64
N LYS C 319 1.73 41.08 -16.49
CA LYS C 319 1.81 40.02 -17.47
C LYS C 319 2.40 38.72 -16.91
N ARG C 320 2.61 38.68 -15.60
CA ARG C 320 3.07 37.47 -14.96
C ARG C 320 1.87 36.74 -14.37
N GLN C 321 0.71 36.93 -15.00
CA GLN C 321 -0.52 36.27 -14.60
C GLN C 321 -0.86 36.54 -13.15
N SER C 322 -0.60 37.78 -12.71
CA SER C 322 -0.90 38.15 -11.34
C SER C 322 -1.12 39.65 -11.21
N TYR C 323 -1.07 40.14 -9.97
CA TYR C 323 -1.38 41.52 -9.67
C TYR C 323 -0.37 42.17 -8.74
N ASP C 324 -0.12 43.44 -8.97
CA ASP C 324 0.51 44.28 -7.96
C ASP C 324 -0.59 44.91 -7.11
N ILE C 325 -0.48 44.68 -5.80
CA ILE C 325 -1.46 45.14 -4.84
C ILE C 325 -0.96 46.43 -4.22
N SER C 326 -1.75 47.49 -4.33
CA SER C 326 -1.44 48.74 -3.66
C SER C 326 -2.52 49.03 -2.64
N ILE C 327 -2.12 49.12 -1.38
CA ILE C 327 -3.07 49.35 -0.29
C ILE C 327 -2.75 50.64 0.43
N VAL C 328 -3.73 51.53 0.51
CA VAL C 328 -3.61 52.72 1.36
C VAL C 328 -4.76 52.75 2.35
N ALA C 329 -4.44 53.05 3.61
CA ALA C 329 -5.46 53.08 4.65
C ALA C 329 -5.22 54.20 5.66
N GLN C 330 -6.30 54.79 6.18
CA GLN C 330 -6.20 55.82 7.19
C GLN C 330 -7.31 55.67 8.22
N VAL C 331 -6.98 55.98 9.48
CA VAL C 331 -7.95 56.11 10.54
C VAL C 331 -8.54 57.51 10.46
N ASP C 332 -9.81 57.60 10.06
CA ASP C 332 -10.43 58.90 9.79
C ASP C 332 -10.43 59.82 11.00
N GLN C 333 -10.72 59.26 12.17
CA GLN C 333 -10.91 60.07 13.37
C GLN C 333 -9.59 60.66 13.87
N THR C 334 -8.47 60.06 13.49
CA THR C 334 -7.16 60.49 13.99
C THR C 334 -6.25 60.96 12.86
N GLY C 335 -6.52 60.50 11.64
CA GLY C 335 -5.73 60.86 10.49
C GLY C 335 -4.43 60.07 10.33
N SER C 336 -4.27 59.05 11.17
CA SER C 336 -3.11 58.16 11.09
C SER C 336 -3.17 57.34 9.81
N LYS C 337 -2.18 57.49 8.94
CA LYS C 337 -2.24 56.85 7.62
C LYS C 337 -1.09 55.85 7.41
N SER C 338 -1.39 54.73 6.75
CA SER C 338 -0.40 53.72 6.39
C SER C 338 -0.69 53.07 5.02
N SER C 339 0.38 52.68 4.32
CA SER C 339 0.26 52.06 3.01
C SER C 339 1.20 50.86 2.79
N ASN C 340 0.91 50.04 1.79
CA ASN C 340 1.85 48.99 1.37
C ASN C 340 1.66 48.58 -0.09
N LEU C 341 2.74 48.12 -0.71
CA LEU C 341 2.71 47.64 -2.08
C LEU C 341 3.24 46.20 -2.11
N LEU C 342 2.46 45.28 -2.68
CA LEU C 342 2.79 43.86 -2.64
C LEU C 342 2.74 43.17 -4.00
N ASP C 343 3.52 42.10 -4.11
CA ASP C 343 3.60 41.29 -5.33
C ASP C 343 2.88 39.97 -5.14
N LEU C 344 1.68 39.88 -5.70
CA LEU C 344 0.80 38.74 -5.48
C LEU C 344 1.31 37.46 -6.15
N LYS C 345 2.20 37.59 -7.13
CA LYS C 345 2.67 36.41 -7.84
C LYS C 345 3.58 35.53 -7.00
N ASN C 346 4.25 36.12 -6.02
CA ASN C 346 5.20 35.38 -5.21
C ASN C 346 4.88 35.53 -3.72
N PRO C 347 3.79 34.87 -3.28
CA PRO C 347 3.35 34.96 -1.88
C PRO C 347 4.22 34.10 -0.97
N PHE C 348 4.07 34.29 0.34
CA PHE C 348 4.81 33.50 1.31
C PHE C 348 3.89 32.49 1.99
N PHE C 349 4.13 31.20 1.74
CA PHE C 349 3.33 30.15 2.37
C PHE C 349 3.82 29.90 3.79
N ARG C 350 3.03 30.41 4.73
CA ARG C 350 3.35 30.42 6.14
C ARG C 350 2.61 29.30 6.87
N TYR C 351 1.57 28.77 6.24
CA TYR C 351 0.70 27.77 6.86
C TYR C 351 1.45 26.58 7.44
N THR C 352 0.99 26.15 8.62
CA THR C 352 1.60 25.04 9.34
C THR C 352 0.57 23.95 9.62
N ARG D 9 23.56 32.13 -28.06
CA ARG D 9 24.90 32.41 -28.58
C ARG D 9 25.97 31.95 -27.59
N SER D 10 25.74 32.23 -26.31
CA SER D 10 26.65 31.82 -25.24
C SER D 10 26.44 30.35 -24.86
N VAL D 11 27.47 29.74 -24.30
CA VAL D 11 27.40 28.34 -23.88
C VAL D 11 26.21 28.11 -22.94
N PHE D 12 25.99 29.03 -22.02
CA PHE D 12 24.90 28.89 -21.06
C PHE D 12 23.54 28.89 -21.73
N SER D 13 23.28 29.90 -22.56
CA SER D 13 21.98 30.07 -23.17
C SER D 13 21.65 28.94 -24.13
N GLU D 14 22.69 28.38 -24.77
CA GLU D 14 22.50 27.32 -25.74
C GLU D 14 22.05 26.02 -25.08
N ARG D 15 22.43 25.84 -23.81
CA ARG D 15 22.09 24.60 -23.09
C ARG D 15 20.91 24.82 -22.13
N THR D 16 20.33 26.02 -22.16
CA THR D 16 19.29 26.38 -21.20
C THR D 16 18.07 27.04 -21.86
N GLU D 17 16.88 26.52 -21.58
CA GLU D 17 15.64 27.18 -21.96
C GLU D 17 15.50 28.49 -21.20
N GLU D 18 15.10 29.54 -21.90
CA GLU D 18 14.93 30.86 -21.28
C GLU D 18 14.04 30.81 -20.04
N SER D 19 12.89 30.17 -20.17
CA SER D 19 11.91 30.13 -19.09
C SER D 19 12.52 29.59 -17.79
N SER D 20 13.35 28.56 -17.95
CA SER D 20 13.99 27.91 -16.82
C SER D 20 14.99 28.86 -16.18
N ALA D 21 15.77 29.55 -17.00
CA ALA D 21 16.78 30.47 -16.52
C ALA D 21 16.14 31.64 -15.79
N VAL D 22 15.05 32.15 -16.35
CA VAL D 22 14.33 33.24 -15.71
C VAL D 22 13.93 32.80 -14.31
N GLN D 23 13.19 31.71 -14.24
CA GLN D 23 12.70 31.23 -12.95
C GLN D 23 13.89 30.97 -12.01
N TYR D 24 14.95 30.39 -12.59
CA TYR D 24 16.14 30.01 -11.84
C TYR D 24 16.80 31.19 -11.14
N PHE D 25 17.09 32.25 -11.91
CA PHE D 25 17.77 33.41 -11.32
C PHE D 25 16.81 34.29 -10.54
N GLN D 26 15.53 34.17 -10.83
CA GLN D 26 14.53 34.82 -9.99
C GLN D 26 14.57 34.24 -8.59
N PHE D 27 14.68 32.92 -8.51
CA PHE D 27 14.81 32.25 -7.21
C PHE D 27 15.98 32.75 -6.37
N TYR D 28 17.13 32.96 -7.01
CA TYR D 28 18.35 33.30 -6.27
C TYR D 28 18.50 34.81 -6.04
N GLY D 29 17.47 35.57 -6.39
CA GLY D 29 17.48 37.00 -6.16
C GLY D 29 16.90 37.40 -4.81
N TYR D 30 16.35 36.44 -4.08
CA TYR D 30 15.72 36.71 -2.79
C TYR D 30 16.73 36.62 -1.65
N LEU D 31 16.70 37.62 -0.77
CA LEU D 31 17.60 37.66 0.38
C LEU D 31 17.29 36.55 1.38
N SER D 32 16.02 36.17 1.49
CA SER D 32 15.64 35.06 2.37
C SER D 32 16.30 33.75 1.94
N GLN D 33 16.45 33.56 0.63
CA GLN D 33 17.16 32.41 0.09
C GLN D 33 18.62 32.43 0.52
N GLN D 34 19.26 33.58 0.37
CA GLN D 34 20.64 33.76 0.79
C GLN D 34 20.76 33.43 2.28
N GLN D 35 19.89 34.03 3.06
CA GLN D 35 19.86 33.81 4.50
C GLN D 35 19.72 32.31 4.79
N ASN D 36 18.84 31.65 4.04
CA ASN D 36 18.58 30.24 4.26
C ASN D 36 19.85 29.38 4.18
N MET D 37 20.70 29.65 3.19
CA MET D 37 21.94 28.89 3.05
C MET D 37 23.03 29.38 4.00
N MET D 38 23.08 30.69 4.23
CA MET D 38 24.07 31.23 5.16
C MET D 38 23.86 30.70 6.58
N GLN D 39 22.62 30.44 6.95
CA GLN D 39 22.28 29.98 8.30
C GLN D 39 22.60 28.50 8.50
N ASP D 40 23.00 27.82 7.43
CA ASP D 40 23.52 26.46 7.56
C ASP D 40 24.94 26.54 8.09
N TYR D 41 25.11 26.41 9.40
CA TYR D 41 26.41 26.64 10.03
C TYR D 41 27.48 25.66 9.55
N VAL D 42 27.10 24.42 9.31
CA VAL D 42 28.05 23.42 8.85
C VAL D 42 28.62 23.83 7.49
N ARG D 43 27.71 24.20 6.58
CA ARG D 43 28.07 24.62 5.24
C ARG D 43 29.03 25.83 5.26
N THR D 44 28.56 26.90 5.89
CA THR D 44 29.28 28.17 5.90
C THR D 44 30.57 28.04 6.69
N GLY D 45 30.48 27.37 7.85
CA GLY D 45 31.62 27.18 8.71
C GLY D 45 32.69 26.35 8.02
N THR D 46 32.26 25.30 7.32
CA THR D 46 33.22 24.46 6.61
C THR D 46 33.89 25.25 5.50
N TYR D 47 33.13 26.02 4.74
CA TYR D 47 33.73 26.86 3.70
C TYR D 47 34.77 27.82 4.27
N GLN D 48 34.40 28.54 5.34
CA GLN D 48 35.34 29.46 5.96
C GLN D 48 36.56 28.70 6.47
N ARG D 49 36.34 27.51 7.06
CA ARG D 49 37.43 26.69 7.54
C ARG D 49 38.38 26.28 6.41
N ALA D 50 37.80 25.84 5.30
CA ALA D 50 38.59 25.40 4.15
C ALA D 50 39.41 26.54 3.58
N ILE D 51 38.82 27.72 3.51
CA ILE D 51 39.53 28.87 2.97
C ILE D 51 40.58 29.43 3.93
N LEU D 52 40.19 29.63 5.19
CA LEU D 52 41.06 30.29 6.15
C LEU D 52 42.24 29.42 6.58
N GLN D 53 42.03 28.12 6.75
CA GLN D 53 43.12 27.24 7.17
C GLN D 53 44.09 27.00 6.01
N ASN D 54 43.65 27.31 4.80
CA ASN D 54 44.52 27.25 3.63
C ASN D 54 44.76 28.66 3.10
N HIS D 55 45.03 29.58 4.02
CA HIS D 55 45.20 30.98 3.71
C HIS D 55 46.34 31.20 2.72
N THR D 56 47.30 30.29 2.72
CA THR D 56 48.46 30.39 1.83
C THR D 56 48.07 30.21 0.36
N ASP D 57 46.93 29.58 0.12
CA ASP D 57 46.44 29.40 -1.25
C ASP D 57 45.71 30.65 -1.74
N PHE D 58 45.56 31.63 -0.86
CA PHE D 58 44.83 32.85 -1.17
C PHE D 58 45.70 34.08 -0.96
N LYS D 59 46.74 33.94 -0.12
CA LYS D 59 47.61 35.05 0.21
C LYS D 59 48.15 35.78 -1.02
N ASP D 60 47.69 37.00 -1.21
CA ASP D 60 48.15 37.87 -2.30
C ASP D 60 47.87 37.25 -3.68
N LYS D 61 46.79 36.50 -3.79
CA LYS D 61 46.43 35.82 -5.03
C LYS D 61 45.24 36.48 -5.72
N ILE D 62 45.08 36.18 -7.02
CA ILE D 62 43.90 36.60 -7.77
C ILE D 62 42.85 35.50 -7.68
N VAL D 63 41.62 35.87 -7.35
CA VAL D 63 40.57 34.89 -7.08
C VAL D 63 39.35 35.09 -7.98
N LEU D 64 38.74 33.98 -8.41
CA LEU D 64 37.43 34.06 -9.05
C LEU D 64 36.36 33.37 -8.20
N ASP D 65 35.31 34.11 -7.83
CA ASP D 65 34.18 33.52 -7.10
C ASP D 65 33.01 33.33 -8.07
N VAL D 66 32.70 32.08 -8.40
CA VAL D 66 31.66 31.82 -9.41
C VAL D 66 30.30 31.69 -8.74
N GLY D 67 29.41 32.63 -9.03
CA GLY D 67 28.08 32.63 -8.42
C GLY D 67 28.16 33.05 -6.96
N CYS D 68 28.69 34.26 -6.74
CA CYS D 68 29.06 34.70 -5.40
C CYS D 68 27.86 34.97 -4.49
N GLY D 69 26.69 35.16 -5.09
CA GLY D 69 25.52 35.50 -4.31
C GLY D 69 25.74 36.78 -3.52
N SER D 70 25.61 36.68 -2.19
CA SER D 70 25.82 37.82 -1.31
C SER D 70 27.31 38.18 -1.20
N GLY D 71 28.17 37.29 -1.67
CA GLY D 71 29.60 37.57 -1.74
C GLY D 71 30.37 37.02 -0.55
N ILE D 72 29.74 36.13 0.21
CA ILE D 72 30.32 35.63 1.45
C ILE D 72 31.66 34.90 1.24
N LEU D 73 31.74 34.07 0.21
CA LEU D 73 32.96 33.30 -0.03
C LEU D 73 34.09 34.24 -0.42
N SER D 74 33.75 35.33 -1.10
CA SER D 74 34.73 36.34 -1.47
C SER D 74 35.28 37.04 -0.22
N PHE D 75 34.41 37.27 0.75
CA PHE D 75 34.82 37.88 2.01
C PHE D 75 35.76 36.93 2.73
N PHE D 76 35.45 35.64 2.68
CA PHE D 76 36.39 34.66 3.23
C PHE D 76 37.73 34.74 2.50
N ALA D 77 37.68 34.83 1.17
CA ALA D 77 38.91 35.00 0.40
C ALA D 77 39.66 36.26 0.81
N ALA D 78 38.92 37.33 1.09
CA ALA D 78 39.51 38.57 1.54
C ALA D 78 40.18 38.42 2.91
N GLN D 79 39.49 37.74 3.82
CA GLN D 79 40.03 37.48 5.15
C GLN D 79 41.33 36.69 5.08
N ALA D 80 41.45 35.86 4.06
CA ALA D 80 42.60 34.97 3.90
C ALA D 80 43.82 35.71 3.30
N GLY D 81 43.60 36.93 2.84
CA GLY D 81 44.68 37.78 2.37
C GLY D 81 44.78 37.88 0.86
N ALA D 82 43.68 37.59 0.17
CA ALA D 82 43.65 37.67 -1.29
C ALA D 82 43.93 39.10 -1.75
N ARG D 83 44.62 39.22 -2.87
CA ARG D 83 44.95 40.52 -3.43
C ARG D 83 43.76 41.13 -4.15
N LYS D 84 43.10 40.32 -4.97
CA LYS D 84 41.96 40.80 -5.75
C LYS D 84 41.01 39.64 -6.03
N ILE D 85 39.72 39.87 -5.81
CA ILE D 85 38.71 38.84 -6.01
C ILE D 85 37.66 39.31 -7.01
N TYR D 86 37.51 38.56 -8.10
CA TYR D 86 36.45 38.84 -9.06
C TYR D 86 35.23 38.00 -8.72
N ALA D 87 34.17 38.68 -8.28
CA ALA D 87 32.96 38.02 -7.81
C ALA D 87 31.85 38.10 -8.85
N VAL D 88 31.56 36.97 -9.50
CA VAL D 88 30.57 36.93 -10.58
C VAL D 88 29.25 36.36 -10.08
N GLU D 89 28.17 37.06 -10.40
CA GLU D 89 26.82 36.64 -10.03
C GLU D 89 25.83 37.13 -11.08
N ALA D 90 24.98 36.22 -11.56
CA ALA D 90 24.09 36.52 -12.67
C ALA D 90 22.73 37.04 -12.21
N SER D 91 22.33 36.73 -10.98
CA SER D 91 21.07 37.20 -10.44
C SER D 91 21.21 38.64 -9.96
N THR D 92 20.10 39.24 -9.52
CA THR D 92 20.11 40.62 -9.06
C THR D 92 20.81 40.77 -7.70
N MET D 93 21.06 39.65 -7.04
CA MET D 93 21.72 39.65 -5.74
C MET D 93 23.06 40.38 -5.84
N ALA D 94 23.61 40.41 -7.06
CA ALA D 94 24.89 41.05 -7.31
C ALA D 94 24.89 42.49 -6.83
N GLN D 95 23.73 43.14 -6.91
CA GLN D 95 23.65 44.52 -6.44
C GLN D 95 23.87 44.53 -4.94
N HIS D 96 23.32 43.53 -4.25
CA HIS D 96 23.37 43.48 -2.80
C HIS D 96 24.78 43.19 -2.32
N ALA D 97 25.50 42.37 -3.07
CA ALA D 97 26.89 42.07 -2.78
C ALA D 97 27.76 43.32 -2.84
N GLU D 98 27.54 44.15 -3.86
CA GLU D 98 28.32 45.38 -4.01
C GLU D 98 28.11 46.27 -2.80
N VAL D 99 26.89 46.32 -2.28
CA VAL D 99 26.59 47.11 -1.10
C VAL D 99 27.44 46.63 0.06
N LEU D 100 27.53 45.31 0.22
CA LEU D 100 28.28 44.73 1.33
C LEU D 100 29.77 45.00 1.17
N VAL D 101 30.27 44.93 -0.06
CA VAL D 101 31.67 45.22 -0.33
C VAL D 101 31.99 46.64 0.11
N LYS D 102 31.09 47.57 -0.23
CA LYS D 102 31.27 48.96 0.16
C LYS D 102 31.14 49.16 1.67
N SER D 103 30.12 48.55 2.28
CA SER D 103 29.88 48.75 3.70
C SER D 103 30.97 48.09 4.55
N ASN D 104 31.68 47.14 3.96
CA ASN D 104 32.77 46.46 4.68
C ASN D 104 34.15 46.99 4.28
N ASN D 105 34.17 48.06 3.49
CA ASN D 105 35.41 48.73 3.10
C ASN D 105 36.40 47.78 2.42
N LEU D 106 35.91 46.99 1.47
CA LEU D 106 36.75 46.03 0.75
C LEU D 106 36.68 46.29 -0.76
N THR D 107 36.36 47.52 -1.13
CA THR D 107 36.21 47.90 -2.53
C THR D 107 37.51 47.73 -3.32
N ASP D 108 38.64 47.71 -2.61
CA ASP D 108 39.94 47.59 -3.26
C ASP D 108 40.33 46.14 -3.54
N ARG D 109 39.58 45.19 -2.97
CA ARG D 109 39.95 43.79 -3.08
C ARG D 109 38.84 42.91 -3.69
N ILE D 110 37.58 43.30 -3.51
CA ILE D 110 36.46 42.55 -4.11
C ILE D 110 35.83 43.38 -5.22
N VAL D 111 35.76 42.79 -6.41
CA VAL D 111 35.12 43.43 -7.56
C VAL D 111 33.94 42.59 -8.02
N VAL D 112 32.73 43.13 -7.85
CA VAL D 112 31.53 42.45 -8.30
C VAL D 112 31.34 42.64 -9.80
N ILE D 113 31.14 41.53 -10.51
CA ILE D 113 30.91 41.56 -11.95
C ILE D 113 29.56 40.90 -12.28
N PRO D 114 28.53 41.72 -12.53
CA PRO D 114 27.19 41.17 -12.85
C PRO D 114 27.14 40.46 -14.19
N GLY D 115 26.54 39.28 -14.22
CA GLY D 115 26.35 38.53 -15.44
C GLY D 115 26.66 37.05 -15.28
N LYS D 116 26.44 36.29 -16.34
CA LYS D 116 26.74 34.86 -16.33
C LYS D 116 28.22 34.65 -16.61
N VAL D 117 28.82 33.73 -15.86
CA VAL D 117 30.27 33.49 -15.95
C VAL D 117 30.66 33.08 -17.36
N GLU D 118 29.69 32.56 -18.11
CA GLU D 118 29.91 32.17 -19.50
C GLU D 118 29.97 33.39 -20.43
N GLU D 119 29.58 34.55 -19.93
CA GLU D 119 29.38 35.73 -20.77
C GLU D 119 30.22 36.94 -20.40
N VAL D 120 30.54 37.11 -19.12
CA VAL D 120 31.28 38.28 -18.67
C VAL D 120 32.73 38.25 -19.16
N SER D 121 33.40 39.40 -19.06
CA SER D 121 34.82 39.51 -19.40
C SER D 121 35.65 39.81 -18.16
N LEU D 122 36.74 39.08 -17.98
CA LEU D 122 37.64 39.30 -16.85
C LEU D 122 38.92 39.99 -17.32
N PRO D 123 39.48 40.91 -16.50
CA PRO D 123 40.69 41.62 -16.94
C PRO D 123 41.94 40.75 -16.96
N GLU D 124 41.96 39.72 -16.12
CA GLU D 124 43.14 38.87 -15.97
C GLU D 124 42.80 37.43 -15.58
N GLN D 125 43.79 36.55 -15.67
CA GLN D 125 43.66 35.16 -15.22
C GLN D 125 43.75 35.10 -13.70
N VAL D 126 43.17 34.07 -13.12
CA VAL D 126 43.14 33.94 -11.66
C VAL D 126 44.02 32.78 -11.21
N ASP D 127 44.37 32.79 -9.92
CA ASP D 127 45.20 31.74 -9.34
C ASP D 127 44.31 30.62 -8.77
N ILE D 128 43.09 30.98 -8.40
CA ILE D 128 42.18 30.02 -7.77
C ILE D 128 40.72 30.37 -8.03
N ILE D 129 39.91 29.33 -8.21
CA ILE D 129 38.46 29.50 -8.37
C ILE D 129 37.73 28.97 -7.14
N ILE D 130 36.87 29.81 -6.56
CA ILE D 130 35.99 29.37 -5.48
C ILE D 130 34.54 29.43 -5.94
N SER D 131 33.73 28.50 -5.45
CA SER D 131 32.32 28.44 -5.81
C SER D 131 31.59 27.43 -4.93
N GLU D 132 30.26 27.50 -4.96
CA GLU D 132 29.42 26.50 -4.33
C GLU D 132 28.39 26.05 -5.36
N PRO D 133 28.83 25.24 -6.34
CA PRO D 133 27.95 24.88 -7.45
C PRO D 133 27.06 23.66 -7.18
N MET D 134 27.22 23.03 -6.02
CA MET D 134 26.50 21.79 -5.74
C MET D 134 25.00 22.00 -5.60
N GLY D 135 24.24 21.13 -6.26
CA GLY D 135 22.80 21.07 -6.08
C GLY D 135 22.37 19.72 -5.53
N TYR D 136 21.08 19.45 -5.56
CA TYR D 136 20.56 18.14 -5.16
C TYR D 136 21.21 17.05 -5.99
N MET D 137 21.54 15.92 -5.35
CA MET D 137 22.26 14.85 -6.02
C MET D 137 23.52 15.39 -6.68
N LEU D 138 24.07 16.44 -6.08
CA LEU D 138 25.25 17.14 -6.58
C LEU D 138 24.99 17.87 -7.91
N PHE D 139 24.44 17.16 -8.90
CA PHE D 139 24.41 17.66 -10.26
C PHE D 139 23.22 18.56 -10.62
N ASN D 140 22.17 18.56 -9.81
CA ASN D 140 21.00 19.36 -10.12
C ASN D 140 21.37 20.84 -10.26
N GLU D 141 20.67 21.52 -11.17
CA GLU D 141 20.88 22.94 -11.51
C GLU D 141 21.95 23.12 -12.58
N ARG D 142 22.78 22.09 -12.78
CA ARG D 142 23.81 22.11 -13.81
C ARG D 142 24.84 23.22 -13.65
N MET D 143 25.09 23.68 -12.43
CA MET D 143 26.05 24.77 -12.27
C MET D 143 27.49 24.27 -12.28
N LEU D 144 27.70 22.98 -12.03
CA LEU D 144 29.04 22.42 -12.10
C LEU D 144 29.67 22.72 -13.46
N GLU D 145 28.83 22.74 -14.50
CA GLU D 145 29.29 23.05 -15.83
C GLU D 145 29.76 24.51 -15.93
N SER D 146 29.08 25.40 -15.22
CA SER D 146 29.50 26.80 -15.17
C SER D 146 30.82 26.90 -14.41
N TYR D 147 30.90 26.16 -13.31
CA TYR D 147 32.10 26.12 -12.49
C TYR D 147 33.29 25.63 -13.31
N LEU D 148 33.08 24.58 -14.09
CA LEU D 148 34.13 24.05 -14.96
C LEU D 148 34.40 24.98 -16.14
N HIS D 149 33.34 25.60 -16.65
CA HIS D 149 33.48 26.55 -17.74
C HIS D 149 34.40 27.68 -17.33
N ALA D 150 34.27 28.10 -16.08
CA ALA D 150 35.07 29.20 -15.55
C ALA D 150 36.59 28.93 -15.58
N LYS D 151 37.01 27.70 -15.84
CA LYS D 151 38.45 27.41 -15.85
C LYS D 151 39.18 28.04 -17.03
N LYS D 152 38.45 28.65 -17.95
CA LYS D 152 39.07 29.39 -19.04
C LYS D 152 39.83 30.59 -18.49
N TYR D 153 39.50 30.99 -17.26
CA TYR D 153 40.15 32.10 -16.58
C TYR D 153 41.23 31.65 -15.59
N LEU D 154 41.47 30.35 -15.51
CA LEU D 154 42.41 29.84 -14.52
C LEU D 154 43.82 29.69 -15.11
N LYS D 155 44.81 30.19 -14.38
CA LYS D 155 46.20 29.97 -14.79
C LYS D 155 46.42 28.46 -14.83
N PRO D 156 47.40 27.99 -15.62
CA PRO D 156 47.63 26.54 -15.78
C PRO D 156 47.74 25.74 -14.47
N SER D 157 48.52 26.21 -13.52
CA SER D 157 48.73 25.47 -12.27
C SER D 157 47.75 25.88 -11.17
N GLY D 158 46.69 26.60 -11.54
CA GLY D 158 45.76 27.15 -10.57
C GLY D 158 44.95 26.08 -9.84
N ASN D 159 44.17 26.51 -8.85
CA ASN D 159 43.43 25.58 -7.99
C ASN D 159 41.92 25.81 -7.98
N MET D 160 41.20 24.78 -7.51
CA MET D 160 39.74 24.80 -7.45
C MET D 160 39.25 24.50 -6.04
N PHE D 161 38.38 25.35 -5.54
CA PHE D 161 37.73 25.14 -4.24
C PHE D 161 36.22 25.10 -4.40
N PRO D 162 35.61 23.90 -4.33
CA PRO D 162 36.20 22.59 -4.02
C PRO D 162 37.01 22.00 -5.17
N THR D 163 37.86 21.02 -4.85
CA THR D 163 38.76 20.43 -5.83
C THR D 163 38.16 19.16 -6.44
N ILE D 164 37.48 18.36 -5.62
CA ILE D 164 36.80 17.17 -6.12
C ILE D 164 35.42 17.04 -5.51
N GLY D 165 34.58 16.26 -6.20
CA GLY D 165 33.26 15.91 -5.70
C GLY D 165 33.01 14.41 -5.79
N ASP D 166 32.56 13.83 -4.68
CA ASP D 166 32.22 12.41 -4.63
C ASP D 166 30.72 12.23 -4.48
N VAL D 167 30.11 11.52 -5.42
CA VAL D 167 28.71 11.12 -5.31
C VAL D 167 28.67 9.69 -4.81
N HIS D 168 27.84 9.45 -3.80
CA HIS D 168 27.65 8.14 -3.22
C HIS D 168 26.25 7.64 -3.47
N LEU D 169 26.16 6.40 -3.92
CA LEU D 169 24.86 5.74 -4.06
C LEU D 169 24.86 4.40 -3.32
N ALA D 170 23.73 4.10 -2.67
CA ALA D 170 23.59 2.83 -1.95
C ALA D 170 22.14 2.33 -1.97
N PRO D 171 21.94 1.01 -2.05
CA PRO D 171 20.55 0.55 -2.01
C PRO D 171 19.97 0.69 -0.62
N PHE D 172 18.67 0.94 -0.52
CA PHE D 172 18.03 1.05 0.80
C PHE D 172 16.73 0.28 0.88
N THR D 173 16.27 0.04 2.11
CA THR D 173 14.95 -0.51 2.33
C THR D 173 14.11 0.44 3.17
N ASP D 174 12.97 0.84 2.63
CA ASP D 174 12.03 1.71 3.34
C ASP D 174 10.61 1.48 2.84
N GLU D 175 9.99 0.41 3.34
CA GLU D 175 8.65 0.06 2.92
C GLU D 175 7.66 1.19 3.14
N GLN D 176 7.81 1.92 4.24
CA GLN D 176 6.85 2.95 4.58
C GLN D 176 6.85 4.05 3.49
N LEU D 177 8.02 4.48 3.07
CA LEU D 177 8.14 5.46 2.01
C LEU D 177 7.49 4.93 0.72
N TYR D 178 7.76 3.66 0.43
CA TYR D 178 7.26 3.05 -0.78
C TYR D 178 5.73 3.02 -0.78
N MET D 179 5.14 2.52 0.30
CA MET D 179 3.69 2.49 0.40
C MET D 179 3.14 3.91 0.53
N GLU D 180 3.95 4.83 1.04
CA GLU D 180 3.54 6.23 1.08
C GLU D 180 3.29 6.73 -0.33
N GLN D 181 4.25 6.52 -1.22
CA GLN D 181 4.09 6.91 -2.63
C GLN D 181 3.06 6.05 -3.35
N PHE D 182 2.99 4.78 -2.98
CA PHE D 182 2.05 3.85 -3.58
C PHE D 182 0.60 4.14 -3.17
N THR D 183 0.41 4.60 -1.94
CA THR D 183 -0.89 4.99 -1.42
C THR D 183 -1.45 6.18 -2.21
N LYS D 184 -0.57 7.11 -2.56
CA LYS D 184 -0.95 8.30 -3.31
C LYS D 184 -1.42 8.00 -4.71
N ALA D 185 -0.73 7.10 -5.40
CA ALA D 185 -1.05 6.78 -6.78
C ALA D 185 -2.37 6.01 -6.91
N ASN D 186 -2.70 5.24 -5.88
CA ASN D 186 -3.93 4.43 -5.91
C ASN D 186 -5.20 5.29 -5.83
N PHE D 187 -5.04 6.58 -5.58
CA PHE D 187 -6.17 7.51 -5.68
C PHE D 187 -6.81 7.35 -7.05
N TRP D 188 -5.96 7.16 -8.05
CA TRP D 188 -6.39 7.09 -9.45
C TRP D 188 -6.90 5.70 -9.83
N TYR D 189 -7.01 4.81 -8.85
CA TYR D 189 -7.54 3.46 -9.08
C TYR D 189 -9.06 3.45 -8.96
N GLN D 190 -9.60 4.45 -8.26
CA GLN D 190 -11.03 4.55 -8.02
C GLN D 190 -11.88 4.41 -9.29
N PRO D 191 -12.83 3.48 -9.31
CA PRO D 191 -13.70 3.36 -10.48
C PRO D 191 -14.90 4.30 -10.37
N SER D 192 -15.03 5.00 -9.25
CA SER D 192 -16.18 5.86 -9.00
C SER D 192 -15.85 7.00 -8.04
N PHE D 193 -15.02 7.93 -8.48
CA PHE D 193 -14.77 9.17 -7.75
C PHE D 193 -15.89 10.16 -8.06
N HIS D 194 -16.83 10.33 -7.14
CA HIS D 194 -18.01 11.12 -7.41
C HIS D 194 -18.71 10.61 -8.67
N GLY D 195 -18.64 9.30 -8.88
CA GLY D 195 -19.29 8.68 -10.03
C GLY D 195 -18.43 8.60 -11.28
N VAL D 196 -17.15 9.00 -11.16
CA VAL D 196 -16.25 9.00 -12.31
C VAL D 196 -15.20 7.90 -12.17
N ASP D 197 -14.98 7.16 -13.25
CA ASP D 197 -13.98 6.11 -13.29
C ASP D 197 -12.59 6.67 -13.60
N LEU D 198 -11.71 6.66 -12.61
CA LEU D 198 -10.37 7.23 -12.77
C LEU D 198 -9.31 6.17 -13.13
N SER D 199 -9.71 4.90 -13.10
CA SER D 199 -8.74 3.80 -13.14
C SER D 199 -7.82 3.85 -14.36
N ALA D 200 -8.33 4.34 -15.48
CA ALA D 200 -7.59 4.31 -16.73
C ALA D 200 -6.32 5.15 -16.65
N LEU D 201 -6.26 6.04 -15.66
CA LEU D 201 -5.10 6.91 -15.47
C LEU D 201 -4.16 6.40 -14.40
N ARG D 202 -4.45 5.24 -13.83
CA ARG D 202 -3.63 4.74 -12.73
C ARG D 202 -2.17 4.61 -13.15
N GLY D 203 -1.93 3.94 -14.27
CA GLY D 203 -0.58 3.71 -14.75
C GLY D 203 0.20 4.99 -14.88
N ALA D 204 -0.44 6.01 -15.43
CA ALA D 204 0.18 7.32 -15.58
C ALA D 204 0.46 7.93 -14.20
N ALA D 205 -0.38 7.64 -13.23
CA ALA D 205 -0.25 8.21 -11.90
C ALA D 205 0.96 7.62 -11.20
N VAL D 206 1.06 6.29 -11.24
CA VAL D 206 2.18 5.59 -10.64
C VAL D 206 3.47 6.10 -11.27
N ASP D 207 3.48 6.23 -12.58
CA ASP D 207 4.65 6.75 -13.30
C ASP D 207 5.05 8.12 -12.78
N GLU D 208 4.09 9.02 -12.66
CA GLU D 208 4.39 10.40 -12.27
C GLU D 208 4.98 10.46 -10.87
N TYR D 209 4.38 9.73 -9.93
CA TYR D 209 4.80 9.77 -8.54
C TYR D 209 6.17 9.14 -8.32
N PHE D 210 6.43 8.02 -8.98
CA PHE D 210 7.69 7.32 -8.77
C PHE D 210 8.83 7.96 -9.58
N ARG D 211 8.50 8.89 -10.46
CA ARG D 211 9.51 9.64 -11.20
C ARG D 211 10.16 10.73 -10.35
N GLN D 212 9.55 11.02 -9.21
CA GLN D 212 10.05 12.11 -8.36
C GLN D 212 11.11 11.59 -7.40
N PRO D 213 12.32 12.17 -7.46
CA PRO D 213 13.27 11.80 -6.41
C PRO D 213 12.80 12.31 -5.06
N VAL D 214 13.07 11.56 -4.00
CA VAL D 214 12.60 11.94 -2.67
C VAL D 214 13.73 12.62 -1.92
N VAL D 215 13.51 13.87 -1.57
CA VAL D 215 14.49 14.63 -0.81
C VAL D 215 14.11 14.65 0.66
N ASP D 216 14.97 14.08 1.48
CA ASP D 216 14.77 14.11 2.92
C ASP D 216 15.95 13.41 3.55
N THR D 217 15.82 13.03 4.81
CA THR D 217 16.89 12.32 5.47
C THR D 217 16.34 11.01 6.01
N PHE D 218 17.25 10.17 6.52
CA PHE D 218 16.88 8.85 6.97
C PHE D 218 17.94 8.30 7.91
N ASP D 219 17.58 7.20 8.56
CA ASP D 219 18.50 6.50 9.43
C ASP D 219 19.44 5.67 8.56
N ILE D 220 20.71 5.64 8.91
CA ILE D 220 21.70 4.93 8.09
C ILE D 220 21.40 3.44 8.10
N ARG D 221 20.55 3.00 9.02
CA ARG D 221 20.27 1.58 9.17
C ARG D 221 19.42 1.02 8.02
N ILE D 222 18.89 1.89 7.17
CA ILE D 222 18.09 1.44 6.03
C ILE D 222 18.98 1.04 4.86
N LEU D 223 20.25 1.41 4.91
CA LEU D 223 21.17 1.09 3.83
C LEU D 223 21.58 -0.39 3.89
N MET D 224 21.51 -1.07 2.76
CA MET D 224 21.69 -2.52 2.72
C MET D 224 23.05 -2.94 2.21
N ALA D 225 23.90 -1.98 1.86
CA ALA D 225 25.23 -2.29 1.39
C ALA D 225 26.14 -1.07 1.46
N LYS D 226 27.45 -1.31 1.43
CA LYS D 226 28.42 -0.23 1.35
C LYS D 226 28.18 0.59 0.09
N SER D 227 28.33 1.90 0.22
CA SER D 227 28.01 2.80 -0.87
C SER D 227 29.04 2.65 -1.98
N VAL D 228 28.61 2.97 -3.20
CA VAL D 228 29.52 3.03 -4.33
C VAL D 228 29.76 4.51 -4.63
N LYS D 229 31.01 4.84 -4.93
CA LYS D 229 31.44 6.23 -5.09
C LYS D 229 31.80 6.55 -6.53
N TYR D 230 31.32 7.71 -6.99
CA TYR D 230 31.65 8.27 -8.30
C TYR D 230 32.29 9.64 -8.12
N THR D 231 33.48 9.82 -8.66
CA THR D 231 34.25 11.04 -8.39
C THR D 231 34.41 11.95 -9.61
N VAL D 232 34.15 13.23 -9.40
CA VAL D 232 34.45 14.27 -10.37
C VAL D 232 35.63 15.11 -9.89
N ASN D 233 36.71 15.09 -10.66
CA ASN D 233 37.87 15.93 -10.41
C ASN D 233 37.70 17.26 -11.14
N PHE D 234 37.41 18.32 -10.38
CA PHE D 234 37.11 19.61 -10.99
C PHE D 234 38.33 20.25 -11.65
N LEU D 235 39.53 19.85 -11.24
CA LEU D 235 40.74 20.33 -11.88
C LEU D 235 40.90 19.74 -13.28
N GLU D 236 40.34 18.55 -13.50
CA GLU D 236 40.53 17.81 -14.74
C GLU D 236 39.31 17.77 -15.65
N ALA D 237 38.11 17.79 -15.06
CA ALA D 237 36.89 17.58 -15.81
C ALA D 237 36.56 18.73 -16.76
N LYS D 238 35.90 18.40 -17.86
CA LYS D 238 35.38 19.37 -18.83
C LYS D 238 33.86 19.47 -18.73
N GLU D 239 33.30 20.57 -19.24
CA GLU D 239 31.86 20.76 -19.23
C GLU D 239 31.15 19.55 -19.82
N GLY D 240 31.64 19.13 -20.97
CA GLY D 240 31.03 18.06 -21.73
C GLY D 240 30.94 16.76 -20.97
N ASP D 241 31.82 16.60 -19.98
CA ASP D 241 31.83 15.38 -19.19
C ASP D 241 30.55 15.24 -18.37
N LEU D 242 29.80 16.33 -18.21
CA LEU D 242 28.62 16.31 -17.35
C LEU D 242 27.31 16.36 -18.14
N HIS D 243 27.39 16.23 -19.46
CA HIS D 243 26.19 16.19 -20.29
C HIS D 243 25.53 14.82 -20.24
N ARG D 244 26.37 13.79 -20.14
CA ARG D 244 25.92 12.41 -20.01
C ARG D 244 26.81 11.69 -19.00
N ILE D 245 26.24 11.37 -17.84
CA ILE D 245 27.02 10.76 -16.76
C ILE D 245 26.57 9.32 -16.53
N GLU D 246 27.43 8.37 -16.86
CA GLU D 246 27.12 6.97 -16.65
C GLU D 246 27.88 6.44 -15.43
N ILE D 247 27.12 6.05 -14.42
CA ILE D 247 27.68 5.57 -13.15
C ILE D 247 27.38 4.08 -12.95
N PRO D 248 28.34 3.21 -13.30
CA PRO D 248 28.18 1.77 -13.04
C PRO D 248 28.27 1.45 -11.55
N PHE D 249 27.54 0.43 -11.10
CA PHE D 249 27.66 0.03 -9.70
C PHE D 249 27.54 -1.48 -9.50
N LYS D 250 28.21 -1.97 -8.45
CA LYS D 250 28.10 -3.36 -8.00
C LYS D 250 28.11 -3.41 -6.49
N PHE D 251 26.93 -3.52 -5.90
CA PHE D 251 26.78 -3.57 -4.46
C PHE D 251 26.85 -5.01 -3.95
N HIS D 252 27.60 -5.20 -2.86
CA HIS D 252 27.63 -6.48 -2.16
C HIS D 252 26.70 -6.38 -0.94
N MET D 253 25.55 -7.02 -1.07
CA MET D 253 24.46 -6.89 -0.13
C MET D 253 24.83 -7.39 1.26
N LEU D 254 24.66 -6.53 2.26
CA LEU D 254 25.02 -6.86 3.64
C LEU D 254 23.84 -7.46 4.42
N HIS D 255 22.61 -7.15 3.98
CA HIS D 255 21.42 -7.67 4.64
C HIS D 255 20.44 -8.26 3.63
N SER D 256 19.56 -9.13 4.13
CA SER D 256 18.51 -9.69 3.29
C SER D 256 17.27 -8.82 3.38
N GLY D 257 16.52 -8.74 2.28
CA GLY D 257 15.29 -7.97 2.28
C GLY D 257 14.94 -7.35 0.94
N LEU D 258 13.99 -6.42 1.00
CA LEU D 258 13.53 -5.68 -0.16
C LEU D 258 14.31 -4.39 -0.38
N VAL D 259 14.88 -4.25 -1.57
CA VAL D 259 15.51 -3.01 -1.99
C VAL D 259 14.41 -2.20 -2.67
N HIS D 260 14.12 -1.04 -2.09
CA HIS D 260 13.05 -0.17 -2.58
C HIS D 260 13.61 0.92 -3.50
N GLY D 261 14.93 1.04 -3.52
CA GLY D 261 15.57 2.01 -4.39
C GLY D 261 16.98 2.36 -3.98
N LEU D 262 17.48 3.45 -4.58
CA LEU D 262 18.84 3.89 -4.33
C LEU D 262 18.85 5.24 -3.63
N ALA D 263 19.74 5.37 -2.65
CA ALA D 263 19.94 6.63 -1.97
C ALA D 263 21.23 7.25 -2.46
N PHE D 264 21.18 8.57 -2.61
CA PHE D 264 22.29 9.37 -3.13
C PHE D 264 22.64 10.47 -2.15
N TRP D 265 23.94 10.70 -2.01
CA TRP D 265 24.46 11.89 -1.33
C TRP D 265 25.83 12.24 -1.90
N PHE D 266 26.42 13.34 -1.46
CA PHE D 266 27.72 13.73 -2.00
C PHE D 266 28.65 14.39 -0.98
N ASP D 267 29.95 14.29 -1.23
CA ASP D 267 30.96 15.02 -0.48
C ASP D 267 31.75 15.88 -1.45
N VAL D 268 32.24 17.02 -0.99
CA VAL D 268 33.24 17.76 -1.77
C VAL D 268 34.48 17.94 -0.93
N ALA D 269 35.63 18.01 -1.59
CA ALA D 269 36.88 18.21 -0.86
C ALA D 269 37.63 19.44 -1.34
N PHE D 270 38.06 20.24 -0.38
CA PHE D 270 38.92 21.39 -0.63
C PHE D 270 40.35 20.95 -0.31
N ILE D 271 41.08 20.58 -1.35
CA ILE D 271 42.45 20.09 -1.22
C ILE D 271 43.41 21.26 -1.30
N GLY D 272 43.75 21.83 -0.15
CA GLY D 272 44.65 22.97 -0.10
C GLY D 272 46.07 22.58 0.26
N SER D 273 46.95 23.58 0.28
CA SER D 273 48.37 23.34 0.53
C SER D 273 48.65 22.99 2.00
N ILE D 274 47.86 23.54 2.93
CA ILE D 274 48.09 23.28 4.34
C ILE D 274 47.31 22.05 4.79
N MET D 275 46.08 21.92 4.31
CA MET D 275 45.26 20.75 4.67
C MET D 275 44.07 20.55 3.73
N THR D 276 43.49 19.36 3.80
CA THR D 276 42.31 19.02 3.02
C THR D 276 41.07 19.11 3.90
N VAL D 277 40.08 19.88 3.47
CA VAL D 277 38.83 20.02 4.23
C VAL D 277 37.67 19.40 3.45
N TRP D 278 36.88 18.58 4.12
CA TRP D 278 35.74 17.91 3.49
C TRP D 278 34.41 18.53 3.90
N LEU D 279 33.51 18.67 2.93
CA LEU D 279 32.13 19.02 3.23
C LEU D 279 31.25 17.84 2.82
N SER D 280 30.56 17.26 3.80
CA SER D 280 29.79 16.04 3.61
C SER D 280 28.29 16.23 3.81
N THR D 281 27.50 15.61 2.93
CA THR D 281 26.05 15.60 3.07
C THR D 281 25.55 14.18 3.29
N ALA D 282 26.42 13.33 3.81
CA ALA D 282 26.08 11.94 4.09
C ALA D 282 25.07 11.87 5.24
N PRO D 283 24.28 10.78 5.30
CA PRO D 283 23.31 10.63 6.38
C PRO D 283 23.94 10.36 7.74
N THR D 284 25.24 10.11 7.77
CA THR D 284 25.96 9.92 9.04
C THR D 284 26.38 11.26 9.62
N GLU D 285 26.18 12.33 8.86
CA GLU D 285 26.62 13.66 9.27
C GLU D 285 25.40 14.53 9.56
N PRO D 286 25.60 15.64 10.27
CA PRO D 286 24.48 16.56 10.53
C PRO D 286 23.78 17.00 9.24
N LEU D 287 22.47 17.23 9.35
CA LEU D 287 21.65 17.53 8.18
C LEU D 287 22.00 18.87 7.56
N THR D 288 22.03 18.92 6.23
CA THR D 288 22.23 20.16 5.50
C THR D 288 21.03 20.44 4.62
N HIS D 289 21.04 21.57 3.94
CA HIS D 289 19.94 21.93 3.05
C HIS D 289 19.96 21.12 1.76
N TRP D 290 21.00 20.30 1.58
CA TRP D 290 21.05 19.37 0.47
C TRP D 290 20.32 18.07 0.83
N TYR D 291 20.20 17.83 2.14
CA TYR D 291 19.52 16.62 2.64
C TYR D 291 20.13 15.37 2.00
N GLN D 292 19.29 14.37 1.74
CA GLN D 292 19.68 13.26 0.89
C GLN D 292 18.60 13.00 -0.14
N VAL D 293 18.96 12.28 -1.21
CA VAL D 293 18.02 12.04 -2.29
C VAL D 293 17.84 10.54 -2.52
N ARG D 294 16.59 10.10 -2.61
CA ARG D 294 16.33 8.69 -2.89
C ARG D 294 15.49 8.49 -4.14
N CYS D 295 15.92 7.55 -4.98
CA CYS D 295 15.18 7.19 -6.17
C CYS D 295 14.53 5.82 -5.95
N LEU D 296 13.19 5.83 -5.95
CA LEU D 296 12.38 4.64 -5.74
C LEU D 296 12.22 3.78 -6.97
N PHE D 297 12.19 2.46 -6.75
CA PHE D 297 11.75 1.51 -7.76
C PHE D 297 10.22 1.44 -7.75
N GLN D 298 9.61 1.20 -8.91
CA GLN D 298 8.17 1.03 -8.96
C GLN D 298 7.79 -0.25 -8.24
N SER D 299 8.65 -1.27 -8.39
CA SER D 299 8.51 -2.51 -7.64
C SER D 299 9.86 -2.85 -7.00
N PRO D 300 9.87 -3.15 -5.68
CA PRO D 300 11.13 -3.46 -4.99
C PRO D 300 11.76 -4.79 -5.42
N LEU D 301 13.07 -4.91 -5.21
CA LEU D 301 13.79 -6.14 -5.55
C LEU D 301 14.20 -6.88 -4.29
N PHE D 302 13.94 -8.18 -4.21
CA PHE D 302 14.40 -8.92 -3.04
C PHE D 302 15.82 -9.44 -3.23
N ALA D 303 16.66 -9.25 -2.22
CA ALA D 303 18.01 -9.79 -2.24
C ALA D 303 18.39 -10.28 -0.85
N LYS D 304 19.13 -11.37 -0.76
CA LYS D 304 19.63 -11.82 0.54
C LYS D 304 21.12 -11.48 0.67
N ALA D 305 21.61 -11.45 1.91
CA ALA D 305 23.01 -11.13 2.18
C ALA D 305 23.98 -12.01 1.38
N GLY D 306 24.98 -11.36 0.80
CA GLY D 306 25.99 -12.04 0.00
C GLY D 306 25.73 -11.95 -1.48
N ASP D 307 24.49 -11.62 -1.84
CA ASP D 307 24.13 -11.42 -3.24
C ASP D 307 24.78 -10.13 -3.75
N THR D 308 24.76 -9.96 -5.07
CA THR D 308 25.34 -8.76 -5.68
C THR D 308 24.27 -8.03 -6.47
N LEU D 309 24.17 -6.72 -6.23
CA LEU D 309 23.22 -5.87 -6.93
C LEU D 309 23.96 -5.01 -7.94
N SER D 310 23.73 -5.26 -9.23
CA SER D 310 24.52 -4.60 -10.27
C SER D 310 23.64 -3.83 -11.23
N GLY D 311 24.25 -2.86 -11.90
CA GLY D 311 23.52 -2.05 -12.85
C GLY D 311 24.16 -0.70 -13.06
N THR D 312 23.40 0.18 -13.66
CA THR D 312 23.93 1.49 -14.01
C THR D 312 22.95 2.61 -13.68
N CYS D 313 23.51 3.73 -13.23
CA CYS D 313 22.78 4.97 -13.06
C CYS D 313 23.23 5.97 -14.13
N LEU D 314 22.32 6.29 -15.04
CA LEU D 314 22.60 7.17 -16.17
C LEU D 314 21.91 8.52 -16.04
N LEU D 315 22.70 9.59 -16.08
CA LEU D 315 22.19 10.95 -15.97
C LEU D 315 22.34 11.71 -17.29
N ILE D 316 21.22 12.12 -17.87
CA ILE D 316 21.25 12.90 -19.11
C ILE D 316 20.83 14.33 -18.83
N ALA D 317 21.71 15.28 -19.11
CA ALA D 317 21.42 16.68 -18.84
C ALA D 317 20.35 17.20 -19.80
N ASN D 318 19.44 18.02 -19.28
CA ASN D 318 18.37 18.60 -20.10
C ASN D 318 18.41 20.12 -20.08
N LYS D 319 17.58 20.71 -20.92
CA LYS D 319 17.55 22.16 -21.12
C LYS D 319 16.82 22.90 -20.00
N ARG D 320 16.38 22.17 -18.98
CA ARG D 320 15.75 22.78 -17.81
C ARG D 320 16.74 22.83 -16.64
N GLN D 321 18.03 22.89 -16.95
CA GLN D 321 19.06 23.00 -15.92
C GLN D 321 18.99 21.84 -14.93
N SER D 322 18.71 20.64 -15.42
CA SER D 322 18.60 19.47 -14.56
C SER D 322 18.95 18.20 -15.33
N TYR D 323 18.54 17.05 -14.79
CA TYR D 323 18.88 15.76 -15.38
C TYR D 323 17.68 14.82 -15.51
N ASP D 324 17.68 14.07 -16.60
CA ASP D 324 16.81 12.92 -16.74
C ASP D 324 17.58 11.72 -16.18
N ILE D 325 16.99 11.07 -15.19
CA ILE D 325 17.66 9.95 -14.51
C ILE D 325 17.14 8.60 -14.97
N SER D 326 18.06 7.74 -15.39
CA SER D 326 17.73 6.36 -15.71
C SER D 326 18.48 5.41 -14.77
N ILE D 327 17.77 4.60 -14.01
CA ILE D 327 18.43 3.63 -13.13
C ILE D 327 18.01 2.24 -13.55
N VAL D 328 19.01 1.40 -13.84
CA VAL D 328 18.77 -0.01 -14.07
C VAL D 328 19.60 -0.80 -13.09
N ALA D 329 18.94 -1.75 -12.42
CA ALA D 329 19.58 -2.57 -11.40
C ALA D 329 19.04 -4.00 -11.43
N GLN D 330 19.91 -4.96 -11.15
CA GLN D 330 19.53 -6.36 -11.14
C GLN D 330 20.23 -7.12 -10.02
N VAL D 331 19.52 -8.08 -9.44
CA VAL D 331 20.13 -9.04 -8.53
C VAL D 331 20.76 -10.14 -9.40
N ASP D 332 22.09 -10.16 -9.43
CA ASP D 332 22.81 -11.01 -10.36
C ASP D 332 22.49 -12.51 -10.20
N GLN D 333 22.35 -12.97 -8.97
CA GLN D 333 22.17 -14.40 -8.70
C GLN D 333 20.80 -14.92 -9.12
N THR D 334 19.82 -14.04 -9.24
CA THR D 334 18.45 -14.45 -9.53
C THR D 334 17.92 -13.87 -10.84
N GLY D 335 18.54 -12.78 -11.30
CA GLY D 335 18.11 -12.13 -12.53
C GLY D 335 16.94 -11.18 -12.34
N SER D 336 16.58 -10.92 -11.09
CA SER D 336 15.54 -9.95 -10.80
C SER D 336 16.04 -8.57 -11.21
N LYS D 337 15.36 -7.99 -12.20
CA LYS D 337 15.77 -6.75 -12.84
C LYS D 337 14.77 -5.63 -12.62
N SER D 338 15.29 -4.41 -12.54
CA SER D 338 14.44 -3.24 -12.44
C SER D 338 15.03 -2.14 -13.28
N SER D 339 14.13 -1.36 -13.90
CA SER D 339 14.53 -0.24 -14.72
C SER D 339 13.67 0.88 -14.20
N ASN D 340 14.20 2.10 -14.17
CA ASN D 340 13.43 3.21 -13.65
C ASN D 340 13.87 4.54 -14.25
N LEU D 341 12.91 5.45 -14.36
CA LEU D 341 13.15 6.78 -14.88
C LEU D 341 12.69 7.86 -13.90
N LEU D 342 13.54 8.83 -13.61
CA LEU D 342 13.17 9.89 -12.67
C LEU D 342 13.45 11.27 -13.26
N ASP D 343 12.63 12.23 -12.84
CA ASP D 343 12.75 13.62 -13.27
C ASP D 343 13.26 14.46 -12.10
N LEU D 344 14.55 14.79 -12.12
CA LEU D 344 15.18 15.48 -11.02
C LEU D 344 14.64 16.90 -10.86
N LYS D 345 14.02 17.42 -11.92
CA LYS D 345 13.48 18.77 -11.90
C LYS D 345 12.24 18.85 -10.99
N ASN D 346 11.61 17.71 -10.74
CA ASN D 346 10.36 17.69 -9.97
C ASN D 346 10.49 16.80 -8.74
N PRO D 347 11.25 17.28 -7.73
CA PRO D 347 11.46 16.45 -6.53
C PRO D 347 10.27 16.47 -5.56
N PHE D 348 10.26 15.51 -4.65
CA PHE D 348 9.26 15.47 -3.57
C PHE D 348 9.92 15.73 -2.23
N PHE D 349 9.66 16.91 -1.67
CA PHE D 349 10.22 17.28 -0.37
C PHE D 349 9.32 16.80 0.78
N ARG D 350 9.67 15.69 1.43
CA ARG D 350 8.80 15.17 2.49
C ARG D 350 9.38 15.45 3.87
C1 LHD E . -1.22 -33.97 -11.08
C2 LHD E . -0.83 -33.11 -10.03
C3 LHD E . -0.54 -31.80 -10.36
N1 LHD E . -0.60 -31.25 -11.59
C4 LHD E . -0.96 -32.16 -12.50
N2 LHD E . -1.26 -33.45 -12.32
N3 LHD E . -0.19 -31.19 -9.19
C5 LHD E . -0.27 -32.15 -8.21
N4 LHD E . -0.65 -33.33 -8.67
C6 LHD E . 0.18 -29.78 -8.99
O1 LHD E . 1.57 -29.74 -8.67
C7 LHD E . 1.81 -28.73 -7.66
C8 LHD E . 0.47 -28.03 -7.45
C9 LHD E . -0.55 -29.10 -7.83
O2 LHD E . -1.78 -28.54 -8.25
O3 LHD E . 0.36 -26.86 -8.25
N5 LHD E . 4.01 -29.33 -4.54
C10 LHD E . 5.07 -28.58 -3.80
C11 LHD E . 4.37 -27.88 -2.68
N6 LHD E . -1.55 -35.26 -10.91
C12 LHD E . 3.89 -26.53 -2.77
N7 LHD E . 3.23 -25.94 -1.77
C13 LHD E . 3.00 -26.60 -0.61
N8 LHD E . 3.46 -27.92 -0.49
C14 LHD E . 4.13 -28.51 -1.52
N9 LHD E . 4.11 -25.83 -3.89
C15 LHD E . 3.20 -28.74 0.70
O4 LHD E . 3.69 -28.15 1.88
C16 LHD E . 5.02 -27.68 1.79
O5 LHD E . 2.39 -26.09 0.33
C17 LHD E . 2.40 -29.39 -6.44
C18 LHD E . 3.44 -28.57 -5.69
H1 LHD E . -1.02 -31.81 -13.52
H2 LHD E . -0.03 -31.96 -7.18
H3 LHD E . 0.05 -29.28 -9.94
H4 LHD E . 2.53 -28.05 -8.13
H5 LHD E . 0.35 -27.75 -6.39
H6 LHD E . -0.75 -29.79 -7.01
H7 LHD E . -2.46 -28.69 -7.55
H8 LHD E . 0.28 -26.10 -7.61
H26 LHD E . 4.40 -30.21 -4.88
H9 LHD E . 3.28 -29.59 -3.89
H10 LHD E . 5.61 -27.91 -4.47
H11 LHD E . 5.83 -29.27 -3.43
H12 LHD E . -1.54 -35.69 -9.98
H13 LHD E . -1.82 -35.83 -11.70
H14 LHD E . 4.47 -29.53 -1.35
H16 LHD E . 5.06 -25.72 -4.26
H15 LHD E . 3.39 -25.69 -4.58
H18 LHD E . 2.15 -29.00 0.75
H17 LHD E . 3.73 -29.69 0.58
H20 LHD E . 5.52 -28.07 2.67
H19 LHD E . 5.02 -26.58 1.83
H21 LHD E . 5.57 -27.98 0.89
H22 LHD E . 2.78 -30.37 -6.72
H23 LHD E . 1.61 -29.61 -5.74
H25 LHD E . 3.01 -27.63 -5.33
H24 LHD E . 4.24 -28.27 -6.36
C1 PEG F . 8.23 -20.14 7.43
O1 PEG F . 8.93 -19.29 8.29
C2 PEG F . 9.24 -21.05 6.72
O2 PEG F . 10.08 -20.26 5.93
C3 PEG F . 9.57 -20.00 4.65
C4 PEG F . 10.44 -18.94 3.98
O4 PEG F . 9.66 -17.78 3.81
H11 PEG F . 7.60 -20.68 7.93
H12 PEG F . 7.75 -19.61 6.76
HO1 PEG F . 8.39 -18.94 8.84
H21 PEG F . 9.76 -21.52 7.38
H22 PEG F . 8.78 -21.68 6.16
H31 PEG F . 8.65 -19.67 4.73
H32 PEG F . 9.58 -20.82 4.13
H41 PEG F . 11.21 -18.75 4.53
H42 PEG F . 10.72 -19.26 3.11
HO4 PEG F . 10.12 -17.20 3.39
C1 EDO G . 21.36 -15.61 -14.24
O1 EDO G . 20.05 -15.98 -13.88
C2 EDO G . 22.32 -16.67 -13.69
O2 EDO G . 23.04 -17.20 -14.76
H11 EDO G . 21.56 -14.75 -13.84
H12 EDO G . 21.43 -15.57 -15.20
HO1 EDO G . 19.51 -15.37 -14.13
H21 EDO G . 21.81 -17.37 -13.25
H22 EDO G . 22.93 -16.26 -13.05
HO2 EDO G . 23.62 -17.76 -14.47
C1 EDO H . -1.05 -29.94 1.29
O1 EDO H . -0.15 -29.14 2.03
C2 EDO H . -2.37 -29.20 1.18
O2 EDO H . -3.29 -30.01 0.49
H11 EDO H . -1.18 -30.79 1.74
H12 EDO H . -0.68 -30.10 0.40
HO1 EDO H . 0.56 -29.58 2.19
H21 EDO H . -2.24 -28.37 0.68
H22 EDO H . -2.71 -29.00 2.06
HO2 EDO H . -4.01 -29.59 0.39
C4 DXE I . 26.27 -33.77 0.81
O2 DXE I . 25.04 -34.38 0.53
C3 DXE I . 24.03 -34.14 1.48
C2 DXE I . 23.45 -32.74 1.27
O1 DXE I . 23.34 -32.09 2.49
C1 DXE I . 22.71 -30.84 2.40
H41 DXE I . 26.56 -34.02 1.71
H42 DXE I . 26.93 -34.07 0.17
H43 DXE I . 26.18 -32.81 0.76
H31 DXE I . 23.34 -34.79 1.38
H32 DXE I . 24.41 -34.19 2.37
H21 DXE I . 24.03 -32.23 0.69
H22 DXE I . 22.57 -32.81 0.85
H11 DXE I . 23.25 -30.23 1.87
H12 DXE I . 22.59 -30.47 3.30
H13 DXE I . 21.83 -30.95 1.99
C1 LHD J . -26.81 -31.87 9.68
C2 LHD J . -25.69 -31.18 10.21
C3 LHD J . -25.17 -31.67 11.39
N1 LHD J . -25.61 -32.71 12.10
C4 LHD J . -26.66 -33.27 11.51
N2 LHD J . -27.27 -32.93 10.37
N3 LHD J . -24.12 -30.82 11.70
C5 LHD J . -24.07 -29.91 10.70
N4 LHD J . -24.99 -30.07 9.76
C6 LHD J . -23.28 -30.89 12.89
O1 LHD J . -23.57 -29.76 13.70
C7 LHD J . -22.35 -29.22 14.26
C8 LHD J . -21.23 -30.17 13.86
C9 LHD J . -21.77 -30.84 12.59
O2 LHD J . -21.25 -32.16 12.45
O3 LHD J . -20.96 -31.12 14.89
N5 LHD J . -21.83 -25.45 14.66
C10 LHD J . -21.54 -24.60 15.84
C11 LHD J . -20.09 -24.27 15.70
N6 LHD J . -27.41 -31.53 8.53
C12 LHD J . -18.99 -25.04 16.21
N7 LHD J . -17.72 -24.76 15.88
C13 LHD J . -17.43 -23.71 15.08
N8 LHD J . -18.48 -22.91 14.63
C14 LHD J . -19.76 -23.23 14.93
N9 LHD J . -19.22 -26.02 17.08
C15 LHD J . -18.38 -21.65 13.90
O4 LHD J . -17.05 -21.30 13.63
C16 LHD J . -16.84 -20.88 12.31
O5 LHD J . -16.29 -23.47 14.70
C17 LHD J . -22.19 -27.79 13.81
C18 LHD J . -22.12 -26.87 15.03
H1 LHD J . -27.09 -34.15 12.01
H2 LHD J . -23.33 -29.11 10.67
H3 LHD J . -23.56 -31.77 13.45
H4 LHD J . -22.53 -29.26 15.33
H5 LHD J . -20.33 -29.61 13.63
H6 LHD J . -21.55 -30.27 11.69
H7 LHD J . -20.51 -32.13 11.78
H8 LHD J . -20.00 -31.00 15.13
H26 LHD J . -21.04 -25.41 14.02
H9 LHD J . -22.61 -25.06 14.15
H10 LHD J . -21.79 -25.12 16.77
H11 LHD J . -22.17 -23.71 15.83
H12 LHD J . -27.09 -30.75 7.97
H13 LHD J . -28.21 -32.06 8.20
H14 LHD J . -20.54 -22.57 14.52
H16 LHD J . -19.03 -26.99 16.86
H15 LHD J . -19.88 -25.92 17.84
H18 LHD J . -19.01 -21.69 13.01
H17 LHD J . -18.81 -20.86 14.51
H20 LHD J . -17.10 -19.82 12.31
H19 LHD J . -17.52 -21.41 11.64
H21 LHD J . -15.83 -20.99 11.93
H22 LHD J . -22.96 -27.51 13.11
H23 LHD J . -21.26 -27.68 13.24
H25 LHD J . -21.38 -27.22 15.74
H24 LHD J . -23.07 -26.91 15.56
C1 EDO K . -23.31 -14.60 37.37
O1 EDO K . -23.32 -14.13 36.06
C2 EDO K . -23.83 -16.03 37.39
O2 EDO K . -25.20 -15.99 37.69
H11 EDO K . -23.87 -14.04 37.93
H12 EDO K . -22.40 -14.58 37.72
HO1 EDO K . -22.95 -13.36 36.03
H21 EDO K . -23.36 -16.55 38.06
H22 EDO K . -23.71 -16.44 36.51
HO2 EDO K . -25.50 -16.79 37.78
C1 EDO L . -15.96 -26.85 8.47
O1 EDO L . -15.59 -25.55 8.87
C2 EDO L . -15.82 -26.95 6.94
O2 EDO L . -14.58 -27.53 6.67
H11 EDO L . -15.40 -27.50 8.89
H12 EDO L . -16.89 -27.00 8.71
HO1 EDO L . -15.77 -25.45 9.70
H21 EDO L . -16.53 -27.51 6.59
H22 EDO L . -15.86 -26.07 6.55
HO2 EDO L . -14.45 -27.55 5.83
C1 EDO M . -42.72 -13.82 10.57
O1 EDO M . -44.08 -13.49 10.44
C2 EDO M . -42.34 -13.71 12.05
O2 EDO M . -41.86 -12.43 12.32
H11 EDO M . -42.19 -13.18 10.06
H12 EDO M . -42.57 -14.72 10.25
HO1 EDO M . -44.32 -13.61 9.63
H21 EDO M . -41.65 -14.36 12.25
H22 EDO M . -43.12 -13.89 12.60
HO2 EDO M . -41.58 -12.39 13.12
C1 PG6 N . -30.05 -43.20 5.53
O1 PG6 N . -29.14 -42.26 5.00
C2 PG6 N . -29.24 -42.04 3.62
C3 PG6 N . -30.62 -41.45 3.36
O2 PG6 N . -30.65 -40.81 2.14
C4 PG6 N . -31.40 -39.63 2.12
C5 PG6 N . -32.70 -39.82 1.34
O3 PG6 N . -33.75 -39.81 2.26
C6 PG6 N . -34.13 -38.55 2.73
C7 PG6 N . -35.50 -38.68 3.40
O4 PG6 N . -35.30 -39.05 4.73
C8 PG6 N . -36.28 -38.63 5.62
C9 PG6 N . -36.74 -39.83 6.46
O5 PG6 N . -37.76 -39.36 7.30
C10 PG6 N . -38.90 -40.18 7.41
C11 PG6 N . -40.12 -39.27 7.57
O6 PG6 N . -39.72 -38.09 8.21
C12 PG6 N . -40.71 -37.09 8.23
H11 PG6 N . -30.96 -42.90 5.38
H12 PG6 N . -29.90 -43.30 6.49
H13 PG6 N . -29.92 -44.05 5.09
H21 PG6 N . -29.13 -42.87 3.14
H22 PG6 N . -28.56 -41.40 3.34
H31 PG6 N . -31.27 -42.17 3.37
H32 PG6 N . -30.84 -40.82 4.07
H41 PG6 N . -30.88 -38.93 1.70
H42 PG6 N . -31.61 -39.37 3.03
H51 PG6 N . -32.81 -39.09 0.71
H52 PG6 N . -32.68 -40.66 0.87
H61 PG6 N . -33.49 -38.24 3.38
H62 PG6 N . -34.19 -37.93 1.99
H71 PG6 N . -35.97 -37.84 3.36
H72 PG6 N . -36.03 -39.36 2.95
H81 PG6 N . -35.91 -37.95 6.21
H82 PG6 N . -37.03 -38.26 5.14
H91 PG6 N . -35.99 -40.17 6.98
H92 PG6 N . -37.08 -40.52 5.88
H101 PG6 N . -38.99 -40.72 6.61
H102 PG6 N . -38.81 -40.74 8.19
H111 PG6 N . -40.79 -39.72 8.10
H112 PG6 N . -40.47 -39.05 6.69
H121 PG6 N . -41.44 -37.37 8.79
H122 PG6 N . -41.04 -36.95 7.32
H123 PG6 N . -40.33 -36.26 8.56
C1 PEG O . -25.18 11.57 -8.57
O1 PEG O . -23.84 11.19 -8.74
C2 PEG O . -25.53 11.45 -7.09
O2 PEG O . -25.76 12.73 -6.56
C3 PEG O . -27.00 13.27 -6.89
C4 PEG O . -27.25 14.49 -6.00
O4 PEG O . -28.52 15.01 -6.31
H11 PEG O . -25.75 10.99 -9.09
H12 PEG O . -25.29 12.49 -8.86
HO1 PEG O . -23.75 10.78 -9.48
H21 PEG O . -24.79 11.03 -6.61
H22 PEG O . -26.34 10.91 -6.99
H31 PEG O . -27.70 12.61 -6.74
H32 PEG O . -27.02 13.54 -7.82
H41 PEG O . -27.22 14.24 -5.08
H42 PEG O . -26.57 15.17 -6.19
HO4 PEG O . -29.10 14.38 -6.25
C1 EDO P . -28.49 -7.63 22.15
O1 EDO P . -27.99 -7.88 23.43
C2 EDO P . -29.96 -7.24 22.27
O2 EDO P . -30.25 -7.00 23.62
H11 EDO P . -27.99 -6.91 21.73
H12 EDO P . -28.42 -8.44 21.61
HO1 EDO P . -27.19 -8.15 23.38
H21 EDO P . -30.13 -6.43 21.76
H22 EDO P . -30.53 -7.95 21.94
HO2 EDO P . -31.06 -6.74 23.70
C1 LHD Q . -6.66 28.96 -20.68
C2 LHD Q . -6.41 28.52 -19.37
C3 LHD Q . -6.66 27.19 -19.08
N1 LHD Q . -7.11 26.26 -19.94
C4 LHD Q . -7.30 26.78 -21.16
N2 LHD Q . -7.11 28.04 -21.57
N3 LHD Q . -6.37 27.01 -17.76
C5 LHD Q . -5.94 28.24 -17.32
N4 LHD Q . -5.95 29.18 -18.23
C6 LHD Q . -6.52 25.79 -16.98
O1 LHD Q . -7.55 26.00 -16.02
C7 LHD Q . -7.22 25.29 -14.81
C8 LHD Q . -5.95 24.50 -15.10
C9 LHD Q . -5.29 25.38 -16.18
O2 LHD Q . -4.37 24.65 -16.98
O3 LHD Q . -6.25 23.21 -15.61
N5 LHD Q . -7.84 26.96 -11.38
C10 LHD Q . -8.33 26.52 -10.04
C11 LHD Q . -7.14 26.03 -9.27
N6 LHD Q . -6.49 30.22 -21.09
C12 LHD Q . -6.72 24.64 -9.26
N7 LHD Q . -5.63 24.23 -8.58
C13 LHD Q . -4.88 25.11 -7.88
N8 LHD Q . -5.26 26.46 -7.86
C14 LHD Q . -6.36 26.87 -8.55
N9 LHD Q . -7.44 23.74 -9.92
C15 LHD Q . -4.51 27.47 -7.11
O4 LHD Q . -5.22 27.93 -6.00
C16 LHD Q . -5.41 26.95 -5.00
O5 LHD Q . -3.87 24.77 -7.26
C17 LHD Q . -7.14 26.27 -13.66
C18 LHD Q . -7.90 25.89 -12.42
H1 LHD Q . -7.66 26.10 -21.93
H2 LHD Q . -5.62 28.41 -16.29
H3 LHD Q . -6.86 25.01 -17.65
H4 LHD Q . -8.07 24.61 -14.66
H5 LHD Q . -5.32 24.42 -14.23
H6 LHD Q . -4.76 26.22 -15.74
H7 LHD Q . -3.45 24.96 -16.78
H8 LHD Q . -6.05 22.58 -14.88
H26 LHD Q . -8.39 27.76 -11.68
H9 LHD Q . -6.89 27.29 -11.29
H10 LHD Q . -9.10 25.77 -10.13
H11 LHD Q . -8.80 27.36 -9.52
H12 LHD Q . -6.16 30.95 -20.46
H13 LHD Q . -6.68 30.48 -22.05
H14 LHD Q . -6.59 27.93 -8.50
H16 LHD Q . -7.06 23.26 -10.73
H15 LHD Q . -8.45 23.73 -9.88
H18 LHD Q . -3.51 27.10 -6.88
H17 LHD Q . -4.35 28.32 -7.77
H20 LHD Q . -6.32 26.44 -5.28
H19 LHD Q . -5.54 27.42 -4.03
H21 LHD Q . -4.61 26.20 -4.92
H22 LHD Q . -7.40 27.27 -14.02
H23 LHD Q . -6.10 26.38 -13.37
H25 LHD Q . -7.54 24.95 -11.99
H24 LHD Q . -8.95 25.71 -12.66
C1 PEG R . -7.42 18.14 1.77
O1 PEG R . -6.12 18.23 2.29
C2 PEG R . -7.79 19.49 1.16
O2 PEG R . -8.07 20.41 2.18
C3 PEG R . -7.24 21.54 2.26
C4 PEG R . -6.31 21.36 3.45
O4 PEG R . -5.27 22.28 3.34
H11 PEG R . -8.04 17.92 2.49
H12 PEG R . -7.46 17.45 1.09
HO1 PEG R . -5.77 17.46 2.31
H21 PEG R . -7.06 19.82 0.63
H22 PEG R . -8.59 19.38 0.60
H31 PEG R . -6.72 21.61 1.44
H32 PEG R . -7.78 22.34 2.38
H41 PEG R . -6.80 21.52 4.28
H42 PEG R . -5.95 20.46 3.45
HO4 PEG R . -4.84 22.32 4.07
C1 PEG S . -31.16 32.33 -13.73
O1 PEG S . -30.85 31.70 -14.94
C2 PEG S . -32.42 31.68 -13.18
O2 PEG S . -32.76 32.15 -11.90
C3 PEG S . -32.56 33.51 -11.60
C4 PEG S . -33.38 34.39 -12.54
O4 PEG S . -32.58 35.49 -12.89
H11 PEG S . -31.32 33.27 -13.88
H12 PEG S . -30.42 32.20 -13.10
HO1 PEG S . -30.06 31.91 -15.18
H21 PEG S . -33.16 31.86 -13.79
H22 PEG S . -32.30 30.71 -13.13
H31 PEG S . -32.83 33.68 -10.68
H32 PEG S . -31.62 33.73 -11.69
H41 PEG S . -33.62 33.90 -13.34
H42 PEG S . -34.19 34.70 -12.08
HO4 PEG S . -33.07 36.15 -13.08
C1 EDO T . 1.02 27.58 -8.27
O1 EDO T . 1.18 28.11 -6.97
C2 EDO T . 0.28 28.58 -9.15
O2 EDO T . 0.78 28.49 -10.45
H11 EDO T . 1.89 27.40 -8.66
H12 EDO T . 0.51 26.75 -8.22
HO1 EDO T . 1.54 27.51 -6.48
H21 EDO T . -0.68 28.38 -9.15
H22 EDO T . 0.41 29.48 -8.80
HO2 EDO T . 0.34 29.00 -10.97
C1 EDO U . -22.94 33.59 1.07
O1 EDO U . -24.26 34.00 1.31
C2 EDO U . -22.30 33.23 2.41
O2 EDO U . -21.87 31.90 2.36
H11 EDO U . -22.44 34.30 0.65
H12 EDO U . -22.94 32.80 0.50
HO1 EDO U . -24.62 34.22 0.56
H21 EDO U . -21.55 33.82 2.59
H22 EDO U . -22.96 33.32 3.13
HO2 EDO U . -21.45 31.70 3.08
C1 LHD V . 26.13 31.32 -13.81
C2 LHD V . 25.45 30.92 -12.64
C3 LHD V . 25.50 31.78 -11.56
N1 LHD V . 26.12 32.97 -11.52
C4 LHD V . 26.73 33.24 -12.68
N2 LHD V . 26.77 32.51 -13.80
N3 LHD V . 24.79 31.18 -10.56
C5 LHD V . 24.34 29.99 -11.09
N4 LHD V . 24.72 29.79 -12.33
C6 LHD V . 24.54 31.69 -9.22
O1 LHD V . 25.30 30.93 -8.30
C7 LHD V . 24.51 30.61 -7.14
C8 LHD V . 23.24 31.45 -7.25
C9 LHD V . 23.09 31.59 -8.76
O2 LHD V . 22.36 32.76 -9.13
O3 LHD V . 23.41 32.72 -6.61
N5 LHD V . 24.02 27.06 -5.68
C10 LHD V . 24.13 26.43 -4.33
C11 LHD V . 22.76 26.36 -3.75
N6 LHD V . 26.18 30.58 -14.93
C12 LHD V . 22.20 27.42 -2.92
N7 LHD V . 20.95 27.35 -2.45
C13 LHD V . 20.16 26.29 -2.71
N8 LHD V . 20.66 25.24 -3.48
C14 LHD V . 21.94 25.32 -3.97
N9 LHD V . 22.94 28.49 -2.63
C15 LHD V . 19.87 24.05 -3.80
O4 LHD V . 20.15 22.98 -2.94
C16 LHD V . 20.13 23.33 -1.57
O5 LHD V . 18.99 26.22 -2.29
C17 LHD V . 24.29 29.12 -7.07
C18 LHD V . 24.53 28.47 -5.72
H1 LHD V . 27.26 34.18 -12.74
H2 LHD V . 23.74 29.29 -10.52
H3 LHD V . 24.92 32.71 -9.18
H4 LHD V . 25.13 30.94 -6.30
H5 LHD V . 22.40 30.93 -6.82
H6 LHD V . 22.58 30.73 -9.20
H7 LHD V . 21.52 32.49 -9.60
H8 LHD V . 24.33 33.01 -6.80
H26 LHD V . 24.52 26.50 -6.35
H9 LHD V . 23.05 27.04 -5.97
H10 LHD V . 24.84 26.97 -3.71
H11 LHD V . 24.56 25.43 -4.43
H12 LHD V . 26.68 30.90 -15.75
H13 LHD V . 25.72 29.68 -14.98
H14 LHD V . 22.27 24.46 -4.57
H16 LHD V . 22.51 29.37 -2.39
H15 LHD V . 23.90 28.57 -2.95
H18 LHD V . 18.82 24.32 -3.84
H17 LHD V . 20.13 23.74 -4.81
H20 LHD V . 19.22 23.92 -1.45
H19 LHD V . 20.05 22.44 -0.97
H21 LHD V . 20.98 23.91 -1.22
H22 LHD V . 24.85 28.64 -7.87
H23 LHD V . 23.25 28.90 -7.36
H25 LHD V . 24.07 29.05 -4.92
H24 LHD V . 25.59 28.46 -5.49
C1 EDO W . 15.86 26.47 -7.84
O1 EDO W . 15.85 26.64 -9.23
C2 EDO W . 16.79 25.30 -7.51
O2 EDO W . 16.36 24.72 -6.31
H11 EDO W . 16.17 27.27 -7.42
H12 EDO W . 14.96 26.26 -7.54
HO1 EDO W . 15.36 27.31 -9.43
H21 EDO W . 17.70 25.63 -7.40
H22 EDO W . 16.76 24.64 -8.22
HO2 EDO W . 16.88 24.08 -6.09
C1 EDO X . 10.79 23.18 -1.18
O1 EDO X . 10.14 24.39 -1.44
C2 EDO X . 11.78 23.38 -0.04
O2 EDO X . 13.07 23.51 -0.60
H11 EDO X . 10.13 22.51 -0.92
H12 EDO X . 11.25 22.88 -1.97
HO1 EDO X . 9.53 24.27 -2.00
H21 EDO X . 11.77 22.62 0.56
H22 EDO X . 11.56 24.19 0.46
HO2 EDO X . 13.64 23.54 0.03
C1 EDO Y . 33.84 12.04 4.03
O1 EDO Y . 34.30 12.64 5.20
C2 EDO Y . 34.99 11.88 3.04
O2 EDO Y . 36.15 11.52 3.75
H11 EDO Y . 33.46 11.17 4.23
H12 EDO Y . 33.15 12.60 3.63
HO1 EDO Y . 33.66 12.79 5.72
H21 EDO Y . 34.78 11.20 2.39
H22 EDO Y . 35.15 12.73 2.58
HO2 EDO Y . 36.79 11.37 3.20
#